data_1OHO
# 
_entry.id   1OHO 
# 
_audit_conform.dict_name       mmcif_pdbx.dic 
_audit_conform.dict_version    5.391 
_audit_conform.dict_location   http://mmcif.pdb.org/dictionaries/ascii/mmcif_pdbx.dic 
# 
loop_
_database_2.database_id 
_database_2.database_code 
_database_2.pdbx_database_accession 
_database_2.pdbx_DOI 
PDB   1OHO         pdb_00001oho 10.2210/pdb1oho/pdb 
PDBE  EBI-12803    ?            ?                   
WWPDB D_1290012803 ?            ?                   
# 
loop_
_pdbx_audit_revision_history.ordinal 
_pdbx_audit_revision_history.data_content_type 
_pdbx_audit_revision_history.major_revision 
_pdbx_audit_revision_history.minor_revision 
_pdbx_audit_revision_history.revision_date 
1 'Structure model' 1 0 2005-03-31 
2 'Structure model' 1 1 2011-05-08 
3 'Structure model' 1 2 2011-07-13 
4 'Structure model' 1 3 2024-05-08 
# 
_pdbx_audit_revision_details.ordinal             1 
_pdbx_audit_revision_details.revision_ordinal    1 
_pdbx_audit_revision_details.data_content_type   'Structure model' 
_pdbx_audit_revision_details.provider            repository 
_pdbx_audit_revision_details.type                'Initial release' 
_pdbx_audit_revision_details.description         ? 
_pdbx_audit_revision_details.details             ? 
# 
loop_
_pdbx_audit_revision_group.ordinal 
_pdbx_audit_revision_group.revision_ordinal 
_pdbx_audit_revision_group.data_content_type 
_pdbx_audit_revision_group.group 
1 2 'Structure model' 'Version format compliance' 
2 3 'Structure model' 'Version format compliance' 
3 4 'Structure model' 'Data collection'           
4 4 'Structure model' 'Database references'       
# 
loop_
_pdbx_audit_revision_category.ordinal 
_pdbx_audit_revision_category.revision_ordinal 
_pdbx_audit_revision_category.data_content_type 
_pdbx_audit_revision_category.category 
1 4 'Structure model' chem_comp_atom 
2 4 'Structure model' chem_comp_bond 
3 4 'Structure model' database_2     
# 
loop_
_pdbx_audit_revision_item.ordinal 
_pdbx_audit_revision_item.revision_ordinal 
_pdbx_audit_revision_item.data_content_type 
_pdbx_audit_revision_item.item 
1 4 'Structure model' '_database_2.pdbx_DOI'                
2 4 'Structure model' '_database_2.pdbx_database_accession' 
# 
_pdbx_database_status.status_code                     REL 
_pdbx_database_status.entry_id                        1OHO 
_pdbx_database_status.deposit_site                    PDBE 
_pdbx_database_status.process_site                    PDBE 
_pdbx_database_status.SG_entry                        . 
_pdbx_database_status.recvd_initial_deposition_date   2003-05-29 
_pdbx_database_status.pdb_format_compatible           Y 
_pdbx_database_status.status_code_sf                  ? 
_pdbx_database_status.status_code_mr                  ? 
_pdbx_database_status.status_code_cs                  ? 
_pdbx_database_status.methods_development_category    ? 
_pdbx_database_status.status_code_nmr_data            ? 
# 
loop_
_pdbx_database_related.db_name 
_pdbx_database_related.db_id 
_pdbx_database_related.content_type 
_pdbx_database_related.details 
PDB 1C7H unspecified 'CRYSTAL STRUCTURE OF A MUTANT R75A IN KETOSTEROID ISOMERASE FROM PSEDOMONAS PUTIDA BIOTYPE B' 
PDB 1CQS unspecified 'CRYSTAL STRUCTURE OF D103E MUTANT WITH EQUILENINEOF KSI INPSEUDOMONAS PUTIDA' 
PDB 1DMM unspecified 'CRYSTAL STRUCTURES OF MUTANT ENZYMES Y57F OF KETOSTEROID ISOMERASE FROM PSEUDOMONAS PUTIDA BIOTYPE B' 
PDB 1DMN unspecified 'CRYSTAL STRUCTURE OF MUTANT ENZYME Y32F/Y57F OF KETOSTEROID ISOMERASE FROM PSEUDOMONAS PUTIDA BIOTYPE B' 
PDB 1DMQ unspecified 'CRYSTAL STRUCTURE OF MUTANT ENZYME Y32F OF KETOSTEROID ISOMERASE FROM PSEUDOMONAS PUTIDA BIOTYPE B' 
PDB 1E3R unspecified 
;CRYSTAL STRUCTURE OF KETOSTEROID ISOMERASE MUTANT D40N (D38N TI NUMBERING) FROM PSEUDOMONAS PUTIDA COMPLEXED WITH ANDROSTEN- 3BETA-OL-17-ONE
;
PDB 1E3V unspecified 'CRYSTAL STRUCTURE OF KETOSTEROID ISOMERASE FROM PSEDOMONAS PUTIDA COMPLEXED WITH DEOXYCHOLATE' 
PDB 1E97 unspecified 'CRYSTAL STRUCTURE OF KETOSTEROID ISOMERASE FROM PSEUDOMONAS PUTIDA ; TRIPLE MUTANT Y16F/ Y32F/Y57F' 
PDB 1EA2 unspecified 
;PSEUDOREVERSION OF THE CATALYTIC ACTIVITY OF Y14F BY THE ADDITIONAL TYROSIN- TO - PHENYLALANINE SUBSTITUTION(S) IN THE HYDROGEN BOND NETWORK OF %D5-3-KETOSTEROID ISOMERASE FROM PHEUDOMONAS PUTIDA BIOTYPE B
;
PDB 1GS3 unspecified 
;HIGH RESOLUTION CRYSTAL STRUCTURE OF PI DELTA-5-3-KETOSTEROID ISOMERASE MUTANTS Y30F /Y55F/Y115F/D38N (Y32F/Y57F/Y119F/D40N, PI NUMBERING)COMPLEXED WITH EQUILENIN AT 2. 1 A RESOLUTION
;
PDB 1K41 unspecified 'CRYSTAL STRUCTURE OF KSI Y57S MUTANT' 
PDB 1OGX unspecified 
;HIGH RESOLUTION CRYSTAL STRUCTURE OF KETOSTEROID ISOMERASE MUTANT D40N(D38N, TI NUMBERING) COMPLEXED WITH EQUILENIN AT 2.0 A RESOLUTION.
;
PDB 1OH0 unspecified 'CRYSTAL STRUCTURE OF KETOSTEROID ISOMERASE COMPLEXED WITH EQUILENIN' 
PDB 1OPY unspecified KSI 
PDB 1VZZ unspecified 'CRYSTAL STRUCTURE OF MUTANT ENZYME Y32F/ D103L OF KETOSTEROID ISOMERASE FROM PSEUDOMONAS PUTIDA BIOTYPE B' 
PDB 1W00 unspecified 'CRYSTAL STRUCTURE OF MUTANT ENZYME Y32F OF KETOSTEROID ISOMERASE FROM PSEUDOMONAS PUTIDA BIOTYPE B' 
PDB 1W01 unspecified 'CRYSTAL STRUCTURES OF MUTANT ENZYMES Y57F/ D103L OF KETOSTEROID ISOMERASE FROM PSEUDOMONAS PUTIDA BIOTYPE B' 
PDB 1W02 unspecified 'CRYSTAL STRUCTURE OF MUTANT ENZYME Y16F/ D103L OF KETOSTEROID ISOMERASE FROM PSEUDOMONAS PUTIDA BIOTYPE B' 
PDB 1W6Y unspecified 'CRYSTAL STRUCTURE OF A MUTANT W92A IN KETOSTEROID ISOMERASE (KSI) FROM PSEUDOMONAS PUTIDA BIOTYPE B' 
# 
loop_
_audit_author.name 
_audit_author.pdbx_ordinal 
'Kim, M.-S.' 1 
'Byun, M.'   2 
'Oh, B.-H.'  3 
# 
_citation.id                        primary 
_citation.title                     'Crystal Structure of Ketosteroid Isomerase Y16F/D40N Mutant Complexed with Equilenin' 
_citation.journal_abbrev            'To be Published' 
_citation.journal_volume            ? 
_citation.page_first                ? 
_citation.page_last                 ? 
_citation.year                      ? 
_citation.journal_id_ASTM           ? 
_citation.country                   ? 
_citation.journal_id_ISSN           ? 
_citation.journal_id_CSD            0353 
_citation.book_publisher            ? 
_citation.pdbx_database_id_PubMed   ? 
_citation.pdbx_database_id_DOI      ? 
# 
loop_
_citation_author.citation_id 
_citation_author.name 
_citation_author.ordinal 
_citation_author.identifier_ORCID 
primary 'Kim, M.-S.' 1 ? 
primary 'Byun, M.'   2 ? 
primary 'Oh, B.-H.'  3 ? 
# 
loop_
_entity.id 
_entity.type 
_entity.src_method 
_entity.pdbx_description 
_entity.formula_weight 
_entity.pdbx_number_of_molecules 
_entity.pdbx_ec 
_entity.pdbx_mutation 
_entity.pdbx_fragment 
_entity.details 
1 polymer     man 'STEROID DELTA-ISOMERASE' 14531.515 1  5.3.3.1 YES ? ? 
2 non-polymer syn EQUILENIN                 266.334   1  ?       ?   ? ? 
3 water       nat water                     18.015    42 ?       ?   ? ? 
# 
_entity_name_com.entity_id   1 
_entity_name_com.name        'DELTA-5-3-KETOSTEROID, ISOMERASE' 
# 
_entity_poly.entity_id                      1 
_entity_poly.type                           'polypeptide(L)' 
_entity_poly.nstd_linkage                   no 
_entity_poly.nstd_monomer                   no 
_entity_poly.pdbx_seq_one_letter_code       
;MNLPTAQEVQGLMARFIELVDVGDIEAIVQMYADDATVENPFGQPPIHGREQIAAFYRQGLGGGKVRACLTGPVRASHNG
CGAMPFRVEMVWNGQPCALDVIDVMRFDEHGRIQTMQAYWSEVNLSVREPQ
;
_entity_poly.pdbx_seq_one_letter_code_can   
;MNLPTAQEVQGLMARFIELVDVGDIEAIVQMYADDATVENPFGQPPIHGREQIAAFYRQGLGGGKVRACLTGPVRASHNG
CGAMPFRVEMVWNGQPCALDVIDVMRFDEHGRIQTMQAYWSEVNLSVREPQ
;
_entity_poly.pdbx_strand_id                 A 
_entity_poly.pdbx_target_identifier         ? 
# 
loop_
_pdbx_entity_nonpoly.entity_id 
_pdbx_entity_nonpoly.name 
_pdbx_entity_nonpoly.comp_id 
2 EQUILENIN EQU 
3 water     HOH 
# 
loop_
_entity_poly_seq.entity_id 
_entity_poly_seq.num 
_entity_poly_seq.mon_id 
_entity_poly_seq.hetero 
1 1   MET n 
1 2   ASN n 
1 3   LEU n 
1 4   PRO n 
1 5   THR n 
1 6   ALA n 
1 7   GLN n 
1 8   GLU n 
1 9   VAL n 
1 10  GLN n 
1 11  GLY n 
1 12  LEU n 
1 13  MET n 
1 14  ALA n 
1 15  ARG n 
1 16  PHE n 
1 17  ILE n 
1 18  GLU n 
1 19  LEU n 
1 20  VAL n 
1 21  ASP n 
1 22  VAL n 
1 23  GLY n 
1 24  ASP n 
1 25  ILE n 
1 26  GLU n 
1 27  ALA n 
1 28  ILE n 
1 29  VAL n 
1 30  GLN n 
1 31  MET n 
1 32  TYR n 
1 33  ALA n 
1 34  ASP n 
1 35  ASP n 
1 36  ALA n 
1 37  THR n 
1 38  VAL n 
1 39  GLU n 
1 40  ASN n 
1 41  PRO n 
1 42  PHE n 
1 43  GLY n 
1 44  GLN n 
1 45  PRO n 
1 46  PRO n 
1 47  ILE n 
1 48  HIS n 
1 49  GLY n 
1 50  ARG n 
1 51  GLU n 
1 52  GLN n 
1 53  ILE n 
1 54  ALA n 
1 55  ALA n 
1 56  PHE n 
1 57  TYR n 
1 58  ARG n 
1 59  GLN n 
1 60  GLY n 
1 61  LEU n 
1 62  GLY n 
1 63  GLY n 
1 64  GLY n 
1 65  LYS n 
1 66  VAL n 
1 67  ARG n 
1 68  ALA n 
1 69  CYS n 
1 70  LEU n 
1 71  THR n 
1 72  GLY n 
1 73  PRO n 
1 74  VAL n 
1 75  ARG n 
1 76  ALA n 
1 77  SER n 
1 78  HIS n 
1 79  ASN n 
1 80  GLY n 
1 81  CYS n 
1 82  GLY n 
1 83  ALA n 
1 84  MET n 
1 85  PRO n 
1 86  PHE n 
1 87  ARG n 
1 88  VAL n 
1 89  GLU n 
1 90  MET n 
1 91  VAL n 
1 92  TRP n 
1 93  ASN n 
1 94  GLY n 
1 95  GLN n 
1 96  PRO n 
1 97  CYS n 
1 98  ALA n 
1 99  LEU n 
1 100 ASP n 
1 101 VAL n 
1 102 ILE n 
1 103 ASP n 
1 104 VAL n 
1 105 MET n 
1 106 ARG n 
1 107 PHE n 
1 108 ASP n 
1 109 GLU n 
1 110 HIS n 
1 111 GLY n 
1 112 ARG n 
1 113 ILE n 
1 114 GLN n 
1 115 THR n 
1 116 MET n 
1 117 GLN n 
1 118 ALA n 
1 119 TYR n 
1 120 TRP n 
1 121 SER n 
1 122 GLU n 
1 123 VAL n 
1 124 ASN n 
1 125 LEU n 
1 126 SER n 
1 127 VAL n 
1 128 ARG n 
1 129 GLU n 
1 130 PRO n 
1 131 GLN n 
# 
_entity_src_gen.entity_id                          1 
_entity_src_gen.pdbx_src_id                        1 
_entity_src_gen.pdbx_alt_source_flag               sample 
_entity_src_gen.pdbx_seq_type                      ? 
_entity_src_gen.pdbx_beg_seq_num                   ? 
_entity_src_gen.pdbx_end_seq_num                   ? 
_entity_src_gen.gene_src_common_name               ? 
_entity_src_gen.gene_src_genus                     ? 
_entity_src_gen.pdbx_gene_src_gene                 ? 
_entity_src_gen.gene_src_species                   ? 
_entity_src_gen.gene_src_strain                    ? 
_entity_src_gen.gene_src_tissue                    ? 
_entity_src_gen.gene_src_tissue_fraction           ? 
_entity_src_gen.gene_src_details                   ? 
_entity_src_gen.pdbx_gene_src_fragment             ? 
_entity_src_gen.pdbx_gene_src_scientific_name      'PSEUDOMONAS PUTIDA' 
_entity_src_gen.pdbx_gene_src_ncbi_taxonomy_id     303 
_entity_src_gen.pdbx_gene_src_variant              ? 
_entity_src_gen.pdbx_gene_src_cell_line            ? 
_entity_src_gen.pdbx_gene_src_atcc                 ? 
_entity_src_gen.pdbx_gene_src_organ                ? 
_entity_src_gen.pdbx_gene_src_organelle            ? 
_entity_src_gen.pdbx_gene_src_cell                 ? 
_entity_src_gen.pdbx_gene_src_cellular_location    ? 
_entity_src_gen.host_org_common_name               ? 
_entity_src_gen.pdbx_host_org_scientific_name      'ESCHERICHIA COLI' 
_entity_src_gen.pdbx_host_org_ncbi_taxonomy_id     469008 
_entity_src_gen.host_org_genus                     ? 
_entity_src_gen.pdbx_host_org_gene                 ? 
_entity_src_gen.pdbx_host_org_organ                ? 
_entity_src_gen.host_org_species                   ? 
_entity_src_gen.pdbx_host_org_tissue               ? 
_entity_src_gen.pdbx_host_org_tissue_fraction      ? 
_entity_src_gen.pdbx_host_org_strain               'BL21(DE3)' 
_entity_src_gen.pdbx_host_org_variant              ? 
_entity_src_gen.pdbx_host_org_cell_line            ? 
_entity_src_gen.pdbx_host_org_atcc                 ? 
_entity_src_gen.pdbx_host_org_culture_collection   ? 
_entity_src_gen.pdbx_host_org_cell                 ? 
_entity_src_gen.pdbx_host_org_organelle            ? 
_entity_src_gen.pdbx_host_org_cellular_location    ? 
_entity_src_gen.pdbx_host_org_vector_type          ? 
_entity_src_gen.pdbx_host_org_vector               ? 
_entity_src_gen.host_org_details                   ? 
_entity_src_gen.expression_system_id               ? 
_entity_src_gen.plasmid_name                       ? 
_entity_src_gen.plasmid_details                    ? 
_entity_src_gen.pdbx_description                   ? 
# 
loop_
_chem_comp.id 
_chem_comp.type 
_chem_comp.mon_nstd_flag 
_chem_comp.name 
_chem_comp.pdbx_synonyms 
_chem_comp.formula 
_chem_comp.formula_weight 
ALA 'L-peptide linking' y ALANINE         ? 'C3 H7 N O2'     89.093  
ARG 'L-peptide linking' y ARGININE        ? 'C6 H15 N4 O2 1' 175.209 
ASN 'L-peptide linking' y ASPARAGINE      ? 'C4 H8 N2 O3'    132.118 
ASP 'L-peptide linking' y 'ASPARTIC ACID' ? 'C4 H7 N O4'     133.103 
CYS 'L-peptide linking' y CYSTEINE        ? 'C3 H7 N O2 S'   121.158 
EQU non-polymer         . EQUILENIN       ? 'C18 H18 O2'     266.334 
GLN 'L-peptide linking' y GLUTAMINE       ? 'C5 H10 N2 O3'   146.144 
GLU 'L-peptide linking' y 'GLUTAMIC ACID' ? 'C5 H9 N O4'     147.129 
GLY 'peptide linking'   y GLYCINE         ? 'C2 H5 N O2'     75.067  
HIS 'L-peptide linking' y HISTIDINE       ? 'C6 H10 N3 O2 1' 156.162 
HOH non-polymer         . WATER           ? 'H2 O'           18.015  
ILE 'L-peptide linking' y ISOLEUCINE      ? 'C6 H13 N O2'    131.173 
LEU 'L-peptide linking' y LEUCINE         ? 'C6 H13 N O2'    131.173 
LYS 'L-peptide linking' y LYSINE          ? 'C6 H15 N2 O2 1' 147.195 
MET 'L-peptide linking' y METHIONINE      ? 'C5 H11 N O2 S'  149.211 
PHE 'L-peptide linking' y PHENYLALANINE   ? 'C9 H11 N O2'    165.189 
PRO 'L-peptide linking' y PROLINE         ? 'C5 H9 N O2'     115.130 
SER 'L-peptide linking' y SERINE          ? 'C3 H7 N O3'     105.093 
THR 'L-peptide linking' y THREONINE       ? 'C4 H9 N O3'     119.119 
TRP 'L-peptide linking' y TRYPTOPHAN      ? 'C11 H12 N2 O2'  204.225 
TYR 'L-peptide linking' y TYROSINE        ? 'C9 H11 N O3'    181.189 
VAL 'L-peptide linking' y VALINE          ? 'C5 H11 N O2'    117.146 
# 
loop_
_pdbx_poly_seq_scheme.asym_id 
_pdbx_poly_seq_scheme.entity_id 
_pdbx_poly_seq_scheme.seq_id 
_pdbx_poly_seq_scheme.mon_id 
_pdbx_poly_seq_scheme.ndb_seq_num 
_pdbx_poly_seq_scheme.pdb_seq_num 
_pdbx_poly_seq_scheme.auth_seq_num 
_pdbx_poly_seq_scheme.pdb_mon_id 
_pdbx_poly_seq_scheme.auth_mon_id 
_pdbx_poly_seq_scheme.pdb_strand_id 
_pdbx_poly_seq_scheme.pdb_ins_code 
_pdbx_poly_seq_scheme.hetero 
A 1 1   MET 1   1   ?   ?   ?   A . n 
A 1 2   ASN 2   2   2   ASN ASN A . n 
A 1 3   LEU 3   3   3   LEU LEU A . n 
A 1 4   PRO 4   4   4   PRO PRO A . n 
A 1 5   THR 5   5   5   THR THR A . n 
A 1 6   ALA 6   6   6   ALA ALA A . n 
A 1 7   GLN 7   7   7   GLN GLN A . n 
A 1 8   GLU 8   8   8   GLU GLU A . n 
A 1 9   VAL 9   9   9   VAL VAL A . n 
A 1 10  GLN 10  10  10  GLN GLN A . n 
A 1 11  GLY 11  11  11  GLY GLY A . n 
A 1 12  LEU 12  12  12  LEU LEU A . n 
A 1 13  MET 13  13  13  MET MET A . n 
A 1 14  ALA 14  14  14  ALA ALA A . n 
A 1 15  ARG 15  15  15  ARG ARG A . n 
A 1 16  PHE 16  16  16  PHE PHE A . n 
A 1 17  ILE 17  17  17  ILE ILE A . n 
A 1 18  GLU 18  18  18  GLU GLU A . n 
A 1 19  LEU 19  19  19  LEU LEU A . n 
A 1 20  VAL 20  20  20  VAL VAL A . n 
A 1 21  ASP 21  21  21  ASP ASP A . n 
A 1 22  VAL 22  22  22  VAL VAL A . n 
A 1 23  GLY 23  23  23  GLY GLY A . n 
A 1 24  ASP 24  24  24  ASP ASP A . n 
A 1 25  ILE 25  25  25  ILE ILE A . n 
A 1 26  GLU 26  26  26  GLU GLU A . n 
A 1 27  ALA 27  27  27  ALA ALA A . n 
A 1 28  ILE 28  28  28  ILE ILE A . n 
A 1 29  VAL 29  29  29  VAL VAL A . n 
A 1 30  GLN 30  30  30  GLN GLN A . n 
A 1 31  MET 31  31  31  MET MET A . n 
A 1 32  TYR 32  32  32  TYR TYR A . n 
A 1 33  ALA 33  33  33  ALA ALA A . n 
A 1 34  ASP 34  34  34  ASP ASP A . n 
A 1 35  ASP 35  35  35  ASP ASP A . n 
A 1 36  ALA 36  36  36  ALA ALA A . n 
A 1 37  THR 37  37  37  THR THR A . n 
A 1 38  VAL 38  38  38  VAL VAL A . n 
A 1 39  GLU 39  39  39  GLU GLU A . n 
A 1 40  ASN 40  40  40  ASN ASN A . n 
A 1 41  PRO 41  41  41  PRO PRO A . n 
A 1 42  PHE 42  42  42  PHE PHE A . n 
A 1 43  GLY 43  43  43  GLY GLY A . n 
A 1 44  GLN 44  44  44  GLN GLN A . n 
A 1 45  PRO 45  45  45  PRO PRO A . n 
A 1 46  PRO 46  46  46  PRO PRO A . n 
A 1 47  ILE 47  47  47  ILE ILE A . n 
A 1 48  HIS 48  48  48  HIS HIS A . n 
A 1 49  GLY 49  49  49  GLY GLY A . n 
A 1 50  ARG 50  50  50  ARG ARG A . n 
A 1 51  GLU 51  51  51  GLU GLU A . n 
A 1 52  GLN 52  52  52  GLN GLN A . n 
A 1 53  ILE 53  53  53  ILE ILE A . n 
A 1 54  ALA 54  54  54  ALA ALA A . n 
A 1 55  ALA 55  55  55  ALA ALA A . n 
A 1 56  PHE 56  56  56  PHE PHE A . n 
A 1 57  TYR 57  57  57  TYR TYR A . n 
A 1 58  ARG 58  58  58  ARG ARG A . n 
A 1 59  GLN 59  59  59  GLN GLN A . n 
A 1 60  GLY 60  60  60  GLY GLY A . n 
A 1 61  LEU 61  61  61  LEU LEU A . n 
A 1 62  GLY 62  62  ?   ?   ?   A . n 
A 1 63  GLY 63  63  ?   ?   ?   A . n 
A 1 64  GLY 64  64  ?   ?   ?   A . n 
A 1 65  LYS 65  65  65  LYS LYS A . n 
A 1 66  VAL 66  66  66  VAL VAL A . n 
A 1 67  ARG 67  67  67  ARG ARG A . n 
A 1 68  ALA 68  68  68  ALA ALA A . n 
A 1 69  CYS 69  69  69  CYS CYS A . n 
A 1 70  LEU 70  70  70  LEU LEU A . n 
A 1 71  THR 71  71  71  THR THR A . n 
A 1 72  GLY 72  72  72  GLY GLY A . n 
A 1 73  PRO 73  73  73  PRO PRO A . n 
A 1 74  VAL 74  74  74  VAL VAL A . n 
A 1 75  ARG 75  75  75  ARG ARG A . n 
A 1 76  ALA 76  76  76  ALA ALA A . n 
A 1 77  SER 77  77  77  SER SER A . n 
A 1 78  HIS 78  78  78  HIS HIS A . n 
A 1 79  ASN 79  79  79  ASN ASN A . n 
A 1 80  GLY 80  80  80  GLY GLY A . n 
A 1 81  CYS 81  81  81  CYS CYS A . n 
A 1 82  GLY 82  82  82  GLY GLY A . n 
A 1 83  ALA 83  83  83  ALA ALA A . n 
A 1 84  MET 84  84  84  MET MET A . n 
A 1 85  PRO 85  85  85  PRO PRO A . n 
A 1 86  PHE 86  86  86  PHE PHE A . n 
A 1 87  ARG 87  87  87  ARG ARG A . n 
A 1 88  VAL 88  88  88  VAL VAL A . n 
A 1 89  GLU 89  89  89  GLU GLU A . n 
A 1 90  MET 90  90  90  MET MET A . n 
A 1 91  VAL 91  91  91  VAL VAL A . n 
A 1 92  TRP 92  92  92  TRP TRP A . n 
A 1 93  ASN 93  93  93  ASN ASN A . n 
A 1 94  GLY 94  94  94  GLY GLY A . n 
A 1 95  GLN 95  95  95  GLN GLN A . n 
A 1 96  PRO 96  96  96  PRO PRO A . n 
A 1 97  CYS 97  97  97  CYS CYS A . n 
A 1 98  ALA 98  98  98  ALA ALA A . n 
A 1 99  LEU 99  99  99  LEU LEU A . n 
A 1 100 ASP 100 100 100 ASP ASP A . n 
A 1 101 VAL 101 101 101 VAL VAL A . n 
A 1 102 ILE 102 102 102 ILE ILE A . n 
A 1 103 ASP 103 103 103 ASP ASP A . n 
A 1 104 VAL 104 104 104 VAL VAL A . n 
A 1 105 MET 105 105 105 MET MET A . n 
A 1 106 ARG 106 106 106 ARG ARG A . n 
A 1 107 PHE 107 107 107 PHE PHE A . n 
A 1 108 ASP 108 108 108 ASP ASP A . n 
A 1 109 GLU 109 109 109 GLU GLU A . n 
A 1 110 HIS 110 110 110 HIS HIS A . n 
A 1 111 GLY 111 111 111 GLY GLY A . n 
A 1 112 ARG 112 112 112 ARG ARG A . n 
A 1 113 ILE 113 113 113 ILE ILE A . n 
A 1 114 GLN 114 114 114 GLN GLN A . n 
A 1 115 THR 115 115 115 THR THR A . n 
A 1 116 MET 116 116 116 MET MET A . n 
A 1 117 GLN 117 117 117 GLN GLN A . n 
A 1 118 ALA 118 118 118 ALA ALA A . n 
A 1 119 TYR 119 119 119 TYR TYR A . n 
A 1 120 TRP 120 120 120 TRP TRP A . n 
A 1 121 SER 121 121 121 SER SER A . n 
A 1 122 GLU 122 122 122 GLU GLU A . n 
A 1 123 VAL 123 123 123 VAL VAL A . n 
A 1 124 ASN 124 124 124 ASN ASN A . n 
A 1 125 LEU 125 125 125 LEU LEU A . n 
A 1 126 SER 126 126 126 SER SER A . n 
A 1 127 VAL 127 127 127 VAL VAL A . n 
A 1 128 ARG 128 128 ?   ?   ?   A . n 
A 1 129 GLU 129 129 ?   ?   ?   A . n 
A 1 130 PRO 130 130 ?   ?   ?   A . n 
A 1 131 GLN 131 131 ?   ?   ?   A . n 
# 
loop_
_pdbx_nonpoly_scheme.asym_id 
_pdbx_nonpoly_scheme.entity_id 
_pdbx_nonpoly_scheme.mon_id 
_pdbx_nonpoly_scheme.ndb_seq_num 
_pdbx_nonpoly_scheme.pdb_seq_num 
_pdbx_nonpoly_scheme.auth_seq_num 
_pdbx_nonpoly_scheme.pdb_mon_id 
_pdbx_nonpoly_scheme.auth_mon_id 
_pdbx_nonpoly_scheme.pdb_strand_id 
_pdbx_nonpoly_scheme.pdb_ins_code 
B 2 EQU 1  1128 1128 EQU EQU A . 
C 3 HOH 1  2001 2001 HOH HOH A . 
C 3 HOH 2  2002 2002 HOH HOH A . 
C 3 HOH 3  2003 2003 HOH HOH A . 
C 3 HOH 4  2004 2004 HOH HOH A . 
C 3 HOH 5  2005 2005 HOH HOH A . 
C 3 HOH 6  2006 2006 HOH HOH A . 
C 3 HOH 7  2007 2007 HOH HOH A . 
C 3 HOH 8  2008 2008 HOH HOH A . 
C 3 HOH 9  2009 2009 HOH HOH A . 
C 3 HOH 10 2010 2010 HOH HOH A . 
C 3 HOH 11 2011 2011 HOH HOH A . 
C 3 HOH 12 2012 2012 HOH HOH A . 
C 3 HOH 13 2013 2013 HOH HOH A . 
C 3 HOH 14 2014 2014 HOH HOH A . 
C 3 HOH 15 2015 2015 HOH HOH A . 
C 3 HOH 16 2016 2016 HOH HOH A . 
C 3 HOH 17 2017 2017 HOH HOH A . 
C 3 HOH 18 2018 2018 HOH HOH A . 
C 3 HOH 19 2019 2019 HOH HOH A . 
C 3 HOH 20 2020 2020 HOH HOH A . 
C 3 HOH 21 2021 2021 HOH HOH A . 
C 3 HOH 22 2022 2022 HOH HOH A . 
C 3 HOH 23 2023 2023 HOH HOH A . 
C 3 HOH 24 2024 2024 HOH HOH A . 
C 3 HOH 25 2025 2025 HOH HOH A . 
C 3 HOH 26 2026 2026 HOH HOH A . 
C 3 HOH 27 2027 2027 HOH HOH A . 
C 3 HOH 28 2028 2028 HOH HOH A . 
C 3 HOH 29 2029 2029 HOH HOH A . 
C 3 HOH 30 2030 2030 HOH HOH A . 
C 3 HOH 31 2031 2031 HOH HOH A . 
C 3 HOH 32 2032 2032 HOH HOH A . 
C 3 HOH 33 2033 2033 HOH HOH A . 
C 3 HOH 34 2034 2034 HOH HOH A . 
C 3 HOH 35 2035 2035 HOH HOH A . 
C 3 HOH 36 2036 2036 HOH HOH A . 
C 3 HOH 37 2037 2037 HOH HOH A . 
C 3 HOH 38 2038 2038 HOH HOH A . 
C 3 HOH 39 2039 2039 HOH HOH A . 
C 3 HOH 40 2040 2040 HOH HOH A . 
C 3 HOH 41 2041 2041 HOH HOH A . 
C 3 HOH 42 2042 2042 HOH HOH A . 
# 
loop_
_pdbx_unobs_or_zero_occ_atoms.id 
_pdbx_unobs_or_zero_occ_atoms.PDB_model_num 
_pdbx_unobs_or_zero_occ_atoms.polymer_flag 
_pdbx_unobs_or_zero_occ_atoms.occupancy_flag 
_pdbx_unobs_or_zero_occ_atoms.auth_asym_id 
_pdbx_unobs_or_zero_occ_atoms.auth_comp_id 
_pdbx_unobs_or_zero_occ_atoms.auth_seq_id 
_pdbx_unobs_or_zero_occ_atoms.PDB_ins_code 
_pdbx_unobs_or_zero_occ_atoms.auth_atom_id 
_pdbx_unobs_or_zero_occ_atoms.label_alt_id 
_pdbx_unobs_or_zero_occ_atoms.label_asym_id 
_pdbx_unobs_or_zero_occ_atoms.label_comp_id 
_pdbx_unobs_or_zero_occ_atoms.label_seq_id 
_pdbx_unobs_or_zero_occ_atoms.label_atom_id 
1 1 Y 1 A ASN 2 ? CG  ? A ASN 2 CG  
2 1 Y 1 A ASN 2 ? OD1 ? A ASN 2 OD1 
3 1 Y 1 A ASN 2 ? ND2 ? A ASN 2 ND2 
# 
loop_
_software.name 
_software.classification 
_software.version 
_software.citation_id 
_software.pdbx_ordinal 
CNS       refinement       1.1 ? 1 
DENZO     'data reduction' .   ? 2 
SCALEPACK 'data scaling'   .   ? 3 
AMoRE     phasing          .   ? 4 
# 
_cell.entry_id           1OHO 
_cell.length_a           36.122 
_cell.length_b           96.277 
_cell.length_c           74.262 
_cell.angle_alpha        90.00 
_cell.angle_beta         90.00 
_cell.angle_gamma        90.00 
_cell.Z_PDB              8 
_cell.pdbx_unique_axis   ? 
# 
_symmetry.entry_id                         1OHO 
_symmetry.space_group_name_H-M             'C 2 2 21' 
_symmetry.pdbx_full_space_group_name_H-M   ? 
_symmetry.cell_setting                     ? 
_symmetry.Int_Tables_number                20 
# 
_exptl.entry_id          1OHO 
_exptl.method            'X-RAY DIFFRACTION' 
_exptl.crystals_number   1 
# 
_exptl_crystal.id                    1 
_exptl_crystal.density_meas          ? 
_exptl_crystal.density_Matthews      2.2 
_exptl_crystal.density_percent_sol   44.2 
_exptl_crystal.description           ? 
# 
_exptl_crystal_grow.crystal_id      1 
_exptl_crystal_grow.method          ? 
_exptl_crystal_grow.temp            ? 
_exptl_crystal_grow.temp_details    ? 
_exptl_crystal_grow.pH              6.80 
_exptl_crystal_grow.pdbx_pH_range   ? 
_exptl_crystal_grow.pdbx_details    'pH 6.80' 
# 
_diffrn.id                     1 
_diffrn.ambient_temp           100.0 
_diffrn.ambient_temp_details   ? 
_diffrn.crystal_id             1 
# 
_diffrn_detector.diffrn_id              1 
_diffrn_detector.detector               'IMAGE PLATE' 
_diffrn_detector.type                   'RIGAKU RAXIS IV' 
_diffrn_detector.pdbx_collection_date   1999-11-15 
_diffrn_detector.details                MIRRORS 
# 
_diffrn_radiation.diffrn_id                        1 
_diffrn_radiation.wavelength_id                    1 
_diffrn_radiation.pdbx_monochromatic_or_laue_m_l   M 
_diffrn_radiation.monochromator                    GRAPHITE 
_diffrn_radiation.pdbx_diffrn_protocol             'SINGLE WAVELENGTH' 
_diffrn_radiation.pdbx_scattering_type             x-ray 
# 
_diffrn_radiation_wavelength.id           1 
_diffrn_radiation_wavelength.wavelength   1.5418 
_diffrn_radiation_wavelength.wt           1.0 
# 
_diffrn_source.diffrn_id                   1 
_diffrn_source.source                      'ROTATING ANODE' 
_diffrn_source.type                        RIGAKU 
_diffrn_source.pdbx_synchrotron_site       ? 
_diffrn_source.pdbx_synchrotron_beamline   ? 
_diffrn_source.pdbx_wavelength             1.5418 
_diffrn_source.pdbx_wavelength_list        ? 
# 
_reflns.pdbx_diffrn_id               1 
_reflns.pdbx_ordinal                 1 
_reflns.entry_id                     1OHO 
_reflns.observed_criterion_sigma_I   1.000 
_reflns.observed_criterion_sigma_F   ? 
_reflns.d_resolution_low             10.000 
_reflns.d_resolution_high            1.900 
_reflns.number_obs                   10600 
_reflns.number_all                   ? 
_reflns.percent_possible_obs         96.5 
_reflns.pdbx_Rmerge_I_obs            0.05700 
_reflns.pdbx_Rsym_value              ? 
_reflns.pdbx_netI_over_sigmaI        29.0000 
_reflns.B_iso_Wilson_estimate        ? 
_reflns.pdbx_redundancy              7.600 
# 
_reflns_shell.pdbx_diffrn_id         1 
_reflns_shell.pdbx_ordinal           1 
_reflns_shell.d_res_high             1.90 
_reflns_shell.d_res_low              1.97 
_reflns_shell.percent_possible_all   92.2 
_reflns_shell.Rmerge_I_obs           0.20000 
_reflns_shell.pdbx_Rsym_value        ? 
_reflns_shell.meanI_over_sigI_obs    5.200 
_reflns_shell.pdbx_redundancy        ? 
# 
_refine.pdbx_refine_id                           'X-RAY DIFFRACTION' 
_refine.entry_id                                 1OHO 
_refine.pdbx_diffrn_id                           1 
_refine.pdbx_TLS_residual_ADP_flag               ? 
_refine.ls_number_reflns_obs                     10149 
_refine.ls_number_reflns_all                     ? 
_refine.pdbx_ls_sigma_I                          ? 
_refine.pdbx_ls_sigma_F                          1.0 
_refine.pdbx_data_cutoff_high_absF               ? 
_refine.pdbx_data_cutoff_low_absF                ? 
_refine.pdbx_data_cutoff_high_rms_absF           ? 
_refine.ls_d_res_low                             10.0 
_refine.ls_d_res_high                            1.9 
_refine.ls_percent_reflns_obs                    96.8 
_refine.ls_R_factor_obs                          0.196 
_refine.ls_R_factor_all                          ? 
_refine.ls_R_factor_R_work                       0.196 
_refine.ls_R_factor_R_free                       0.226 
_refine.ls_R_factor_R_free_error                 ? 
_refine.ls_R_factor_R_free_error_details         ? 
_refine.ls_percent_reflns_R_free                 5.0 
_refine.ls_number_reflns_R_free                  537 
_refine.ls_number_parameters                     ? 
_refine.ls_number_restraints                     ? 
_refine.occupancy_min                            ? 
_refine.occupancy_max                            ? 
_refine.correlation_coeff_Fo_to_Fc               ? 
_refine.correlation_coeff_Fo_to_Fc_free          ? 
_refine.B_iso_mean                               ? 
_refine.aniso_B[1][1]                            ? 
_refine.aniso_B[2][2]                            ? 
_refine.aniso_B[3][3]                            ? 
_refine.aniso_B[1][2]                            ? 
_refine.aniso_B[1][3]                            ? 
_refine.aniso_B[2][3]                            ? 
_refine.solvent_model_details                    ? 
_refine.solvent_model_param_ksol                 ? 
_refine.solvent_model_param_bsol                 ? 
_refine.pdbx_solvent_vdw_probe_radii             ? 
_refine.pdbx_solvent_ion_probe_radii             ? 
_refine.pdbx_solvent_shrinkage_radii             ? 
_refine.pdbx_ls_cross_valid_method               ? 
_refine.details                                  ? 
_refine.pdbx_starting_model                      ? 
_refine.pdbx_method_to_determine_struct          'MOLECULAR REPLACEMENT' 
_refine.pdbx_isotropic_thermal_model             ? 
_refine.pdbx_stereochemistry_target_values       ? 
_refine.pdbx_stereochem_target_val_spec_case     ? 
_refine.pdbx_R_Free_selection_details            RANDOM 
_refine.pdbx_overall_ESU_R                       ? 
_refine.pdbx_overall_ESU_R_Free                  ? 
_refine.overall_SU_ML                            ? 
_refine.pdbx_overall_phase_error                 ? 
_refine.overall_SU_B                             ? 
_refine.overall_SU_R_Cruickshank_DPI             ? 
_refine.pdbx_overall_SU_R_free_Cruickshank_DPI   ? 
_refine.pdbx_overall_SU_R_Blow_DPI               ? 
_refine.pdbx_overall_SU_R_free_Blow_DPI          ? 
# 
_refine_hist.pdbx_refine_id                   'X-RAY DIFFRACTION' 
_refine_hist.cycle_id                         LAST 
_refine_hist.pdbx_number_atoms_protein        956 
_refine_hist.pdbx_number_atoms_nucleic_acid   0 
_refine_hist.pdbx_number_atoms_ligand         20 
_refine_hist.number_atoms_solvent             42 
_refine_hist.number_atoms_total               1018 
_refine_hist.d_res_high                       1.9 
_refine_hist.d_res_low                        10.0 
# 
loop_
_refine_ls_restr.type 
_refine_ls_restr.dev_ideal 
_refine_ls_restr.dev_ideal_target 
_refine_ls_restr.weight 
_refine_ls_restr.number 
_refine_ls_restr.pdbx_refine_id 
_refine_ls_restr.pdbx_restraint_function 
c_bond_d                0.006 ?   ? ? 'X-RAY DIFFRACTION' ? 
c_bond_d_na             ?     ?   ? ? 'X-RAY DIFFRACTION' ? 
c_bond_d_prot           ?     ?   ? ? 'X-RAY DIFFRACTION' ? 
c_angle_d               ?     ?   ? ? 'X-RAY DIFFRACTION' ? 
c_angle_d_na            ?     ?   ? ? 'X-RAY DIFFRACTION' ? 
c_angle_d_prot          ?     ?   ? ? 'X-RAY DIFFRACTION' ? 
c_angle_deg             1.150 ?   ? ? 'X-RAY DIFFRACTION' ? 
c_angle_deg_na          ?     ?   ? ? 'X-RAY DIFFRACTION' ? 
c_angle_deg_prot        ?     ?   ? ? 'X-RAY DIFFRACTION' ? 
c_dihedral_angle_d      ?     ?   ? ? 'X-RAY DIFFRACTION' ? 
c_dihedral_angle_d_na   ?     ?   ? ? 'X-RAY DIFFRACTION' ? 
c_dihedral_angle_d_prot ?     ?   ? ? 'X-RAY DIFFRACTION' ? 
c_improper_angle_d      ?     ?   ? ? 'X-RAY DIFFRACTION' ? 
c_improper_angle_d_na   ?     ?   ? ? 'X-RAY DIFFRACTION' ? 
c_improper_angle_d_prot ?     ?   ? ? 'X-RAY DIFFRACTION' ? 
c_mcbond_it             1.640 1.5 ? ? 'X-RAY DIFFRACTION' ? 
c_mcangle_it            2.677 2.0 ? ? 'X-RAY DIFFRACTION' ? 
c_scbond_it             2.673 2.0 ? ? 'X-RAY DIFFRACTION' ? 
c_scangle_it            4.078 2.5 ? ? 'X-RAY DIFFRACTION' ? 
# 
_refine_ls_shell.pdbx_refine_id                   'X-RAY DIFFRACTION' 
_refine_ls_shell.pdbx_total_number_of_bins_used   10 
_refine_ls_shell.d_res_high                       1.90 
_refine_ls_shell.d_res_low                        1.97 
_refine_ls_shell.number_reflns_R_work             896 
_refine_ls_shell.R_factor_R_work                  0.223 
_refine_ls_shell.percent_reflns_obs               ? 
_refine_ls_shell.R_factor_R_free                  0.263 
_refine_ls_shell.R_factor_R_free_error            ? 
_refine_ls_shell.percent_reflns_R_free            ? 
_refine_ls_shell.number_reflns_R_free             53 
_refine_ls_shell.number_reflns_all                ? 
_refine_ls_shell.R_factor_all                     ? 
# 
_struct.entry_id                  1OHO 
_struct.title                     'CRYSTAL STRUCTURE OF KETOSTEROID ISOMERASE Y16F/D40N mutant COMPLEXED WITH EQUILENIN' 
_struct.pdbx_model_details        ? 
_struct.pdbx_CASP_flag            ? 
_struct.pdbx_model_type_details   ? 
# 
_struct_keywords.entry_id        1OHO 
_struct_keywords.pdbx_keywords   ISOMERASE 
_struct_keywords.text            'ISOMERASE, INHIBITOR, EQUILENIN' 
# 
loop_
_struct_asym.id 
_struct_asym.pdbx_blank_PDB_chainid_flag 
_struct_asym.pdbx_modified 
_struct_asym.entity_id 
_struct_asym.details 
A N N 1 ? 
B N N 2 ? 
C N N 3 ? 
# 
_struct_ref.id                         1 
_struct_ref.db_name                    UNP 
_struct_ref.db_code                    SDIS_PSEPU 
_struct_ref.entity_id                  1 
_struct_ref.pdbx_seq_one_letter_code   ? 
_struct_ref.pdbx_align_begin           ? 
_struct_ref.pdbx_db_accession          P07445 
_struct_ref.pdbx_db_isoform            ? 
# 
_struct_ref_seq.align_id                      1 
_struct_ref_seq.ref_id                        1 
_struct_ref_seq.pdbx_PDB_id_code              1OHO 
_struct_ref_seq.pdbx_strand_id                A 
_struct_ref_seq.seq_align_beg                 1 
_struct_ref_seq.pdbx_seq_align_beg_ins_code   ? 
_struct_ref_seq.seq_align_end                 131 
_struct_ref_seq.pdbx_seq_align_end_ins_code   ? 
_struct_ref_seq.pdbx_db_accession             P07445 
_struct_ref_seq.db_align_beg                  1 
_struct_ref_seq.pdbx_db_align_beg_ins_code    ? 
_struct_ref_seq.db_align_end                  131 
_struct_ref_seq.pdbx_db_align_end_ins_code    ? 
_struct_ref_seq.pdbx_auth_seq_align_beg       1 
_struct_ref_seq.pdbx_auth_seq_align_end       131 
# 
loop_
_struct_ref_seq_dif.align_id 
_struct_ref_seq_dif.pdbx_pdb_id_code 
_struct_ref_seq_dif.mon_id 
_struct_ref_seq_dif.pdbx_pdb_strand_id 
_struct_ref_seq_dif.seq_num 
_struct_ref_seq_dif.pdbx_pdb_ins_code 
_struct_ref_seq_dif.pdbx_seq_db_name 
_struct_ref_seq_dif.pdbx_seq_db_accession_code 
_struct_ref_seq_dif.db_mon_id 
_struct_ref_seq_dif.pdbx_seq_db_seq_num 
_struct_ref_seq_dif.details 
_struct_ref_seq_dif.pdbx_auth_seq_num 
_struct_ref_seq_dif.pdbx_ordinal 
1 1OHO ASN A 40 ? UNP P07445 ASP 40 'engineered mutation' 40 1 
1 1OHO PHE A 16 ? UNP P07445 TYR 16 'engineered mutation' 16 2 
# 
_pdbx_struct_assembly.id                   1 
_pdbx_struct_assembly.details              author_and_software_defined_assembly 
_pdbx_struct_assembly.method_details       PQS 
_pdbx_struct_assembly.oligomeric_details   dimeric 
_pdbx_struct_assembly.oligomeric_count     2 
# 
_pdbx_struct_assembly_gen.assembly_id       1 
_pdbx_struct_assembly_gen.oper_expression   1,2 
_pdbx_struct_assembly_gen.asym_id_list      A,B,C 
# 
loop_
_pdbx_struct_oper_list.id 
_pdbx_struct_oper_list.type 
_pdbx_struct_oper_list.name 
_pdbx_struct_oper_list.symmetry_operation 
_pdbx_struct_oper_list.matrix[1][1] 
_pdbx_struct_oper_list.matrix[1][2] 
_pdbx_struct_oper_list.matrix[1][3] 
_pdbx_struct_oper_list.vector[1] 
_pdbx_struct_oper_list.matrix[2][1] 
_pdbx_struct_oper_list.matrix[2][2] 
_pdbx_struct_oper_list.matrix[2][3] 
_pdbx_struct_oper_list.vector[2] 
_pdbx_struct_oper_list.matrix[3][1] 
_pdbx_struct_oper_list.matrix[3][2] 
_pdbx_struct_oper_list.matrix[3][3] 
_pdbx_struct_oper_list.vector[3] 
1 'identity operation'         1_555 x,y,z       1.0000000000  0.0000000000  0.0000000000 0.0000000000  0.0000000000  1.0000000000  0.0000000000  0.0000000000  0.0000000000 0.0000000000  1.0000000000 0.0000000000 
2 'crystal symmetry operation' 4_566 x,-y+1,-z+1 -0.9910472795 -0.0414941188 0.1268996768 -9.0848607332 -0.0414941188 -0.8076828282 -0.5881553257 20.2620778620 0.1268996768 -0.5881553257 0.7987301076 7.2663012867 
# 
_struct_biol.id   1 
# 
loop_
_struct_conf.conf_type_id 
_struct_conf.id 
_struct_conf.pdbx_PDB_helix_id 
_struct_conf.beg_label_comp_id 
_struct_conf.beg_label_asym_id 
_struct_conf.beg_label_seq_id 
_struct_conf.pdbx_beg_PDB_ins_code 
_struct_conf.end_label_comp_id 
_struct_conf.end_label_asym_id 
_struct_conf.end_label_seq_id 
_struct_conf.pdbx_end_PDB_ins_code 
_struct_conf.beg_auth_comp_id 
_struct_conf.beg_auth_asym_id 
_struct_conf.beg_auth_seq_id 
_struct_conf.end_auth_comp_id 
_struct_conf.end_auth_asym_id 
_struct_conf.end_auth_seq_id 
_struct_conf.pdbx_PDB_helix_class 
_struct_conf.details 
_struct_conf.pdbx_PDB_helix_length 
HELX_P HELX_P1 1 THR A 5   ? GLY A 23  ? THR A 5   GLY A 23  1 ? 19 
HELX_P HELX_P2 2 ASP A 24  ? MET A 31  ? ASP A 24  MET A 31  1 ? 8  
HELX_P HELX_P3 3 GLY A 49  ? LEU A 61  ? GLY A 49  LEU A 61  1 ? 13 
HELX_P HELX_P4 4 SER A 121 ? VAL A 123 ? SER A 121 VAL A 123 5 ? 3  
# 
_struct_conf_type.id          HELX_P 
_struct_conf_type.criteria    ? 
_struct_conf_type.reference   ? 
# 
_struct_mon_prot_cis.pdbx_id                1 
_struct_mon_prot_cis.label_comp_id          ASN 
_struct_mon_prot_cis.label_seq_id           40 
_struct_mon_prot_cis.label_asym_id          A 
_struct_mon_prot_cis.label_alt_id           . 
_struct_mon_prot_cis.pdbx_PDB_ins_code      ? 
_struct_mon_prot_cis.auth_comp_id           ASN 
_struct_mon_prot_cis.auth_seq_id            40 
_struct_mon_prot_cis.auth_asym_id           A 
_struct_mon_prot_cis.pdbx_label_comp_id_2   PRO 
_struct_mon_prot_cis.pdbx_label_seq_id_2    41 
_struct_mon_prot_cis.pdbx_label_asym_id_2   A 
_struct_mon_prot_cis.pdbx_PDB_ins_code_2    ? 
_struct_mon_prot_cis.pdbx_auth_comp_id_2    PRO 
_struct_mon_prot_cis.pdbx_auth_seq_id_2     41 
_struct_mon_prot_cis.pdbx_auth_asym_id_2    A 
_struct_mon_prot_cis.pdbx_PDB_model_num     1 
_struct_mon_prot_cis.pdbx_omega_angle       -0.20 
# 
loop_
_struct_sheet.id 
_struct_sheet.type 
_struct_sheet.number_strands 
_struct_sheet.details 
AA ? 5 ? 
AB ? 5 ? 
# 
loop_
_struct_sheet_order.sheet_id 
_struct_sheet_order.range_id_1 
_struct_sheet_order.range_id_2 
_struct_sheet_order.offset 
_struct_sheet_order.sense 
AA 1 2 ? anti-parallel 
AA 2 3 ? parallel      
AA 3 4 ? anti-parallel 
AA 4 5 ? anti-parallel 
AB 1 2 ? anti-parallel 
AB 2 3 ? parallel      
AB 3 4 ? anti-parallel 
AB 4 5 ? anti-parallel 
# 
loop_
_struct_sheet_range.sheet_id 
_struct_sheet_range.id 
_struct_sheet_range.beg_label_comp_id 
_struct_sheet_range.beg_label_asym_id 
_struct_sheet_range.beg_label_seq_id 
_struct_sheet_range.pdbx_beg_PDB_ins_code 
_struct_sheet_range.end_label_comp_id 
_struct_sheet_range.end_label_asym_id 
_struct_sheet_range.end_label_seq_id 
_struct_sheet_range.pdbx_end_PDB_ins_code 
_struct_sheet_range.beg_auth_comp_id 
_struct_sheet_range.beg_auth_asym_id 
_struct_sheet_range.beg_auth_seq_id 
_struct_sheet_range.end_auth_comp_id 
_struct_sheet_range.end_auth_asym_id 
_struct_sheet_range.end_auth_seq_id 
AA 1 ILE A 47  ? HIS A 48  ? ILE A 47  HIS A 48  
AA 2 TYR A 32  ? GLU A 39  ? TYR A 32  GLU A 39  
AA 3 ILE A 113 ? TYR A 119 ? ILE A 113 TYR A 119 
AA 4 GLN A 95  ? PHE A 107 ? GLN A 95  PHE A 107 
AA 5 CYS A 81  ? TRP A 92  ? CYS A 81  TRP A 92  
AB 1 ILE A 47  ? HIS A 48  ? ILE A 47  HIS A 48  
AB 2 TYR A 32  ? GLU A 39  ? TYR A 32  GLU A 39  
AB 3 ILE A 113 ? TYR A 119 ? ILE A 113 TYR A 119 
AB 4 GLN A 95  ? PHE A 107 ? GLN A 95  PHE A 107 
AB 5 LEU A 125 ? SER A 126 ? LEU A 125 SER A 126 
# 
loop_
_pdbx_struct_sheet_hbond.sheet_id 
_pdbx_struct_sheet_hbond.range_id_1 
_pdbx_struct_sheet_hbond.range_id_2 
_pdbx_struct_sheet_hbond.range_1_label_atom_id 
_pdbx_struct_sheet_hbond.range_1_label_comp_id 
_pdbx_struct_sheet_hbond.range_1_label_asym_id 
_pdbx_struct_sheet_hbond.range_1_label_seq_id 
_pdbx_struct_sheet_hbond.range_1_PDB_ins_code 
_pdbx_struct_sheet_hbond.range_1_auth_atom_id 
_pdbx_struct_sheet_hbond.range_1_auth_comp_id 
_pdbx_struct_sheet_hbond.range_1_auth_asym_id 
_pdbx_struct_sheet_hbond.range_1_auth_seq_id 
_pdbx_struct_sheet_hbond.range_2_label_atom_id 
_pdbx_struct_sheet_hbond.range_2_label_comp_id 
_pdbx_struct_sheet_hbond.range_2_label_asym_id 
_pdbx_struct_sheet_hbond.range_2_label_seq_id 
_pdbx_struct_sheet_hbond.range_2_PDB_ins_code 
_pdbx_struct_sheet_hbond.range_2_auth_atom_id 
_pdbx_struct_sheet_hbond.range_2_auth_comp_id 
_pdbx_struct_sheet_hbond.range_2_auth_asym_id 
_pdbx_struct_sheet_hbond.range_2_auth_seq_id 
AA 1 2 N ILE A 47  ? N ILE A 47  O VAL A 38  ? O VAL A 38  
AA 2 3 N ALA A 33  ? N ALA A 33  O ILE A 113 ? O ILE A 113 
AA 3 4 N TYR A 119 ? N TYR A 119 O ILE A 102 ? O ILE A 102 
AA 4 5 N MET A 105 ? N MET A 105 O GLY A 82  ? O GLY A 82  
AB 1 2 N ILE A 47  ? N ILE A 47  O VAL A 38  ? O VAL A 38  
AB 2 3 N ALA A 33  ? N ALA A 33  O ILE A 113 ? O ILE A 113 
AB 3 4 N TYR A 119 ? N TYR A 119 O ILE A 102 ? O ILE A 102 
AB 4 5 N ALA A 98  ? N ALA A 98  O SER A 126 ? O SER A 126 
# 
_struct_site.id                   AC1 
_struct_site.pdbx_evidence_code   Software 
_struct_site.pdbx_auth_asym_id    ? 
_struct_site.pdbx_auth_comp_id    ? 
_struct_site.pdbx_auth_seq_id     ? 
_struct_site.pdbx_auth_ins_code   ? 
_struct_site.pdbx_num_residues    9 
_struct_site.details              'BINDING SITE FOR RESIDUE EQU A1128' 
# 
loop_
_struct_site_gen.id 
_struct_site_gen.site_id 
_struct_site_gen.pdbx_num_res 
_struct_site_gen.label_comp_id 
_struct_site_gen.label_asym_id 
_struct_site_gen.label_seq_id 
_struct_site_gen.pdbx_auth_ins_code 
_struct_site_gen.auth_comp_id 
_struct_site_gen.auth_asym_id 
_struct_site_gen.auth_seq_id 
_struct_site_gen.label_atom_id 
_struct_site_gen.label_alt_id 
_struct_site_gen.symmetry 
_struct_site_gen.details 
1 AC1 9 VAL A 20  ? VAL A 20  . ? 1_555 ? 
2 AC1 9 ASN A 40  ? ASN A 40  . ? 1_555 ? 
3 AC1 9 PHE A 56  ? PHE A 56  . ? 1_555 ? 
4 AC1 9 TYR A 57  ? TYR A 57  . ? 1_555 ? 
5 AC1 9 PHE A 86  ? PHE A 86  . ? 1_555 ? 
6 AC1 9 MET A 90  ? MET A 90  . ? 1_555 ? 
7 AC1 9 TRP A 92  ? TRP A 92  . ? 1_555 ? 
8 AC1 9 ASN A 93  ? ASN A 93  . ? 1_555 ? 
9 AC1 9 ASP A 103 ? ASP A 103 . ? 1_555 ? 
# 
_pdbx_database_remark.id     700 
_pdbx_database_remark.text   
;
SHEET
THE SHEET STRUCTURE OF THIS MOLECULE IS BIFURCATED. IN
ORDER TO REPRESENT THIS FEATURE IN THE SHEET RECORDS BELOW,
TWO SHEETS ARE DEFINED.
;
# 
_pdbx_entry_details.entry_id                 1OHO 
_pdbx_entry_details.compound_details         
;CATALYTIC ACTIVITY: CONVERTS THE  3-OXO-DELTA(5)-STEROID TO THE
  3-OXO-DELTA(4)-STEROID.
 ENGINEERED MUTATION IN CHAIN A, ASP 40 TO ASN 40
 ENGINEERED MUTATION IN CHAIN A, TYR 16 TO PHE 16
;
_pdbx_entry_details.source_details           ? 
_pdbx_entry_details.nonpolymer_details       ? 
_pdbx_entry_details.sequence_details         ? 
_pdbx_entry_details.has_ligand_of_interest   ? 
# 
loop_
_pdbx_unobs_or_zero_occ_residues.id 
_pdbx_unobs_or_zero_occ_residues.PDB_model_num 
_pdbx_unobs_or_zero_occ_residues.polymer_flag 
_pdbx_unobs_or_zero_occ_residues.occupancy_flag 
_pdbx_unobs_or_zero_occ_residues.auth_asym_id 
_pdbx_unobs_or_zero_occ_residues.auth_comp_id 
_pdbx_unobs_or_zero_occ_residues.auth_seq_id 
_pdbx_unobs_or_zero_occ_residues.PDB_ins_code 
_pdbx_unobs_or_zero_occ_residues.label_asym_id 
_pdbx_unobs_or_zero_occ_residues.label_comp_id 
_pdbx_unobs_or_zero_occ_residues.label_seq_id 
1 1 Y 1 A MET 1   ? A MET 1   
2 1 Y 1 A GLY 62  ? A GLY 62  
3 1 Y 1 A GLY 63  ? A GLY 63  
4 1 Y 1 A GLY 64  ? A GLY 64  
5 1 Y 1 A ARG 128 ? A ARG 128 
6 1 Y 1 A GLU 129 ? A GLU 129 
7 1 Y 1 A PRO 130 ? A PRO 130 
8 1 Y 1 A GLN 131 ? A GLN 131 
# 
loop_
_chem_comp_atom.comp_id 
_chem_comp_atom.atom_id 
_chem_comp_atom.type_symbol 
_chem_comp_atom.pdbx_aromatic_flag 
_chem_comp_atom.pdbx_stereo_config 
_chem_comp_atom.pdbx_ordinal 
ALA N    N N N 1   
ALA CA   C N S 2   
ALA C    C N N 3   
ALA O    O N N 4   
ALA CB   C N N 5   
ALA OXT  O N N 6   
ALA H    H N N 7   
ALA H2   H N N 8   
ALA HA   H N N 9   
ALA HB1  H N N 10  
ALA HB2  H N N 11  
ALA HB3  H N N 12  
ALA HXT  H N N 13  
ARG N    N N N 14  
ARG CA   C N S 15  
ARG C    C N N 16  
ARG O    O N N 17  
ARG CB   C N N 18  
ARG CG   C N N 19  
ARG CD   C N N 20  
ARG NE   N N N 21  
ARG CZ   C N N 22  
ARG NH1  N N N 23  
ARG NH2  N N N 24  
ARG OXT  O N N 25  
ARG H    H N N 26  
ARG H2   H N N 27  
ARG HA   H N N 28  
ARG HB2  H N N 29  
ARG HB3  H N N 30  
ARG HG2  H N N 31  
ARG HG3  H N N 32  
ARG HD2  H N N 33  
ARG HD3  H N N 34  
ARG HE   H N N 35  
ARG HH11 H N N 36  
ARG HH12 H N N 37  
ARG HH21 H N N 38  
ARG HH22 H N N 39  
ARG HXT  H N N 40  
ASN N    N N N 41  
ASN CA   C N S 42  
ASN C    C N N 43  
ASN O    O N N 44  
ASN CB   C N N 45  
ASN CG   C N N 46  
ASN OD1  O N N 47  
ASN ND2  N N N 48  
ASN OXT  O N N 49  
ASN H    H N N 50  
ASN H2   H N N 51  
ASN HA   H N N 52  
ASN HB2  H N N 53  
ASN HB3  H N N 54  
ASN HD21 H N N 55  
ASN HD22 H N N 56  
ASN HXT  H N N 57  
ASP N    N N N 58  
ASP CA   C N S 59  
ASP C    C N N 60  
ASP O    O N N 61  
ASP CB   C N N 62  
ASP CG   C N N 63  
ASP OD1  O N N 64  
ASP OD2  O N N 65  
ASP OXT  O N N 66  
ASP H    H N N 67  
ASP H2   H N N 68  
ASP HA   H N N 69  
ASP HB2  H N N 70  
ASP HB3  H N N 71  
ASP HD2  H N N 72  
ASP HXT  H N N 73  
CYS N    N N N 74  
CYS CA   C N R 75  
CYS C    C N N 76  
CYS O    O N N 77  
CYS CB   C N N 78  
CYS SG   S N N 79  
CYS OXT  O N N 80  
CYS H    H N N 81  
CYS H2   H N N 82  
CYS HA   H N N 83  
CYS HB2  H N N 84  
CYS HB3  H N N 85  
CYS HG   H N N 86  
CYS HXT  H N N 87  
EQU C1   C Y N 88  
EQU C2   C Y N 89  
EQU C3   C Y N 90  
EQU C4   C Y N 91  
EQU C5   C Y N 92  
EQU C6   C Y N 93  
EQU C10  C Y N 94  
EQU C11  C Y N 95  
EQU C12  C Y N 96  
EQU C13  C Y N 97  
EQU C16  C N R 98  
EQU C17  C N S 99  
EQU C18  C N N 100 
EQU C19  C N N 101 
EQU C24  C N N 102 
EQU C25  C N N 103 
EQU C26  C N N 104 
EQU C27  C N N 105 
EQU O1   O N N 106 
EQU O26  O N N 107 
EQU H2   H N N 108 
EQU H5   H N N 109 
EQU H6   H N N 110 
EQU H10  H N N 111 
EQU H11  H N N 112 
EQU H16  H N N 113 
EQU H181 H N N 114 
EQU H182 H N N 115 
EQU H191 H N N 116 
EQU H192 H N N 117 
EQU H241 H N N 118 
EQU H242 H N N 119 
EQU H251 H N N 120 
EQU H252 H N N 121 
EQU H271 H N N 122 
EQU H272 H N N 123 
EQU H273 H N N 124 
EQU HO1  H N N 125 
GLN N    N N N 126 
GLN CA   C N S 127 
GLN C    C N N 128 
GLN O    O N N 129 
GLN CB   C N N 130 
GLN CG   C N N 131 
GLN CD   C N N 132 
GLN OE1  O N N 133 
GLN NE2  N N N 134 
GLN OXT  O N N 135 
GLN H    H N N 136 
GLN H2   H N N 137 
GLN HA   H N N 138 
GLN HB2  H N N 139 
GLN HB3  H N N 140 
GLN HG2  H N N 141 
GLN HG3  H N N 142 
GLN HE21 H N N 143 
GLN HE22 H N N 144 
GLN HXT  H N N 145 
GLU N    N N N 146 
GLU CA   C N S 147 
GLU C    C N N 148 
GLU O    O N N 149 
GLU CB   C N N 150 
GLU CG   C N N 151 
GLU CD   C N N 152 
GLU OE1  O N N 153 
GLU OE2  O N N 154 
GLU OXT  O N N 155 
GLU H    H N N 156 
GLU H2   H N N 157 
GLU HA   H N N 158 
GLU HB2  H N N 159 
GLU HB3  H N N 160 
GLU HG2  H N N 161 
GLU HG3  H N N 162 
GLU HE2  H N N 163 
GLU HXT  H N N 164 
GLY N    N N N 165 
GLY CA   C N N 166 
GLY C    C N N 167 
GLY O    O N N 168 
GLY OXT  O N N 169 
GLY H    H N N 170 
GLY H2   H N N 171 
GLY HA2  H N N 172 
GLY HA3  H N N 173 
GLY HXT  H N N 174 
HIS N    N N N 175 
HIS CA   C N S 176 
HIS C    C N N 177 
HIS O    O N N 178 
HIS CB   C N N 179 
HIS CG   C Y N 180 
HIS ND1  N Y N 181 
HIS CD2  C Y N 182 
HIS CE1  C Y N 183 
HIS NE2  N Y N 184 
HIS OXT  O N N 185 
HIS H    H N N 186 
HIS H2   H N N 187 
HIS HA   H N N 188 
HIS HB2  H N N 189 
HIS HB3  H N N 190 
HIS HD1  H N N 191 
HIS HD2  H N N 192 
HIS HE1  H N N 193 
HIS HE2  H N N 194 
HIS HXT  H N N 195 
HOH O    O N N 196 
HOH H1   H N N 197 
HOH H2   H N N 198 
ILE N    N N N 199 
ILE CA   C N S 200 
ILE C    C N N 201 
ILE O    O N N 202 
ILE CB   C N S 203 
ILE CG1  C N N 204 
ILE CG2  C N N 205 
ILE CD1  C N N 206 
ILE OXT  O N N 207 
ILE H    H N N 208 
ILE H2   H N N 209 
ILE HA   H N N 210 
ILE HB   H N N 211 
ILE HG12 H N N 212 
ILE HG13 H N N 213 
ILE HG21 H N N 214 
ILE HG22 H N N 215 
ILE HG23 H N N 216 
ILE HD11 H N N 217 
ILE HD12 H N N 218 
ILE HD13 H N N 219 
ILE HXT  H N N 220 
LEU N    N N N 221 
LEU CA   C N S 222 
LEU C    C N N 223 
LEU O    O N N 224 
LEU CB   C N N 225 
LEU CG   C N N 226 
LEU CD1  C N N 227 
LEU CD2  C N N 228 
LEU OXT  O N N 229 
LEU H    H N N 230 
LEU H2   H N N 231 
LEU HA   H N N 232 
LEU HB2  H N N 233 
LEU HB3  H N N 234 
LEU HG   H N N 235 
LEU HD11 H N N 236 
LEU HD12 H N N 237 
LEU HD13 H N N 238 
LEU HD21 H N N 239 
LEU HD22 H N N 240 
LEU HD23 H N N 241 
LEU HXT  H N N 242 
LYS N    N N N 243 
LYS CA   C N S 244 
LYS C    C N N 245 
LYS O    O N N 246 
LYS CB   C N N 247 
LYS CG   C N N 248 
LYS CD   C N N 249 
LYS CE   C N N 250 
LYS NZ   N N N 251 
LYS OXT  O N N 252 
LYS H    H N N 253 
LYS H2   H N N 254 
LYS HA   H N N 255 
LYS HB2  H N N 256 
LYS HB3  H N N 257 
LYS HG2  H N N 258 
LYS HG3  H N N 259 
LYS HD2  H N N 260 
LYS HD3  H N N 261 
LYS HE2  H N N 262 
LYS HE3  H N N 263 
LYS HZ1  H N N 264 
LYS HZ2  H N N 265 
LYS HZ3  H N N 266 
LYS HXT  H N N 267 
MET N    N N N 268 
MET CA   C N S 269 
MET C    C N N 270 
MET O    O N N 271 
MET CB   C N N 272 
MET CG   C N N 273 
MET SD   S N N 274 
MET CE   C N N 275 
MET OXT  O N N 276 
MET H    H N N 277 
MET H2   H N N 278 
MET HA   H N N 279 
MET HB2  H N N 280 
MET HB3  H N N 281 
MET HG2  H N N 282 
MET HG3  H N N 283 
MET HE1  H N N 284 
MET HE2  H N N 285 
MET HE3  H N N 286 
MET HXT  H N N 287 
PHE N    N N N 288 
PHE CA   C N S 289 
PHE C    C N N 290 
PHE O    O N N 291 
PHE CB   C N N 292 
PHE CG   C Y N 293 
PHE CD1  C Y N 294 
PHE CD2  C Y N 295 
PHE CE1  C Y N 296 
PHE CE2  C Y N 297 
PHE CZ   C Y N 298 
PHE OXT  O N N 299 
PHE H    H N N 300 
PHE H2   H N N 301 
PHE HA   H N N 302 
PHE HB2  H N N 303 
PHE HB3  H N N 304 
PHE HD1  H N N 305 
PHE HD2  H N N 306 
PHE HE1  H N N 307 
PHE HE2  H N N 308 
PHE HZ   H N N 309 
PHE HXT  H N N 310 
PRO N    N N N 311 
PRO CA   C N S 312 
PRO C    C N N 313 
PRO O    O N N 314 
PRO CB   C N N 315 
PRO CG   C N N 316 
PRO CD   C N N 317 
PRO OXT  O N N 318 
PRO H    H N N 319 
PRO HA   H N N 320 
PRO HB2  H N N 321 
PRO HB3  H N N 322 
PRO HG2  H N N 323 
PRO HG3  H N N 324 
PRO HD2  H N N 325 
PRO HD3  H N N 326 
PRO HXT  H N N 327 
SER N    N N N 328 
SER CA   C N S 329 
SER C    C N N 330 
SER O    O N N 331 
SER CB   C N N 332 
SER OG   O N N 333 
SER OXT  O N N 334 
SER H    H N N 335 
SER H2   H N N 336 
SER HA   H N N 337 
SER HB2  H N N 338 
SER HB3  H N N 339 
SER HG   H N N 340 
SER HXT  H N N 341 
THR N    N N N 342 
THR CA   C N S 343 
THR C    C N N 344 
THR O    O N N 345 
THR CB   C N R 346 
THR OG1  O N N 347 
THR CG2  C N N 348 
THR OXT  O N N 349 
THR H    H N N 350 
THR H2   H N N 351 
THR HA   H N N 352 
THR HB   H N N 353 
THR HG1  H N N 354 
THR HG21 H N N 355 
THR HG22 H N N 356 
THR HG23 H N N 357 
THR HXT  H N N 358 
TRP N    N N N 359 
TRP CA   C N S 360 
TRP C    C N N 361 
TRP O    O N N 362 
TRP CB   C N N 363 
TRP CG   C Y N 364 
TRP CD1  C Y N 365 
TRP CD2  C Y N 366 
TRP NE1  N Y N 367 
TRP CE2  C Y N 368 
TRP CE3  C Y N 369 
TRP CZ2  C Y N 370 
TRP CZ3  C Y N 371 
TRP CH2  C Y N 372 
TRP OXT  O N N 373 
TRP H    H N N 374 
TRP H2   H N N 375 
TRP HA   H N N 376 
TRP HB2  H N N 377 
TRP HB3  H N N 378 
TRP HD1  H N N 379 
TRP HE1  H N N 380 
TRP HE3  H N N 381 
TRP HZ2  H N N 382 
TRP HZ3  H N N 383 
TRP HH2  H N N 384 
TRP HXT  H N N 385 
TYR N    N N N 386 
TYR CA   C N S 387 
TYR C    C N N 388 
TYR O    O N N 389 
TYR CB   C N N 390 
TYR CG   C Y N 391 
TYR CD1  C Y N 392 
TYR CD2  C Y N 393 
TYR CE1  C Y N 394 
TYR CE2  C Y N 395 
TYR CZ   C Y N 396 
TYR OH   O N N 397 
TYR OXT  O N N 398 
TYR H    H N N 399 
TYR H2   H N N 400 
TYR HA   H N N 401 
TYR HB2  H N N 402 
TYR HB3  H N N 403 
TYR HD1  H N N 404 
TYR HD2  H N N 405 
TYR HE1  H N N 406 
TYR HE2  H N N 407 
TYR HH   H N N 408 
TYR HXT  H N N 409 
VAL N    N N N 410 
VAL CA   C N S 411 
VAL C    C N N 412 
VAL O    O N N 413 
VAL CB   C N N 414 
VAL CG1  C N N 415 
VAL CG2  C N N 416 
VAL OXT  O N N 417 
VAL H    H N N 418 
VAL H2   H N N 419 
VAL HA   H N N 420 
VAL HB   H N N 421 
VAL HG11 H N N 422 
VAL HG12 H N N 423 
VAL HG13 H N N 424 
VAL HG21 H N N 425 
VAL HG22 H N N 426 
VAL HG23 H N N 427 
VAL HXT  H N N 428 
# 
loop_
_chem_comp_bond.comp_id 
_chem_comp_bond.atom_id_1 
_chem_comp_bond.atom_id_2 
_chem_comp_bond.value_order 
_chem_comp_bond.pdbx_aromatic_flag 
_chem_comp_bond.pdbx_stereo_config 
_chem_comp_bond.pdbx_ordinal 
ALA N   CA   sing N N 1   
ALA N   H    sing N N 2   
ALA N   H2   sing N N 3   
ALA CA  C    sing N N 4   
ALA CA  CB   sing N N 5   
ALA CA  HA   sing N N 6   
ALA C   O    doub N N 7   
ALA C   OXT  sing N N 8   
ALA CB  HB1  sing N N 9   
ALA CB  HB2  sing N N 10  
ALA CB  HB3  sing N N 11  
ALA OXT HXT  sing N N 12  
ARG N   CA   sing N N 13  
ARG N   H    sing N N 14  
ARG N   H2   sing N N 15  
ARG CA  C    sing N N 16  
ARG CA  CB   sing N N 17  
ARG CA  HA   sing N N 18  
ARG C   O    doub N N 19  
ARG C   OXT  sing N N 20  
ARG CB  CG   sing N N 21  
ARG CB  HB2  sing N N 22  
ARG CB  HB3  sing N N 23  
ARG CG  CD   sing N N 24  
ARG CG  HG2  sing N N 25  
ARG CG  HG3  sing N N 26  
ARG CD  NE   sing N N 27  
ARG CD  HD2  sing N N 28  
ARG CD  HD3  sing N N 29  
ARG NE  CZ   sing N N 30  
ARG NE  HE   sing N N 31  
ARG CZ  NH1  sing N N 32  
ARG CZ  NH2  doub N N 33  
ARG NH1 HH11 sing N N 34  
ARG NH1 HH12 sing N N 35  
ARG NH2 HH21 sing N N 36  
ARG NH2 HH22 sing N N 37  
ARG OXT HXT  sing N N 38  
ASN N   CA   sing N N 39  
ASN N   H    sing N N 40  
ASN N   H2   sing N N 41  
ASN CA  C    sing N N 42  
ASN CA  CB   sing N N 43  
ASN CA  HA   sing N N 44  
ASN C   O    doub N N 45  
ASN C   OXT  sing N N 46  
ASN CB  CG   sing N N 47  
ASN CB  HB2  sing N N 48  
ASN CB  HB3  sing N N 49  
ASN CG  OD1  doub N N 50  
ASN CG  ND2  sing N N 51  
ASN ND2 HD21 sing N N 52  
ASN ND2 HD22 sing N N 53  
ASN OXT HXT  sing N N 54  
ASP N   CA   sing N N 55  
ASP N   H    sing N N 56  
ASP N   H2   sing N N 57  
ASP CA  C    sing N N 58  
ASP CA  CB   sing N N 59  
ASP CA  HA   sing N N 60  
ASP C   O    doub N N 61  
ASP C   OXT  sing N N 62  
ASP CB  CG   sing N N 63  
ASP CB  HB2  sing N N 64  
ASP CB  HB3  sing N N 65  
ASP CG  OD1  doub N N 66  
ASP CG  OD2  sing N N 67  
ASP OD2 HD2  sing N N 68  
ASP OXT HXT  sing N N 69  
CYS N   CA   sing N N 70  
CYS N   H    sing N N 71  
CYS N   H2   sing N N 72  
CYS CA  C    sing N N 73  
CYS CA  CB   sing N N 74  
CYS CA  HA   sing N N 75  
CYS C   O    doub N N 76  
CYS C   OXT  sing N N 77  
CYS CB  SG   sing N N 78  
CYS CB  HB2  sing N N 79  
CYS CB  HB3  sing N N 80  
CYS SG  HG   sing N N 81  
CYS OXT HXT  sing N N 82  
EQU C1  C2   doub Y N 83  
EQU C1  C6   sing Y N 84  
EQU C1  O1   sing N N 85  
EQU C2  C3   sing Y N 86  
EQU C2  H2   sing N N 87  
EQU C3  C4   doub Y N 88  
EQU C3  C10  sing Y N 89  
EQU C4  C5   sing Y N 90  
EQU C4  C13  sing Y N 91  
EQU C5  C6   doub Y N 92  
EQU C5  H5   sing N N 93  
EQU C6  H6   sing N N 94  
EQU C10 C11  doub Y N 95  
EQU C10 H10  sing N N 96  
EQU C11 C12  sing Y N 97  
EQU C11 H11  sing N N 98  
EQU C12 C13  doub Y N 99  
EQU C12 C16  sing N N 100 
EQU C13 C19  sing N N 101 
EQU C16 C17  sing N N 102 
EQU C16 C24  sing N N 103 
EQU C16 H16  sing N N 104 
EQU C17 C18  sing N N 105 
EQU C17 C26  sing N N 106 
EQU C17 C27  sing N N 107 
EQU C18 C19  sing N N 108 
EQU C18 H181 sing N N 109 
EQU C18 H182 sing N N 110 
EQU C19 H191 sing N N 111 
EQU C19 H192 sing N N 112 
EQU C24 C25  sing N N 113 
EQU C24 H241 sing N N 114 
EQU C24 H242 sing N N 115 
EQU C25 C26  sing N N 116 
EQU C25 H251 sing N N 117 
EQU C25 H252 sing N N 118 
EQU C26 O26  doub N N 119 
EQU C27 H271 sing N N 120 
EQU C27 H272 sing N N 121 
EQU C27 H273 sing N N 122 
EQU O1  HO1  sing N N 123 
GLN N   CA   sing N N 124 
GLN N   H    sing N N 125 
GLN N   H2   sing N N 126 
GLN CA  C    sing N N 127 
GLN CA  CB   sing N N 128 
GLN CA  HA   sing N N 129 
GLN C   O    doub N N 130 
GLN C   OXT  sing N N 131 
GLN CB  CG   sing N N 132 
GLN CB  HB2  sing N N 133 
GLN CB  HB3  sing N N 134 
GLN CG  CD   sing N N 135 
GLN CG  HG2  sing N N 136 
GLN CG  HG3  sing N N 137 
GLN CD  OE1  doub N N 138 
GLN CD  NE2  sing N N 139 
GLN NE2 HE21 sing N N 140 
GLN NE2 HE22 sing N N 141 
GLN OXT HXT  sing N N 142 
GLU N   CA   sing N N 143 
GLU N   H    sing N N 144 
GLU N   H2   sing N N 145 
GLU CA  C    sing N N 146 
GLU CA  CB   sing N N 147 
GLU CA  HA   sing N N 148 
GLU C   O    doub N N 149 
GLU C   OXT  sing N N 150 
GLU CB  CG   sing N N 151 
GLU CB  HB2  sing N N 152 
GLU CB  HB3  sing N N 153 
GLU CG  CD   sing N N 154 
GLU CG  HG2  sing N N 155 
GLU CG  HG3  sing N N 156 
GLU CD  OE1  doub N N 157 
GLU CD  OE2  sing N N 158 
GLU OE2 HE2  sing N N 159 
GLU OXT HXT  sing N N 160 
GLY N   CA   sing N N 161 
GLY N   H    sing N N 162 
GLY N   H2   sing N N 163 
GLY CA  C    sing N N 164 
GLY CA  HA2  sing N N 165 
GLY CA  HA3  sing N N 166 
GLY C   O    doub N N 167 
GLY C   OXT  sing N N 168 
GLY OXT HXT  sing N N 169 
HIS N   CA   sing N N 170 
HIS N   H    sing N N 171 
HIS N   H2   sing N N 172 
HIS CA  C    sing N N 173 
HIS CA  CB   sing N N 174 
HIS CA  HA   sing N N 175 
HIS C   O    doub N N 176 
HIS C   OXT  sing N N 177 
HIS CB  CG   sing N N 178 
HIS CB  HB2  sing N N 179 
HIS CB  HB3  sing N N 180 
HIS CG  ND1  sing Y N 181 
HIS CG  CD2  doub Y N 182 
HIS ND1 CE1  doub Y N 183 
HIS ND1 HD1  sing N N 184 
HIS CD2 NE2  sing Y N 185 
HIS CD2 HD2  sing N N 186 
HIS CE1 NE2  sing Y N 187 
HIS CE1 HE1  sing N N 188 
HIS NE2 HE2  sing N N 189 
HIS OXT HXT  sing N N 190 
HOH O   H1   sing N N 191 
HOH O   H2   sing N N 192 
ILE N   CA   sing N N 193 
ILE N   H    sing N N 194 
ILE N   H2   sing N N 195 
ILE CA  C    sing N N 196 
ILE CA  CB   sing N N 197 
ILE CA  HA   sing N N 198 
ILE C   O    doub N N 199 
ILE C   OXT  sing N N 200 
ILE CB  CG1  sing N N 201 
ILE CB  CG2  sing N N 202 
ILE CB  HB   sing N N 203 
ILE CG1 CD1  sing N N 204 
ILE CG1 HG12 sing N N 205 
ILE CG1 HG13 sing N N 206 
ILE CG2 HG21 sing N N 207 
ILE CG2 HG22 sing N N 208 
ILE CG2 HG23 sing N N 209 
ILE CD1 HD11 sing N N 210 
ILE CD1 HD12 sing N N 211 
ILE CD1 HD13 sing N N 212 
ILE OXT HXT  sing N N 213 
LEU N   CA   sing N N 214 
LEU N   H    sing N N 215 
LEU N   H2   sing N N 216 
LEU CA  C    sing N N 217 
LEU CA  CB   sing N N 218 
LEU CA  HA   sing N N 219 
LEU C   O    doub N N 220 
LEU C   OXT  sing N N 221 
LEU CB  CG   sing N N 222 
LEU CB  HB2  sing N N 223 
LEU CB  HB3  sing N N 224 
LEU CG  CD1  sing N N 225 
LEU CG  CD2  sing N N 226 
LEU CG  HG   sing N N 227 
LEU CD1 HD11 sing N N 228 
LEU CD1 HD12 sing N N 229 
LEU CD1 HD13 sing N N 230 
LEU CD2 HD21 sing N N 231 
LEU CD2 HD22 sing N N 232 
LEU CD2 HD23 sing N N 233 
LEU OXT HXT  sing N N 234 
LYS N   CA   sing N N 235 
LYS N   H    sing N N 236 
LYS N   H2   sing N N 237 
LYS CA  C    sing N N 238 
LYS CA  CB   sing N N 239 
LYS CA  HA   sing N N 240 
LYS C   O    doub N N 241 
LYS C   OXT  sing N N 242 
LYS CB  CG   sing N N 243 
LYS CB  HB2  sing N N 244 
LYS CB  HB3  sing N N 245 
LYS CG  CD   sing N N 246 
LYS CG  HG2  sing N N 247 
LYS CG  HG3  sing N N 248 
LYS CD  CE   sing N N 249 
LYS CD  HD2  sing N N 250 
LYS CD  HD3  sing N N 251 
LYS CE  NZ   sing N N 252 
LYS CE  HE2  sing N N 253 
LYS CE  HE3  sing N N 254 
LYS NZ  HZ1  sing N N 255 
LYS NZ  HZ2  sing N N 256 
LYS NZ  HZ3  sing N N 257 
LYS OXT HXT  sing N N 258 
MET N   CA   sing N N 259 
MET N   H    sing N N 260 
MET N   H2   sing N N 261 
MET CA  C    sing N N 262 
MET CA  CB   sing N N 263 
MET CA  HA   sing N N 264 
MET C   O    doub N N 265 
MET C   OXT  sing N N 266 
MET CB  CG   sing N N 267 
MET CB  HB2  sing N N 268 
MET CB  HB3  sing N N 269 
MET CG  SD   sing N N 270 
MET CG  HG2  sing N N 271 
MET CG  HG3  sing N N 272 
MET SD  CE   sing N N 273 
MET CE  HE1  sing N N 274 
MET CE  HE2  sing N N 275 
MET CE  HE3  sing N N 276 
MET OXT HXT  sing N N 277 
PHE N   CA   sing N N 278 
PHE N   H    sing N N 279 
PHE N   H2   sing N N 280 
PHE CA  C    sing N N 281 
PHE CA  CB   sing N N 282 
PHE CA  HA   sing N N 283 
PHE C   O    doub N N 284 
PHE C   OXT  sing N N 285 
PHE CB  CG   sing N N 286 
PHE CB  HB2  sing N N 287 
PHE CB  HB3  sing N N 288 
PHE CG  CD1  doub Y N 289 
PHE CG  CD2  sing Y N 290 
PHE CD1 CE1  sing Y N 291 
PHE CD1 HD1  sing N N 292 
PHE CD2 CE2  doub Y N 293 
PHE CD2 HD2  sing N N 294 
PHE CE1 CZ   doub Y N 295 
PHE CE1 HE1  sing N N 296 
PHE CE2 CZ   sing Y N 297 
PHE CE2 HE2  sing N N 298 
PHE CZ  HZ   sing N N 299 
PHE OXT HXT  sing N N 300 
PRO N   CA   sing N N 301 
PRO N   CD   sing N N 302 
PRO N   H    sing N N 303 
PRO CA  C    sing N N 304 
PRO CA  CB   sing N N 305 
PRO CA  HA   sing N N 306 
PRO C   O    doub N N 307 
PRO C   OXT  sing N N 308 
PRO CB  CG   sing N N 309 
PRO CB  HB2  sing N N 310 
PRO CB  HB3  sing N N 311 
PRO CG  CD   sing N N 312 
PRO CG  HG2  sing N N 313 
PRO CG  HG3  sing N N 314 
PRO CD  HD2  sing N N 315 
PRO CD  HD3  sing N N 316 
PRO OXT HXT  sing N N 317 
SER N   CA   sing N N 318 
SER N   H    sing N N 319 
SER N   H2   sing N N 320 
SER CA  C    sing N N 321 
SER CA  CB   sing N N 322 
SER CA  HA   sing N N 323 
SER C   O    doub N N 324 
SER C   OXT  sing N N 325 
SER CB  OG   sing N N 326 
SER CB  HB2  sing N N 327 
SER CB  HB3  sing N N 328 
SER OG  HG   sing N N 329 
SER OXT HXT  sing N N 330 
THR N   CA   sing N N 331 
THR N   H    sing N N 332 
THR N   H2   sing N N 333 
THR CA  C    sing N N 334 
THR CA  CB   sing N N 335 
THR CA  HA   sing N N 336 
THR C   O    doub N N 337 
THR C   OXT  sing N N 338 
THR CB  OG1  sing N N 339 
THR CB  CG2  sing N N 340 
THR CB  HB   sing N N 341 
THR OG1 HG1  sing N N 342 
THR CG2 HG21 sing N N 343 
THR CG2 HG22 sing N N 344 
THR CG2 HG23 sing N N 345 
THR OXT HXT  sing N N 346 
TRP N   CA   sing N N 347 
TRP N   H    sing N N 348 
TRP N   H2   sing N N 349 
TRP CA  C    sing N N 350 
TRP CA  CB   sing N N 351 
TRP CA  HA   sing N N 352 
TRP C   O    doub N N 353 
TRP C   OXT  sing N N 354 
TRP CB  CG   sing N N 355 
TRP CB  HB2  sing N N 356 
TRP CB  HB3  sing N N 357 
TRP CG  CD1  doub Y N 358 
TRP CG  CD2  sing Y N 359 
TRP CD1 NE1  sing Y N 360 
TRP CD1 HD1  sing N N 361 
TRP CD2 CE2  doub Y N 362 
TRP CD2 CE3  sing Y N 363 
TRP NE1 CE2  sing Y N 364 
TRP NE1 HE1  sing N N 365 
TRP CE2 CZ2  sing Y N 366 
TRP CE3 CZ3  doub Y N 367 
TRP CE3 HE3  sing N N 368 
TRP CZ2 CH2  doub Y N 369 
TRP CZ2 HZ2  sing N N 370 
TRP CZ3 CH2  sing Y N 371 
TRP CZ3 HZ3  sing N N 372 
TRP CH2 HH2  sing N N 373 
TRP OXT HXT  sing N N 374 
TYR N   CA   sing N N 375 
TYR N   H    sing N N 376 
TYR N   H2   sing N N 377 
TYR CA  C    sing N N 378 
TYR CA  CB   sing N N 379 
TYR CA  HA   sing N N 380 
TYR C   O    doub N N 381 
TYR C   OXT  sing N N 382 
TYR CB  CG   sing N N 383 
TYR CB  HB2  sing N N 384 
TYR CB  HB3  sing N N 385 
TYR CG  CD1  doub Y N 386 
TYR CG  CD2  sing Y N 387 
TYR CD1 CE1  sing Y N 388 
TYR CD1 HD1  sing N N 389 
TYR CD2 CE2  doub Y N 390 
TYR CD2 HD2  sing N N 391 
TYR CE1 CZ   doub Y N 392 
TYR CE1 HE1  sing N N 393 
TYR CE2 CZ   sing Y N 394 
TYR CE2 HE2  sing N N 395 
TYR CZ  OH   sing N N 396 
TYR OH  HH   sing N N 397 
TYR OXT HXT  sing N N 398 
VAL N   CA   sing N N 399 
VAL N   H    sing N N 400 
VAL N   H2   sing N N 401 
VAL CA  C    sing N N 402 
VAL CA  CB   sing N N 403 
VAL CA  HA   sing N N 404 
VAL C   O    doub N N 405 
VAL C   OXT  sing N N 406 
VAL CB  CG1  sing N N 407 
VAL CB  CG2  sing N N 408 
VAL CB  HB   sing N N 409 
VAL CG1 HG11 sing N N 410 
VAL CG1 HG12 sing N N 411 
VAL CG1 HG13 sing N N 412 
VAL CG2 HG21 sing N N 413 
VAL CG2 HG22 sing N N 414 
VAL CG2 HG23 sing N N 415 
VAL OXT HXT  sing N N 416 
# 
_atom_sites.entry_id                    1OHO 
_atom_sites.fract_transf_matrix[1][1]   -0.00185221 
_atom_sites.fract_transf_matrix[1][2]   0.00858466 
_atom_sites.fract_transf_matrix[1][3]   -0.02625408 
_atom_sites.fract_transf_matrix[2][1]   0.00306479 
_atom_sites.fract_transf_matrix[2][2]   -0.00936718 
_atom_sites.fract_transf_matrix[2][3]   -0.00327914 
_atom_sites.fract_transf_matrix[3][1]   -0.01283489 
_atom_sites.fract_transf_matrix[3][2]   -0.00405248 
_atom_sites.fract_transf_matrix[3][3]   -0.00041960 
_atom_sites.fract_transf_vector[1]      0.150594 
_atom_sites.fract_transf_vector[2]      0.620749 
_atom_sites.fract_transf_vector[3]      0.484285 
# 
loop_
_atom_type.symbol 
C 
N 
O 
S 
# 
loop_
_atom_site.group_PDB 
_atom_site.id 
_atom_site.type_symbol 
_atom_site.label_atom_id 
_atom_site.label_alt_id 
_atom_site.label_comp_id 
_atom_site.label_asym_id 
_atom_site.label_entity_id 
_atom_site.label_seq_id 
_atom_site.pdbx_PDB_ins_code 
_atom_site.Cartn_x 
_atom_site.Cartn_y 
_atom_site.Cartn_z 
_atom_site.occupancy 
_atom_site.B_iso_or_equiv 
_atom_site.pdbx_formal_charge 
_atom_site.auth_seq_id 
_atom_site.auth_comp_id 
_atom_site.auth_asym_id 
_atom_site.auth_atom_id 
_atom_site.pdbx_PDB_model_num 
ATOM   1    N N   . ASN A 1 2   ? -17.812 -5.168  -9.130  1.00 45.50 ? 2    ASN A N   1 
ATOM   2    C CA  . ASN A 1 2   ? -18.080 -3.768  -9.574  1.00 44.69 ? 2    ASN A CA  1 
ATOM   3    C C   . ASN A 1 2   ? -17.279 -2.797  -8.715  1.00 43.52 ? 2    ASN A C   1 
ATOM   4    O O   . ASN A 1 2   ? -16.444 -3.218  -7.910  1.00 44.03 ? 2    ASN A O   1 
ATOM   5    C CB  . ASN A 1 2   ? -19.575 -3.465  -9.466  1.00 45.79 ? 2    ASN A CB  1 
ATOM   6    N N   . LEU A 1 3   ? -17.524 -1.500  -8.889  1.00 41.42 ? 3    LEU A N   1 
ATOM   7    C CA  . LEU A 1 3   ? -16.814 -0.492  -8.107  1.00 37.82 ? 3    LEU A CA  1 
ATOM   8    C C   . LEU A 1 3   ? -17.136 -0.755  -6.641  1.00 34.80 ? 3    LEU A C   1 
ATOM   9    O O   . LEU A 1 3   ? -18.286 -0.637  -6.223  1.00 34.20 ? 3    LEU A O   1 
ATOM   10   C CB  . LEU A 1 3   ? -17.270 0.914   -8.501  1.00 38.88 ? 3    LEU A CB  1 
ATOM   11   C CG  . LEU A 1 3   ? -16.336 2.046   -8.068  1.00 38.11 ? 3    LEU A CG  1 
ATOM   12   C CD1 . LEU A 1 3   ? -14.961 1.816   -8.676  1.00 38.97 ? 3    LEU A CD1 1 
ATOM   13   C CD2 . LEU A 1 3   ? -16.893 3.388   -8.514  1.00 38.51 ? 3    LEU A CD2 1 
ATOM   14   N N   . PRO A 1 4   ? -16.121 -1.114  -5.840  1.00 32.27 ? 4    PRO A N   1 
ATOM   15   C CA  . PRO A 1 4   ? -16.340 -1.395  -4.418  1.00 29.40 ? 4    PRO A CA  1 
ATOM   16   C C   . PRO A 1 4   ? -17.061 -0.305  -3.630  1.00 27.34 ? 4    PRO A C   1 
ATOM   17   O O   . PRO A 1 4   ? -16.838 0.886   -3.840  1.00 25.33 ? 4    PRO A O   1 
ATOM   18   C CB  . PRO A 1 4   ? -14.925 -1.662  -3.895  1.00 30.11 ? 4    PRO A CB  1 
ATOM   19   C CG  . PRO A 1 4   ? -14.069 -0.843  -4.798  1.00 31.64 ? 4    PRO A CG  1 
ATOM   20   C CD  . PRO A 1 4   ? -14.681 -1.099  -6.153  1.00 31.50 ? 4    PRO A CD  1 
ATOM   21   N N   . THR A 1 5   ? -17.943 -0.735  -2.733  1.00 25.97 ? 5    THR A N   1 
ATOM   22   C CA  . THR A 1 5   ? -18.692 0.174   -1.877  1.00 24.41 ? 5    THR A CA  1 
ATOM   23   C C   . THR A 1 5   ? -17.729 0.634   -0.786  1.00 23.65 ? 5    THR A C   1 
ATOM   24   O O   . THR A 1 5   ? -16.612 0.127   -0.696  1.00 22.13 ? 5    THR A O   1 
ATOM   25   C CB  . THR A 1 5   ? -19.877 -0.544  -1.200  1.00 24.15 ? 5    THR A CB  1 
ATOM   26   O OG1 . THR A 1 5   ? -19.381 -1.614  -0.386  1.00 23.38 ? 5    THR A OG1 1 
ATOM   27   C CG2 . THR A 1 5   ? -20.826 -1.114  -2.241  1.00 25.13 ? 5    THR A CG2 1 
ATOM   28   N N   . ALA A 1 6   ? -18.157 1.581   0.042   1.00 23.40 ? 6    ALA A N   1 
ATOM   29   C CA  . ALA A 1 6   ? -17.306 2.080   1.119   1.00 22.57 ? 6    ALA A CA  1 
ATOM   30   C C   . ALA A 1 6   ? -16.889 0.938   2.049   1.00 22.49 ? 6    ALA A C   1 
ATOM   31   O O   . ALA A 1 6   ? -15.728 0.855   2.460   1.00 20.48 ? 6    ALA A O   1 
ATOM   32   C CB  . ALA A 1 6   ? -18.036 3.166   1.902   1.00 25.04 ? 6    ALA A CB  1 
ATOM   33   N N   . GLN A 1 7   ? -17.832 0.053   2.370   1.00 21.57 ? 7    GLN A N   1 
ATOM   34   C CA  . GLN A 1 7   ? -17.549 -1.081  3.245   1.00 23.01 ? 7    GLN A CA  1 
ATOM   35   C C   . GLN A 1 7   ? -16.552 -2.037  2.603   1.00 21.14 ? 7    GLN A C   1 
ATOM   36   O O   . GLN A 1 7   ? -15.693 -2.600  3.282   1.00 22.22 ? 7    GLN A O   1 
ATOM   37   C CB  . GLN A 1 7   ? -18.835 -1.850  3.575   1.00 26.89 ? 7    GLN A CB  1 
ATOM   38   C CG  . GLN A 1 7   ? -19.851 -1.045  4.369   1.00 33.36 ? 7    GLN A CG  1 
ATOM   39   C CD  . GLN A 1 7   ? -21.028 -1.883  4.842   1.00 38.09 ? 7    GLN A CD  1 
ATOM   40   O OE1 . GLN A 1 7   ? -21.943 -1.374  5.495   1.00 41.88 ? 7    GLN A OE1 1 
ATOM   41   N NE2 . GLN A 1 7   ? -21.012 -3.174  4.518   1.00 38.59 ? 7    GLN A NE2 1 
ATOM   42   N N   . GLU A 1 8   ? -16.680 -2.225  1.295   1.00 20.76 ? 8    GLU A N   1 
ATOM   43   C CA  . GLU A 1 8   ? -15.787 -3.111  0.563   1.00 20.93 ? 8    GLU A CA  1 
ATOM   44   C C   . GLU A 1 8   ? -14.380 -2.523  0.472   1.00 19.51 ? 8    GLU A C   1 
ATOM   45   O O   . GLU A 1 8   ? -13.394 -3.257  0.526   1.00 21.43 ? 8    GLU A O   1 
ATOM   46   C CB  . GLU A 1 8   ? -16.350 -3.386  -0.831  1.00 23.03 ? 8    GLU A CB  1 
ATOM   47   C CG  . GLU A 1 8   ? -17.529 -4.357  -0.810  1.00 26.01 ? 8    GLU A CG  1 
ATOM   48   C CD  . GLU A 1 8   ? -18.191 -4.524  -2.164  1.00 29.86 ? 8    GLU A CD  1 
ATOM   49   O OE1 . GLU A 1 8   ? -19.000 -5.468  -2.313  1.00 32.93 ? 8    GLU A OE1 1 
ATOM   50   O OE2 . GLU A 1 8   ? -17.912 -3.718  -3.073  1.00 29.33 ? 8    GLU A OE2 1 
ATOM   51   N N   . VAL A 1 9   ? -14.290 -1.203  0.335   1.00 17.20 ? 9    VAL A N   1 
ATOM   52   C CA  . VAL A 1 9   ? -12.988 -0.541  0.272   1.00 17.39 ? 9    VAL A CA  1 
ATOM   53   C C   . VAL A 1 9   ? -12.276 -0.753  1.608   1.00 18.51 ? 9    VAL A C   1 
ATOM   54   O O   . VAL A 1 9   ? -11.070 -0.992  1.643   1.00 17.83 ? 9    VAL A O   1 
ATOM   55   C CB  . VAL A 1 9   ? -13.136 0.979   -0.012  1.00 17.92 ? 9    VAL A CB  1 
ATOM   56   C CG1 . VAL A 1 9   ? -11.784 1.690   0.167   1.00 15.60 ? 9    VAL A CG1 1 
ATOM   57   C CG2 . VAL A 1 9   ? -13.640 1.192   -1.440  1.00 15.79 ? 9    VAL A CG2 1 
ATOM   58   N N   . GLN A 1 10  ? -13.027 -0.677  2.708   1.00 19.21 ? 10   GLN A N   1 
ATOM   59   C CA  . GLN A 1 10  ? -12.445 -0.885  4.032   1.00 18.92 ? 10   GLN A CA  1 
ATOM   60   C C   . GLN A 1 10  ? -11.870 -2.290  4.146   1.00 17.83 ? 10   GLN A C   1 
ATOM   61   O O   . GLN A 1 10  ? -10.806 -2.487  4.728   1.00 19.47 ? 10   GLN A O   1 
ATOM   62   C CB  . GLN A 1 10  ? -13.491 -0.672  5.139   1.00 21.27 ? 10   GLN A CB  1 
ATOM   63   C CG  . GLN A 1 10  ? -13.688 0.787   5.540   1.00 23.88 ? 10   GLN A CG  1 
ATOM   64   C CD  . GLN A 1 10  ? -14.479 0.940   6.831   1.00 27.09 ? 10   GLN A CD  1 
ATOM   65   O OE1 . GLN A 1 10  ? -14.228 1.857   7.616   1.00 27.44 ? 10   GLN A OE1 1 
ATOM   66   N NE2 . GLN A 1 10  ? -15.441 0.047   7.052   1.00 22.69 ? 10   GLN A NE2 1 
ATOM   67   N N   . GLY A 1 11  ? -12.578 -3.267  3.585   1.00 18.79 ? 11   GLY A N   1 
ATOM   68   C CA  . GLY A 1 11  ? -12.109 -4.639  3.631   1.00 18.55 ? 11   GLY A CA  1 
ATOM   69   C C   . GLY A 1 11  ? -10.893 -4.881  2.752   1.00 17.86 ? 11   GLY A C   1 
ATOM   70   O O   . GLY A 1 11  ? -9.938  -5.546  3.164   1.00 17.78 ? 11   GLY A O   1 
ATOM   71   N N   . LEU A 1 12  ? -10.921 -4.345  1.537   1.00 16.99 ? 12   LEU A N   1 
ATOM   72   C CA  . LEU A 1 12  ? -9.808  -4.513  0.607   1.00 16.79 ? 12   LEU A CA  1 
ATOM   73   C C   . LEU A 1 12  ? -8.518  -3.892  1.121   1.00 15.86 ? 12   LEU A C   1 
ATOM   74   O O   . LEU A 1 12  ? -7.448  -4.497  1.031   1.00 15.66 ? 12   LEU A O   1 
ATOM   75   C CB  . LEU A 1 12  ? -10.156 -3.896  -0.745  1.00 16.17 ? 12   LEU A CB  1 
ATOM   76   C CG  . LEU A 1 12  ? -11.210 -4.653  -1.552  1.00 19.59 ? 12   LEU A CG  1 
ATOM   77   C CD1 . LEU A 1 12  ? -11.661 -3.804  -2.735  1.00 19.51 ? 12   LEU A CD1 1 
ATOM   78   C CD2 . LEU A 1 12  ? -10.632 -5.983  -2.012  1.00 21.42 ? 12   LEU A CD2 1 
ATOM   79   N N   . MET A 1 13  ? -8.616  -2.681  1.654   1.00 14.96 ? 13   MET A N   1 
ATOM   80   C CA  . MET A 1 13  ? -7.433  -1.999  2.153   1.00 15.33 ? 13   MET A CA  1 
ATOM   81   C C   . MET A 1 13  ? -6.871  -2.681  3.386   1.00 14.65 ? 13   MET A C   1 
ATOM   82   O O   . MET A 1 13  ? -5.658  -2.723  3.570   1.00 15.02 ? 13   MET A O   1 
ATOM   83   C CB  . MET A 1 13  ? -7.745  -0.519  2.410   1.00 14.84 ? 13   MET A CB  1 
ATOM   84   C CG  . MET A 1 13  ? -8.017  0.229   1.097   1.00 14.18 ? 13   MET A CG  1 
ATOM   85   S SD  . MET A 1 13  ? -8.242  2.005   1.210   1.00 17.44 ? 13   MET A SD  1 
ATOM   86   C CE  . MET A 1 13  ? -6.549  2.577   1.491   1.00 15.24 ? 13   MET A CE  1 
ATOM   87   N N   . ALA A 1 14  ? -7.745  -3.235  4.221   1.00 14.23 ? 14   ALA A N   1 
ATOM   88   C CA  . ALA A 1 14  ? -7.282  -3.940  5.415   1.00 15.30 ? 14   ALA A CA  1 
ATOM   89   C C   . ALA A 1 14  ? -6.570  -5.224  4.979   1.00 16.09 ? 14   ALA A C   1 
ATOM   90   O O   . ALA A 1 14  ? -5.549  -5.614  5.554   1.00 16.03 ? 14   ALA A O   1 
ATOM   91   C CB  . ALA A 1 14  ? -8.472  -4.272  6.340   1.00 16.45 ? 14   ALA A CB  1 
ATOM   92   N N   . ARG A 1 15  ? -7.101  -5.881  3.952   1.00 16.35 ? 15   ARG A N   1 
ATOM   93   C CA  . ARG A 1 15  ? -6.477  -7.108  3.465   1.00 17.78 ? 15   ARG A CA  1 
ATOM   94   C C   . ARG A 1 15  ? -5.092  -6.805  2.907   1.00 15.93 ? 15   ARG A C   1 
ATOM   95   O O   . ARG A 1 15  ? -4.152  -7.571  3.100   1.00 15.66 ? 15   ARG A O   1 
ATOM   96   C CB  . ARG A 1 15  ? -7.319  -7.768  2.373   1.00 19.23 ? 15   ARG A CB  1 
ATOM   97   C CG  . ARG A 1 15  ? -6.647  -9.018  1.816   1.00 22.08 ? 15   ARG A CG  1 
ATOM   98   C CD  . ARG A 1 15  ? -7.577  -9.851  0.952   1.00 29.15 ? 15   ARG A CD  1 
ATOM   99   N NE  . ARG A 1 15  ? -6.910  -11.068 0.486   1.00 32.99 ? 15   ARG A NE  1 
ATOM   100  C CZ  . ARG A 1 15  ? -6.416  -11.226 -0.737  1.00 37.10 ? 15   ARG A CZ  1 
ATOM   101  N NH1 . ARG A 1 15  ? -6.517  -10.247 -1.628  1.00 37.70 ? 15   ARG A NH1 1 
ATOM   102  N NH2 . ARG A 1 15  ? -5.812  -12.362 -1.071  1.00 36.65 ? 15   ARG A NH2 1 
ATOM   103  N N   . PHE A 1 16  ? -4.979  -5.682  2.209   1.00 16.15 ? 16   PHE A N   1 
ATOM   104  C CA  . PHE A 1 16  ? -3.707  -5.263  1.627   1.00 15.60 ? 16   PHE A CA  1 
ATOM   105  C C   . PHE A 1 16  ? -2.590  -5.220  2.681   1.00 15.94 ? 16   PHE A C   1 
ATOM   106  O O   . PHE A 1 16  ? -1.494  -5.745  2.464   1.00 14.69 ? 16   PHE A O   1 
ATOM   107  C CB  . PHE A 1 16  ? -3.868  -3.881  0.988   1.00 15.69 ? 16   PHE A CB  1 
ATOM   108  C CG  . PHE A 1 16  ? -2.609  -3.358  0.359   1.00 18.04 ? 16   PHE A CG  1 
ATOM   109  C CD1 . PHE A 1 16  ? -2.182  -3.837  -0.874  1.00 17.61 ? 16   PHE A CD1 1 
ATOM   110  C CD2 . PHE A 1 16  ? -1.836  -2.407  1.015   1.00 18.34 ? 16   PHE A CD2 1 
ATOM   111  C CE1 . PHE A 1 16  ? -0.995  -3.379  -1.446  1.00 18.77 ? 16   PHE A CE1 1 
ATOM   112  C CE2 . PHE A 1 16  ? -0.646  -1.939  0.451   1.00 18.44 ? 16   PHE A CE2 1 
ATOM   113  C CZ  . PHE A 1 16  ? -0.228  -2.429  -0.783  1.00 20.08 ? 16   PHE A CZ  1 
ATOM   114  N N   . ILE A 1 17  ? -2.867  -4.586  3.818   1.00 16.55 ? 17   ILE A N   1 
ATOM   115  C CA  . ILE A 1 17  ? -1.883  -4.480  4.891   1.00 16.16 ? 17   ILE A CA  1 
ATOM   116  C C   . ILE A 1 17  ? -1.511  -5.858  5.442   1.00 16.54 ? 17   ILE A C   1 
ATOM   117  O O   . ILE A 1 17  ? -0.347  -6.111  5.762   1.00 16.09 ? 17   ILE A O   1 
ATOM   118  C CB  . ILE A 1 17  ? -2.405  -3.590  6.045   1.00 18.22 ? 17   ILE A CB  1 
ATOM   119  C CG1 . ILE A 1 17  ? -2.496  -2.137  5.576   1.00 18.54 ? 17   ILE A CG1 1 
ATOM   120  C CG2 . ILE A 1 17  ? -1.459  -3.670  7.249   1.00 20.14 ? 17   ILE A CG2 1 
ATOM   121  C CD1 . ILE A 1 17  ? -1.159  -1.549  5.163   1.00 21.26 ? 17   ILE A CD1 1 
ATOM   122  N N   . GLU A 1 18  ? -2.496  -6.744  5.553   1.00 16.69 ? 18   GLU A N   1 
ATOM   123  C CA  . GLU A 1 18  ? -2.236  -8.093  6.050   1.00 19.91 ? 18   GLU A CA  1 
ATOM   124  C C   . GLU A 1 18  ? -1.295  -8.820  5.097   1.00 19.08 ? 18   GLU A C   1 
ATOM   125  O O   . GLU A 1 18  ? -0.390  -9.532  5.531   1.00 18.79 ? 18   GLU A O   1 
ATOM   126  C CB  . GLU A 1 18  ? -3.539  -8.887  6.185   1.00 23.03 ? 18   GLU A CB  1 
ATOM   127  C CG  . GLU A 1 18  ? -4.430  -8.425  7.328   1.00 32.69 ? 18   GLU A CG  1 
ATOM   128  C CD  . GLU A 1 18  ? -5.647  -9.318  7.512   1.00 36.43 ? 18   GLU A CD  1 
ATOM   129  O OE1 . GLU A 1 18  ? -6.445  -9.450  6.559   1.00 39.56 ? 18   GLU A OE1 1 
ATOM   130  O OE2 . GLU A 1 18  ? -5.805  -9.892  8.611   1.00 40.75 ? 18   GLU A OE2 1 
ATOM   131  N N   . LEU A 1 19  ? -1.503  -8.636  3.795   1.00 16.94 ? 19   LEU A N   1 
ATOM   132  C CA  . LEU A 1 19  ? -0.647  -9.281  2.805   1.00 17.71 ? 19   LEU A CA  1 
ATOM   133  C C   . LEU A 1 19  ? 0.768   -8.727  2.878   1.00 17.81 ? 19   LEU A C   1 
ATOM   134  O O   . LEU A 1 19  ? 1.746   -9.469  2.737   1.00 17.43 ? 19   LEU A O   1 
ATOM   135  C CB  . LEU A 1 19  ? -1.217  -9.091  1.398   1.00 18.42 ? 19   LEU A CB  1 
ATOM   136  C CG  . LEU A 1 19  ? -2.508  -9.857  1.110   1.00 19.17 ? 19   LEU A CG  1 
ATOM   137  C CD1 . LEU A 1 19  ? -2.929  -9.614  -0.334  1.00 20.44 ? 19   LEU A CD1 1 
ATOM   138  C CD2 . LEU A 1 19  ? -2.286  -11.351 1.359   1.00 19.03 ? 19   LEU A CD2 1 
ATOM   139  N N   . VAL A 1 20  ? 0.883   -7.418  3.091   1.00 16.99 ? 20   VAL A N   1 
ATOM   140  C CA  . VAL A 1 20  ? 2.192   -6.789  3.207   1.00 16.07 ? 20   VAL A CA  1 
ATOM   141  C C   . VAL A 1 20  ? 2.885   -7.315  4.462   1.00 17.55 ? 20   VAL A C   1 
ATOM   142  O O   . VAL A 1 20  ? 4.085   -7.607  4.447   1.00 17.82 ? 20   VAL A O   1 
ATOM   143  C CB  . VAL A 1 20  ? 2.078   -5.253  3.315   1.00 17.43 ? 20   VAL A CB  1 
ATOM   144  C CG1 . VAL A 1 20  ? 3.424   -4.655  3.727   1.00 18.04 ? 20   VAL A CG1 1 
ATOM   145  C CG2 . VAL A 1 20  ? 1.635   -4.674  1.985   1.00 19.03 ? 20   VAL A CG2 1 
ATOM   146  N N   . ASP A 1 21  ? 2.121   -7.443  5.542   1.00 16.11 ? 21   ASP A N   1 
ATOM   147  C CA  . ASP A 1 21  ? 2.665   -7.928  6.805   1.00 19.94 ? 21   ASP A CA  1 
ATOM   148  C C   . ASP A 1 21  ? 3.246   -9.342  6.688   1.00 21.12 ? 21   ASP A C   1 
ATOM   149  O O   . ASP A 1 21  ? 4.363   -9.588  7.144   1.00 20.02 ? 21   ASP A O   1 
ATOM   150  C CB  . ASP A 1 21  ? 1.590   -7.893  7.895   1.00 19.58 ? 21   ASP A CB  1 
ATOM   151  C CG  . ASP A 1 21  ? 2.134   -8.278  9.266   1.00 23.36 ? 21   ASP A CG  1 
ATOM   152  O OD1 . ASP A 1 21  ? 3.096   -7.632  9.741   1.00 21.16 ? 21   ASP A OD1 1 
ATOM   153  O OD2 . ASP A 1 21  ? 1.600   -9.229  9.868   1.00 25.47 ? 21   ASP A OD2 1 
ATOM   154  N N   . VAL A 1 22  ? 2.504   -10.266 6.076   1.00 21.21 ? 22   VAL A N   1 
ATOM   155  C CA  . VAL A 1 22  ? 3.005   -11.637 5.926   1.00 21.87 ? 22   VAL A CA  1 
ATOM   156  C C   . VAL A 1 22  ? 4.046   -11.718 4.815   1.00 21.65 ? 22   VAL A C   1 
ATOM   157  O O   . VAL A 1 22  ? 4.890   -12.615 4.800   1.00 20.61 ? 22   VAL A O   1 
ATOM   158  C CB  . VAL A 1 22  ? 1.867   -12.643 5.631   1.00 22.98 ? 22   VAL A CB  1 
ATOM   159  C CG1 . VAL A 1 22  ? 0.862   -12.621 6.757   1.00 27.51 ? 22   VAL A CG1 1 
ATOM   160  C CG2 . VAL A 1 22  ? 1.193   -12.319 4.310   1.00 25.16 ? 22   VAL A CG2 1 
ATOM   161  N N   . GLY A 1 23  ? 3.986   -10.772 3.882   1.00 20.02 ? 23   GLY A N   1 
ATOM   162  C CA  . GLY A 1 23  ? 4.950   -10.748 2.800   1.00 18.87 ? 23   GLY A CA  1 
ATOM   163  C C   . GLY A 1 23  ? 4.665   -11.664 1.623   1.00 18.57 ? 23   GLY A C   1 
ATOM   164  O O   . GLY A 1 23  ? 5.598   -12.205 1.029   1.00 20.36 ? 23   GLY A O   1 
ATOM   165  N N   . ASP A 1 24  ? 3.393   -11.850 1.281   1.00 18.17 ? 24   ASP A N   1 
ATOM   166  C CA  . ASP A 1 24  ? 3.038   -12.696 0.144   1.00 17.15 ? 24   ASP A CA  1 
ATOM   167  C C   . ASP A 1 24  ? 3.076   -11.809 -1.104  1.00 17.99 ? 24   ASP A C   1 
ATOM   168  O O   . ASP A 1 24  ? 2.061   -11.229 -1.502  1.00 14.58 ? 24   ASP A O   1 
ATOM   169  C CB  . ASP A 1 24  ? 1.636   -13.285 0.330   1.00 18.23 ? 24   ASP A CB  1 
ATOM   170  C CG  . ASP A 1 24  ? 1.362   -14.448 -0.612  1.00 19.91 ? 24   ASP A CG  1 
ATOM   171  O OD1 . ASP A 1 24  ? 1.758   -14.364 -1.792  1.00 20.52 ? 24   ASP A OD1 1 
ATOM   172  O OD2 . ASP A 1 24  ? 0.744   -15.443 -0.179  1.00 20.59 ? 24   ASP A OD2 1 
ATOM   173  N N   . ILE A 1 25  ? 4.254   -11.704 -1.710  1.00 17.60 ? 25   ILE A N   1 
ATOM   174  C CA  . ILE A 1 25  ? 4.445   -10.856 -2.888  1.00 19.34 ? 25   ILE A CA  1 
ATOM   175  C C   . ILE A 1 25  ? 3.470   -11.114 -4.034  1.00 19.95 ? 25   ILE A C   1 
ATOM   176  O O   . ILE A 1 25  ? 2.906   -10.171 -4.595  1.00 20.48 ? 25   ILE A O   1 
ATOM   177  C CB  . ILE A 1 25  ? 5.904   -10.962 -3.396  1.00 21.81 ? 25   ILE A CB  1 
ATOM   178  C CG1 . ILE A 1 25  ? 6.844   -10.402 -2.323  1.00 23.24 ? 25   ILE A CG1 1 
ATOM   179  C CG2 . ILE A 1 25  ? 6.081   -10.184 -4.698  1.00 23.24 ? 25   ILE A CG2 1 
ATOM   180  C CD1 . ILE A 1 25  ? 8.300   -10.737 -2.531  1.00 28.09 ? 25   ILE A CD1 1 
ATOM   181  N N   . GLU A 1 26  ? 3.255   -12.378 -4.377  1.00 18.71 ? 26   GLU A N   1 
ATOM   182  C CA  . GLU A 1 26  ? 2.338   -12.707 -5.461  1.00 19.47 ? 26   GLU A CA  1 
ATOM   183  C C   . GLU A 1 26  ? 0.896   -12.276 -5.169  1.00 18.23 ? 26   GLU A C   1 
ATOM   184  O O   . GLU A 1 26  ? 0.187   -11.805 -6.063  1.00 14.09 ? 26   GLU A O   1 
ATOM   185  C CB  . GLU A 1 26  ? 2.404   -14.210 -5.755  1.00 23.27 ? 26   GLU A CB  1 
ATOM   186  C CG  . GLU A 1 26  ? 3.770   -14.647 -6.287  1.00 28.76 ? 26   GLU A CG  1 
ATOM   187  C CD  . GLU A 1 26  ? 3.896   -16.154 -6.461  1.00 33.81 ? 26   GLU A CD  1 
ATOM   188  O OE1 . GLU A 1 26  ? 4.952   -16.607 -6.960  1.00 35.02 ? 26   GLU A OE1 1 
ATOM   189  O OE2 . GLU A 1 26  ? 2.945   -16.882 -6.097  1.00 35.56 ? 26   GLU A OE2 1 
ATOM   190  N N   . ALA A 1 27  ? 0.462   -12.434 -3.920  1.00 15.55 ? 27   ALA A N   1 
ATOM   191  C CA  . ALA A 1 27  ? -0.894  -12.048 -3.538  1.00 16.09 ? 27   ALA A CA  1 
ATOM   192  C C   . ALA A 1 27  ? -1.040  -10.522 -3.550  1.00 15.51 ? 27   ALA A C   1 
ATOM   193  O O   . ALA A 1 27  ? -2.106  -9.988  -3.880  1.00 16.25 ? 27   ALA A O   1 
ATOM   194  C CB  . ALA A 1 27  ? -1.232  -12.606 -2.142  1.00 15.70 ? 27   ALA A CB  1 
ATOM   195  N N   . ILE A 1 28  ? 0.030   -9.822  -3.189  1.00 15.13 ? 28   ILE A N   1 
ATOM   196  C CA  . ILE A 1 28  ? 0.022   -8.358  -3.175  1.00 16.36 ? 28   ILE A CA  1 
ATOM   197  C C   . ILE A 1 28  ? -0.122  -7.827  -4.606  1.00 16.67 ? 28   ILE A C   1 
ATOM   198  O O   . ILE A 1 28  ? -0.947  -6.954  -4.889  1.00 15.38 ? 28   ILE A O   1 
ATOM   199  C CB  . ILE A 1 28  ? 1.339   -7.795  -2.582  1.00 16.09 ? 28   ILE A CB  1 
ATOM   200  C CG1 . ILE A 1 28  ? 1.409   -8.095  -1.080  1.00 18.71 ? 28   ILE A CG1 1 
ATOM   201  C CG2 . ILE A 1 28  ? 1.430   -6.290  -2.838  1.00 17.82 ? 28   ILE A CG2 1 
ATOM   202  C CD1 . ILE A 1 28  ? 2.689   -7.603  -0.421  1.00 21.12 ? 28   ILE A CD1 1 
ATOM   203  N N   . VAL A 1 29  ? 0.686   -8.371  -5.504  1.00 15.37 ? 29   VAL A N   1 
ATOM   204  C CA  . VAL A 1 29  ? 0.667   -7.956  -6.899  1.00 16.92 ? 29   VAL A CA  1 
ATOM   205  C C   . VAL A 1 29  ? -0.694  -8.196  -7.553  1.00 16.93 ? 29   VAL A C   1 
ATOM   206  O O   . VAL A 1 29  ? -1.144  -7.386  -8.359  1.00 15.42 ? 29   VAL A O   1 
ATOM   207  C CB  . VAL A 1 29  ? 1.769   -8.691  -7.694  1.00 18.64 ? 29   VAL A CB  1 
ATOM   208  C CG1 . VAL A 1 29  ? 1.693   -8.316  -9.169  1.00 19.68 ? 29   VAL A CG1 1 
ATOM   209  C CG2 . VAL A 1 29  ? 3.140   -8.334  -7.114  1.00 21.11 ? 29   VAL A CG2 1 
ATOM   210  N N   . GLN A 1 30  ? -1.350  -9.298  -7.199  1.00 16.53 ? 30   GLN A N   1 
ATOM   211  C CA  . GLN A 1 30  ? -2.662  -9.629  -7.766  1.00 18.88 ? 30   GLN A CA  1 
ATOM   212  C C   . GLN A 1 30  ? -3.766  -8.652  -7.364  1.00 16.78 ? 30   GLN A C   1 
ATOM   213  O O   . GLN A 1 30  ? -4.827  -8.605  -7.998  1.00 16.07 ? 30   GLN A O   1 
ATOM   214  C CB  . GLN A 1 30  ? -3.076  -11.048 -7.367  1.00 23.43 ? 30   GLN A CB  1 
ATOM   215  C CG  . GLN A 1 30  ? -2.295  -12.143 -8.063  1.00 33.11 ? 30   GLN A CG  1 
ATOM   216  C CD  . GLN A 1 30  ? -2.915  -13.511 -7.858  1.00 38.49 ? 30   GLN A CD  1 
ATOM   217  O OE1 . GLN A 1 30  ? -4.107  -13.704 -8.104  1.00 42.30 ? 30   GLN A OE1 1 
ATOM   218  N NE2 . GLN A 1 30  ? -2.111  -14.471 -7.411  1.00 40.46 ? 30   GLN A NE2 1 
ATOM   219  N N   . MET A 1 31  ? -3.531  -7.882  -6.308  1.00 14.28 ? 31   MET A N   1 
ATOM   220  C CA  . MET A 1 31  ? -4.523  -6.909  -5.876  1.00 15.37 ? 31   MET A CA  1 
ATOM   221  C C   . MET A 1 31  ? -4.494  -5.668  -6.753  1.00 15.70 ? 31   MET A C   1 
ATOM   222  O O   . MET A 1 31  ? -5.431  -4.877  -6.723  1.00 13.79 ? 31   MET A O   1 
ATOM   223  C CB  . MET A 1 31  ? -4.292  -6.491  -4.420  1.00 17.17 ? 31   MET A CB  1 
ATOM   224  C CG  . MET A 1 31  ? -4.738  -7.532  -3.403  1.00 22.83 ? 31   MET A CG  1 
ATOM   225  S SD  . MET A 1 31  ? -4.938  -6.801  -1.769  1.00 24.26 ? 31   MET A SD  1 
ATOM   226  C CE  . MET A 1 31  ? -6.538  -5.994  -1.955  1.00 22.32 ? 31   MET A CE  1 
ATOM   227  N N   . TYR A 1 32  ? -3.411  -5.492  -7.511  1.00 13.20 ? 32   TYR A N   1 
ATOM   228  C CA  . TYR A 1 32  ? -3.264  -4.338  -8.397  1.00 13.67 ? 32   TYR A CA  1 
ATOM   229  C C   . TYR A 1 32  ? -3.779  -4.619  -9.805  1.00 15.05 ? 32   TYR A C   1 
ATOM   230  O O   . TYR A 1 32  ? -3.724  -5.757  -10.280 1.00 14.17 ? 32   TYR A O   1 
ATOM   231  C CB  . TYR A 1 32  ? -1.790  -3.923  -8.518  1.00 14.19 ? 32   TYR A CB  1 
ATOM   232  C CG  . TYR A 1 32  ? -1.216  -3.195  -7.326  1.00 13.89 ? 32   TYR A CG  1 
ATOM   233  C CD1 . TYR A 1 32  ? -0.552  -3.882  -6.310  1.00 15.48 ? 32   TYR A CD1 1 
ATOM   234  C CD2 . TYR A 1 32  ? -1.326  -1.810  -7.221  1.00 15.81 ? 32   TYR A CD2 1 
ATOM   235  C CE1 . TYR A 1 32  ? -0.007  -3.199  -5.217  1.00 15.30 ? 32   TYR A CE1 1 
ATOM   236  C CE2 . TYR A 1 32  ? -0.789  -1.125  -6.137  1.00 15.63 ? 32   TYR A CE2 1 
ATOM   237  C CZ  . TYR A 1 32  ? -0.128  -1.821  -5.143  1.00 17.25 ? 32   TYR A CZ  1 
ATOM   238  O OH  . TYR A 1 32  ? 0.425   -1.123  -4.090  1.00 17.95 ? 32   TYR A OH  1 
ATOM   239  N N   . ALA A 1 33  ? -4.278  -3.582  -10.471 1.00 15.22 ? 33   ALA A N   1 
ATOM   240  C CA  . ALA A 1 33  ? -4.744  -3.730  -11.847 1.00 16.85 ? 33   ALA A CA  1 
ATOM   241  C C   . ALA A 1 33  ? -3.461  -3.990  -12.635 1.00 17.21 ? 33   ALA A C   1 
ATOM   242  O O   . ALA A 1 33  ? -2.377  -3.613  -12.183 1.00 14.10 ? 33   ALA A O   1 
ATOM   243  C CB  . ALA A 1 33  ? -5.413  -2.445  -12.323 1.00 17.12 ? 33   ALA A CB  1 
ATOM   244  N N   . ASP A 1 34  ? -3.568  -4.623  -13.801 1.00 17.70 ? 34   ASP A N   1 
ATOM   245  C CA  . ASP A 1 34  ? -2.368  -4.940  -14.579 1.00 19.03 ? 34   ASP A CA  1 
ATOM   246  C C   . ASP A 1 34  ? -1.552  -3.718  -14.979 1.00 18.75 ? 34   ASP A C   1 
ATOM   247  O O   . ASP A 1 34  ? -0.328  -3.798  -15.106 1.00 19.36 ? 34   ASP A O   1 
ATOM   248  C CB  . ASP A 1 34  ? -2.728  -5.758  -15.831 1.00 20.11 ? 34   ASP A CB  1 
ATOM   249  C CG  . ASP A 1 34  ? -3.618  -4.994  -16.800 1.00 23.48 ? 34   ASP A CG  1 
ATOM   250  O OD1 . ASP A 1 34  ? -4.852  -4.996  -16.612 1.00 24.16 ? 34   ASP A OD1 1 
ATOM   251  O OD2 . ASP A 1 34  ? -3.079  -4.387  -17.745 1.00 23.33 ? 34   ASP A OD2 1 
ATOM   252  N N   . ASP A 1 35  ? -2.225  -2.584  -15.153 1.00 18.31 ? 35   ASP A N   1 
ATOM   253  C CA  . ASP A 1 35  ? -1.557  -1.348  -15.546 1.00 19.18 ? 35   ASP A CA  1 
ATOM   254  C C   . ASP A 1 35  ? -1.597  -0.291  -14.439 1.00 19.47 ? 35   ASP A C   1 
ATOM   255  O O   . ASP A 1 35  ? -1.528  0.905   -14.712 1.00 18.82 ? 35   ASP A O   1 
ATOM   256  C CB  . ASP A 1 35  ? -2.218  -0.790  -16.812 1.00 21.99 ? 35   ASP A CB  1 
ATOM   257  C CG  . ASP A 1 35  ? -3.702  -0.527  -16.625 1.00 23.73 ? 35   ASP A CG  1 
ATOM   258  O OD1 . ASP A 1 35  ? -4.261  -0.957  -15.593 1.00 25.83 ? 35   ASP A OD1 1 
ATOM   259  O OD2 . ASP A 1 35  ? -4.314  0.103   -17.505 1.00 28.15 ? 35   ASP A OD2 1 
ATOM   260  N N   . ALA A 1 36  ? -1.697  -0.732  -13.189 1.00 17.61 ? 36   ALA A N   1 
ATOM   261  C CA  . ALA A 1 36  ? -1.750  0.203   -12.069 1.00 17.33 ? 36   ALA A CA  1 
ATOM   262  C C   . ALA A 1 36  ? -0.507  1.082   -11.961 1.00 17.86 ? 36   ALA A C   1 
ATOM   263  O O   . ALA A 1 36  ? 0.566   0.726   -12.447 1.00 17.11 ? 36   ALA A O   1 
ATOM   264  C CB  . ALA A 1 36  ? -1.946  -0.563  -10.767 1.00 14.62 ? 36   ALA A CB  1 
ATOM   265  N N   . THR A 1 37  ? -0.664  2.232   -11.315 1.00 17.75 ? 37   THR A N   1 
ATOM   266  C CA  . THR A 1 37  ? 0.447   3.149   -11.098 1.00 19.61 ? 37   THR A CA  1 
ATOM   267  C C   . THR A 1 37  ? 0.643   3.299   -9.593  1.00 20.58 ? 37   THR A C   1 
ATOM   268  O O   . THR A 1 37  ? -0.322  3.338   -8.828  1.00 19.66 ? 37   THR A O   1 
ATOM   269  C CB  . THR A 1 37  ? 0.176   4.535   -11.712 1.00 22.51 ? 37   THR A CB  1 
ATOM   270  O OG1 . THR A 1 37  ? -0.974  5.119   -11.090 1.00 26.98 ? 37   THR A OG1 1 
ATOM   271  C CG2 . THR A 1 37  ? -0.079  4.408   -13.203 1.00 20.36 ? 37   THR A CG2 1 
ATOM   272  N N   . VAL A 1 38  ? 1.898   3.369   -9.174  1.00 19.60 ? 38   VAL A N   1 
ATOM   273  C CA  . VAL A 1 38  ? 2.236   3.508   -7.769  1.00 19.89 ? 38   VAL A CA  1 
ATOM   274  C C   . VAL A 1 38  ? 3.186   4.676   -7.582  1.00 21.13 ? 38   VAL A C   1 
ATOM   275  O O   . VAL A 1 38  ? 4.182   4.802   -8.301  1.00 17.48 ? 38   VAL A O   1 
ATOM   276  C CB  . VAL A 1 38  ? 2.910   2.227   -7.239  1.00 20.83 ? 38   VAL A CB  1 
ATOM   277  C CG1 . VAL A 1 38  ? 3.499   2.470   -5.861  1.00 22.43 ? 38   VAL A CG1 1 
ATOM   278  C CG2 . VAL A 1 38  ? 1.896   1.095   -7.186  1.00 23.28 ? 38   VAL A CG2 1 
ATOM   279  N N   . GLU A 1 39  ? 2.858   5.542   -6.630  1.00 21.60 ? 39   GLU A N   1 
ATOM   280  C CA  . GLU A 1 39  ? 3.695   6.694   -6.313  1.00 24.60 ? 39   GLU A CA  1 
ATOM   281  C C   . GLU A 1 39  ? 4.158   6.517   -4.875  1.00 25.23 ? 39   GLU A C   1 
ATOM   282  O O   . GLU A 1 39  ? 3.385   6.721   -3.937  1.00 23.39 ? 39   GLU A O   1 
ATOM   283  C CB  . GLU A 1 39  ? 2.892   7.979   -6.483  1.00 27.21 ? 39   GLU A CB  1 
ATOM   284  C CG  . GLU A 1 39  ? 2.621   8.302   -7.939  1.00 30.49 ? 39   GLU A CG  1 
ATOM   285  C CD  . GLU A 1 39  ? 1.585   9.381   -8.116  1.00 32.93 ? 39   GLU A CD  1 
ATOM   286  O OE1 . GLU A 1 39  ? 0.381   9.080   -7.978  1.00 33.59 ? 39   GLU A OE1 1 
ATOM   287  O OE2 . GLU A 1 39  ? 1.976   10.536  -8.385  1.00 35.45 ? 39   GLU A OE2 1 
ATOM   288  N N   . ASN A 1 40  ? 5.424   6.135   -4.711  1.00 26.17 ? 40   ASN A N   1 
ATOM   289  C CA  . ASN A 1 40  ? 5.980   5.879   -3.387  1.00 27.09 ? 40   ASN A CA  1 
ATOM   290  C C   . ASN A 1 40  ? 7.442   6.303   -3.262  1.00 28.45 ? 40   ASN A C   1 
ATOM   291  O O   . ASN A 1 40  ? 8.329   5.666   -3.830  1.00 29.15 ? 40   ASN A O   1 
ATOM   292  C CB  . ASN A 1 40  ? 5.870   4.387   -3.085  1.00 27.78 ? 40   ASN A CB  1 
ATOM   293  C CG  . ASN A 1 40  ? 5.851   4.088   -1.603  1.00 31.37 ? 40   ASN A CG  1 
ATOM   294  O OD1 . ASN A 1 40  ? 6.713   4.534   -0.847  1.00 29.49 ? 40   ASN A OD1 1 
ATOM   295  N ND2 . ASN A 1 40  ? 4.859   3.320   -1.180  1.00 33.26 ? 40   ASN A ND2 1 
ATOM   296  N N   . PRO A 1 41  ? 7.715   7.383   -2.513  1.00 27.97 ? 41   PRO A N   1 
ATOM   297  C CA  . PRO A 1 41  ? 6.728   8.201   -1.801  1.00 27.65 ? 41   PRO A CA  1 
ATOM   298  C C   . PRO A 1 41  ? 6.089   9.198   -2.756  1.00 27.87 ? 41   PRO A C   1 
ATOM   299  O O   . PRO A 1 41  ? 6.629   9.468   -3.827  1.00 28.56 ? 41   PRO A O   1 
ATOM   300  C CB  . PRO A 1 41  ? 7.569   8.896   -0.738  1.00 27.15 ? 41   PRO A CB  1 
ATOM   301  C CG  . PRO A 1 41  ? 8.847   9.150   -1.474  1.00 28.60 ? 41   PRO A CG  1 
ATOM   302  C CD  . PRO A 1 41  ? 9.085   7.829   -2.199  1.00 28.82 ? 41   PRO A CD  1 
ATOM   303  N N   . PHE A 1 42  ? 4.939   9.737   -2.373  1.00 29.30 ? 42   PHE A N   1 
ATOM   304  C CA  . PHE A 1 42  ? 4.258   10.717  -3.204  1.00 30.52 ? 42   PHE A CA  1 
ATOM   305  C C   . PHE A 1 42  ? 5.248   11.845  -3.480  1.00 29.87 ? 42   PHE A C   1 
ATOM   306  O O   . PHE A 1 42  ? 5.890   12.351  -2.564  1.00 28.93 ? 42   PHE A O   1 
ATOM   307  C CB  . PHE A 1 42  ? 3.032   11.275  -2.480  1.00 31.46 ? 42   PHE A CB  1 
ATOM   308  C CG  . PHE A 1 42  ? 2.217   12.215  -3.314  1.00 33.04 ? 42   PHE A CG  1 
ATOM   309  C CD1 . PHE A 1 42  ? 1.492   11.747  -4.406  1.00 34.16 ? 42   PHE A CD1 1 
ATOM   310  C CD2 . PHE A 1 42  ? 2.186   13.576  -3.021  1.00 34.30 ? 42   PHE A CD2 1 
ATOM   311  C CE1 . PHE A 1 42  ? 0.748   12.620  -5.194  1.00 33.53 ? 42   PHE A CE1 1 
ATOM   312  C CE2 . PHE A 1 42  ? 1.444   14.458  -3.804  1.00 34.48 ? 42   PHE A CE2 1 
ATOM   313  C CZ  . PHE A 1 42  ? 0.724   13.979  -4.891  1.00 34.51 ? 42   PHE A CZ  1 
ATOM   314  N N   . GLY A 1 43  ? 5.377   12.230  -4.744  1.00 31.14 ? 43   GLY A N   1 
ATOM   315  C CA  . GLY A 1 43  ? 6.306   13.287  -5.094  1.00 32.66 ? 43   GLY A CA  1 
ATOM   316  C C   . GLY A 1 43  ? 7.386   12.780  -6.030  1.00 34.11 ? 43   GLY A C   1 
ATOM   317  O O   . GLY A 1 43  ? 7.955   13.543  -6.810  1.00 33.11 ? 43   GLY A O   1 
ATOM   318  N N   . GLN A 1 44  ? 7.676   11.485  -5.950  1.00 34.92 ? 44   GLN A N   1 
ATOM   319  C CA  . GLN A 1 44  ? 8.683   10.890  -6.815  1.00 35.98 ? 44   GLN A CA  1 
ATOM   320  C C   . GLN A 1 44  ? 8.004   10.267  -8.031  1.00 35.53 ? 44   GLN A C   1 
ATOM   321  O O   . GLN A 1 44  ? 6.809   9.971   -7.999  1.00 34.05 ? 44   GLN A O   1 
ATOM   322  C CB  . GLN A 1 44  ? 9.490   9.837   -6.050  1.00 38.86 ? 44   GLN A CB  1 
ATOM   323  C CG  . GLN A 1 44  ? 10.481  10.436  -5.059  1.00 43.96 ? 44   GLN A CG  1 
ATOM   324  C CD  . GLN A 1 44  ? 11.393  9.397   -4.436  1.00 47.02 ? 44   GLN A CD  1 
ATOM   325  O OE1 . GLN A 1 44  ? 12.014  8.598   -5.139  1.00 49.47 ? 44   GLN A OE1 1 
ATOM   326  N NE2 . GLN A 1 44  ? 11.488  9.408   -3.110  1.00 49.94 ? 44   GLN A NE2 1 
ATOM   327  N N   . PRO A 1 45  ? 8.758   10.071  -9.127  1.00 35.29 ? 45   PRO A N   1 
ATOM   328  C CA  . PRO A 1 45  ? 8.178   9.479   -10.335 1.00 34.23 ? 45   PRO A CA  1 
ATOM   329  C C   . PRO A 1 45  ? 7.487   8.146   -10.053 1.00 32.68 ? 45   PRO A C   1 
ATOM   330  O O   . PRO A 1 45  ? 8.018   7.289   -9.352  1.00 31.98 ? 45   PRO A O   1 
ATOM   331  C CB  . PRO A 1 45  ? 9.382   9.347   -11.267 1.00 34.58 ? 45   PRO A CB  1 
ATOM   332  C CG  . PRO A 1 45  ? 10.535  9.185   -10.319 1.00 36.09 ? 45   PRO A CG  1 
ATOM   333  C CD  . PRO A 1 45  ? 10.219  10.211  -9.262  1.00 35.49 ? 45   PRO A CD  1 
ATOM   334  N N   . PRO A 1 46  ? 6.281   7.962   -10.600 1.00 32.15 ? 46   PRO A N   1 
ATOM   335  C CA  . PRO A 1 46  ? 5.505   6.737   -10.408 1.00 31.54 ? 46   PRO A CA  1 
ATOM   336  C C   . PRO A 1 46  ? 6.011   5.532   -11.187 1.00 29.66 ? 46   PRO A C   1 
ATOM   337  O O   . PRO A 1 46  ? 6.655   5.672   -12.228 1.00 29.93 ? 46   PRO A O   1 
ATOM   338  C CB  . PRO A 1 46  ? 4.113   7.148   -10.860 1.00 32.60 ? 46   PRO A CB  1 
ATOM   339  C CG  . PRO A 1 46  ? 4.413   8.085   -11.986 1.00 34.34 ? 46   PRO A CG  1 
ATOM   340  C CD  . PRO A 1 46  ? 5.527   8.935   -11.413 1.00 33.76 ? 46   PRO A CD  1 
ATOM   341  N N   . ILE A 1 47  ? 5.732   4.344   -10.660 1.00 25.89 ? 47   ILE A N   1 
ATOM   342  C CA  . ILE A 1 47  ? 6.104   3.113   -11.333 1.00 26.29 ? 47   ILE A CA  1 
ATOM   343  C C   . ILE A 1 47  ? 4.797   2.634   -11.963 1.00 25.45 ? 47   ILE A C   1 
ATOM   344  O O   . ILE A 1 47  ? 3.712   2.917   -11.447 1.00 25.67 ? 47   ILE A O   1 
ATOM   345  C CB  . ILE A 1 47  ? 6.671   2.068   -10.351 1.00 27.68 ? 47   ILE A CB  1 
ATOM   346  C CG1 . ILE A 1 47  ? 5.614   1.652   -9.336  1.00 30.09 ? 47   ILE A CG1 1 
ATOM   347  C CG2 . ILE A 1 47  ? 7.880   2.647   -9.632  1.00 30.87 ? 47   ILE A CG2 1 
ATOM   348  C CD1 . ILE A 1 47  ? 6.078   0.531   -8.421  1.00 33.15 ? 47   ILE A CD1 1 
ATOM   349  N N   . HIS A 1 48  ? 4.894   1.926   -13.081 1.00 23.62 ? 48   HIS A N   1 
ATOM   350  C CA  . HIS A 1 48  ? 3.706   1.480   -13.797 1.00 24.07 ? 48   HIS A CA  1 
ATOM   351  C C   . HIS A 1 48  ? 3.719   0.002   -14.160 1.00 21.60 ? 48   HIS A C   1 
ATOM   352  O O   . HIS A 1 48  ? 4.742   -0.526  -14.595 1.00 20.02 ? 48   HIS A O   1 
ATOM   353  C CB  . HIS A 1 48  ? 3.567   2.313   -15.075 1.00 29.06 ? 48   HIS A CB  1 
ATOM   354  C CG  . HIS A 1 48  ? 2.416   1.917   -15.942 1.00 34.35 ? 48   HIS A CG  1 
ATOM   355  N ND1 . HIS A 1 48  ? 1.131   2.369   -15.729 1.00 36.56 ? 48   HIS A ND1 1 
ATOM   356  C CD2 . HIS A 1 48  ? 2.353   1.103   -17.024 1.00 36.61 ? 48   HIS A CD2 1 
ATOM   357  C CE1 . HIS A 1 48  ? 0.328   1.853   -16.643 1.00 37.02 ? 48   HIS A CE1 1 
ATOM   358  N NE2 . HIS A 1 48  ? 1.045   1.081   -17.440 1.00 36.85 ? 48   HIS A NE2 1 
ATOM   359  N N   . GLY A 1 49  ? 2.577   -0.660  -13.984 1.00 18.30 ? 49   GLY A N   1 
ATOM   360  C CA  . GLY A 1 49  ? 2.471   -2.065  -14.338 1.00 18.26 ? 49   GLY A CA  1 
ATOM   361  C C   . GLY A 1 49  ? 2.854   -3.081  -13.277 1.00 18.55 ? 49   GLY A C   1 
ATOM   362  O O   . GLY A 1 49  ? 3.696   -2.818  -12.419 1.00 17.22 ? 49   GLY A O   1 
ATOM   363  N N   . ARG A 1 50  ? 2.245   -4.260  -13.352 1.00 18.03 ? 50   ARG A N   1 
ATOM   364  C CA  . ARG A 1 50  ? 2.527   -5.316  -12.394 1.00 17.69 ? 50   ARG A CA  1 
ATOM   365  C C   . ARG A 1 50  ? 3.986   -5.763  -12.352 1.00 18.70 ? 50   ARG A C   1 
ATOM   366  O O   . ARG A 1 50  ? 4.482   -6.119  -11.285 1.00 19.18 ? 50   ARG A O   1 
ATOM   367  C CB  . ARG A 1 50  ? 1.623   -6.517  -12.657 1.00 17.63 ? 50   ARG A CB  1 
ATOM   368  C CG  . ARG A 1 50  ? 0.214   -6.331  -12.131 1.00 19.27 ? 50   ARG A CG  1 
ATOM   369  C CD  . ARG A 1 50  ? -0.606  -7.579  -12.337 1.00 18.49 ? 50   ARG A CD  1 
ATOM   370  N NE  . ARG A 1 50  ? -1.932  -7.467  -11.745 1.00 20.13 ? 50   ARG A NE  1 
ATOM   371  C CZ  . ARG A 1 50  ? -2.914  -8.336  -11.960 1.00 22.64 ? 50   ARG A CZ  1 
ATOM   372  N NH1 . ARG A 1 50  ? -2.716  -9.379  -12.758 1.00 23.59 ? 50   ARG A NH1 1 
ATOM   373  N NH2 . ARG A 1 50  ? -4.092  -8.167  -11.380 1.00 21.33 ? 50   ARG A NH2 1 
ATOM   374  N N   . GLU A 1 51  ? 4.682   -5.752  -13.489 1.00 17.68 ? 51   GLU A N   1 
ATOM   375  C CA  . GLU A 1 51  ? 6.085   -6.167  -13.471 1.00 19.00 ? 51   GLU A CA  1 
ATOM   376  C C   . GLU A 1 51  ? 6.915   -5.236  -12.589 1.00 18.48 ? 51   GLU A C   1 
ATOM   377  O O   . GLU A 1 51  ? 7.676   -5.700  -11.741 1.00 17.69 ? 51   GLU A O   1 
ATOM   378  C CB  . GLU A 1 51  ? 6.692   -6.203  -14.880 1.00 21.62 ? 51   GLU A CB  1 
ATOM   379  C CG  . GLU A 1 51  ? 8.208   -6.468  -14.853 1.00 26.70 ? 51   GLU A CG  1 
ATOM   380  C CD  . GLU A 1 51  ? 8.822   -6.669  -16.231 1.00 29.60 ? 51   GLU A CD  1 
ATOM   381  O OE1 . GLU A 1 51  ? 8.583   -5.836  -17.128 1.00 28.92 ? 51   GLU A OE1 1 
ATOM   382  O OE2 . GLU A 1 51  ? 9.558   -7.661  -16.411 1.00 33.97 ? 51   GLU A OE2 1 
ATOM   383  N N   . GLN A 1 52  ? 6.768   -3.930  -12.793 1.00 16.00 ? 52   GLN A N   1 
ATOM   384  C CA  . GLN A 1 52  ? 7.502   -2.944  -12.003 1.00 19.30 ? 52   GLN A CA  1 
ATOM   385  C C   . GLN A 1 52  ? 7.072   -2.966  -10.532 1.00 18.30 ? 52   GLN A C   1 
ATOM   386  O O   . GLN A 1 52  ? 7.896   -2.812  -9.626  1.00 17.30 ? 52   GLN A O   1 
ATOM   387  C CB  . GLN A 1 52  ? 7.294   -1.543  -12.585 1.00 20.47 ? 52   GLN A CB  1 
ATOM   388  C CG  . GLN A 1 52  ? 8.121   -1.260  -13.843 1.00 27.35 ? 52   GLN A CG  1 
ATOM   389  C CD  . GLN A 1 52  ? 7.834   0.109   -14.440 1.00 31.77 ? 52   GLN A CD  1 
ATOM   390  O OE1 . GLN A 1 52  ? 7.750   1.112   -13.724 1.00 31.76 ? 52   GLN A OE1 1 
ATOM   391  N NE2 . GLN A 1 52  ? 7.689   0.159   -15.764 1.00 34.01 ? 52   GLN A NE2 1 
ATOM   392  N N   . ILE A 1 53  ? 5.778   -3.155  -10.301 1.00 16.99 ? 53   ILE A N   1 
ATOM   393  C CA  . ILE A 1 53  ? 5.249   -3.204  -8.941  1.00 16.28 ? 53   ILE A CA  1 
ATOM   394  C C   . ILE A 1 53  ? 5.792   -4.424  -8.202  1.00 15.35 ? 53   ILE A C   1 
ATOM   395  O O   . ILE A 1 53  ? 6.177   -4.329  -7.039  1.00 17.39 ? 53   ILE A O   1 
ATOM   396  C CB  . ILE A 1 53  ? 3.702   -3.225  -8.961  1.00 16.90 ? 53   ILE A CB  1 
ATOM   397  C CG1 . ILE A 1 53  ? 3.192   -1.875  -9.483  1.00 15.75 ? 53   ILE A CG1 1 
ATOM   398  C CG2 . ILE A 1 53  ? 3.156   -3.518  -7.561  1.00 14.92 ? 53   ILE A CG2 1 
ATOM   399  C CD1 . ILE A 1 53  ? 1.692   -1.795  -9.696  1.00 18.76 ? 53   ILE A CD1 1 
ATOM   400  N N   . ALA A 1 54  ? 5.837   -5.567  -8.881  1.00 15.77 ? 54   ALA A N   1 
ATOM   401  C CA  . ALA A 1 54  ? 6.357   -6.789  -8.271  1.00 15.85 ? 54   ALA A CA  1 
ATOM   402  C C   . ALA A 1 54  ? 7.835   -6.601  -7.920  1.00 16.80 ? 54   ALA A C   1 
ATOM   403  O O   . ALA A 1 54  ? 8.276   -6.997  -6.842  1.00 15.33 ? 54   ALA A O   1 
ATOM   404  C CB  . ALA A 1 54  ? 6.185   -7.967  -9.225  1.00 17.23 ? 54   ALA A CB  1 
ATOM   405  N N   . ALA A 1 55  ? 8.594   -5.994  -8.831  1.00 17.72 ? 55   ALA A N   1 
ATOM   406  C CA  . ALA A 1 55  ? 10.024  -5.751  -8.596  1.00 19.72 ? 55   ALA A CA  1 
ATOM   407  C C   . ALA A 1 55  ? 10.206  -4.875  -7.360  1.00 19.78 ? 55   ALA A C   1 
ATOM   408  O O   . ALA A 1 55  ? 11.108  -5.099  -6.544  1.00 19.95 ? 55   ALA A O   1 
ATOM   409  C CB  . ALA A 1 55  ? 10.651  -5.068  -9.810  1.00 19.81 ? 55   ALA A CB  1 
ATOM   410  N N   . PHE A 1 56  ? 9.341   -3.875  -7.233  1.00 19.74 ? 56   PHE A N   1 
ATOM   411  C CA  . PHE A 1 56  ? 9.382   -2.956  -6.110  1.00 20.45 ? 56   PHE A CA  1 
ATOM   412  C C   . PHE A 1 56  ? 9.155   -3.686  -4.791  1.00 20.26 ? 56   PHE A C   1 
ATOM   413  O O   . PHE A 1 56  ? 9.923   -3.520  -3.842  1.00 19.36 ? 56   PHE A O   1 
ATOM   414  C CB  . PHE A 1 56  ? 8.321   -1.865  -6.287  1.00 23.87 ? 56   PHE A CB  1 
ATOM   415  C CG  . PHE A 1 56  ? 8.134   -1.001  -5.073  1.00 30.17 ? 56   PHE A CG  1 
ATOM   416  C CD1 . PHE A 1 56  ? 9.194   -0.255  -4.561  1.00 32.92 ? 56   PHE A CD1 1 
ATOM   417  C CD2 . PHE A 1 56  ? 6.899   -0.937  -4.433  1.00 31.87 ? 56   PHE A CD2 1 
ATOM   418  C CE1 . PHE A 1 56  ? 9.028   0.544   -3.427  1.00 35.09 ? 56   PHE A CE1 1 
ATOM   419  C CE2 . PHE A 1 56  ? 6.720   -0.142  -3.303  1.00 35.41 ? 56   PHE A CE2 1 
ATOM   420  C CZ  . PHE A 1 56  ? 7.788   0.601   -2.797  1.00 36.39 ? 56   PHE A CZ  1 
ATOM   421  N N   . TYR A 1 57  ? 8.105   -4.501  -4.728  1.00 20.49 ? 57   TYR A N   1 
ATOM   422  C CA  . TYR A 1 57  ? 7.811   -5.226  -3.500  1.00 21.65 ? 57   TYR A CA  1 
ATOM   423  C C   . TYR A 1 57  ? 8.828   -6.302  -3.148  1.00 23.67 ? 57   TYR A C   1 
ATOM   424  O O   . TYR A 1 57  ? 9.103   -6.528  -1.967  1.00 25.02 ? 57   TYR A O   1 
ATOM   425  C CB  . TYR A 1 57  ? 6.400   -5.825  -3.550  1.00 20.33 ? 57   TYR A CB  1 
ATOM   426  C CG  . TYR A 1 57  ? 5.330   -4.802  -3.237  1.00 20.64 ? 57   TYR A CG  1 
ATOM   427  C CD1 . TYR A 1 57  ? 4.533   -4.253  -4.245  1.00 19.73 ? 57   TYR A CD1 1 
ATOM   428  C CD2 . TYR A 1 57  ? 5.150   -4.344  -1.933  1.00 22.11 ? 57   TYR A CD2 1 
ATOM   429  C CE1 . TYR A 1 57  ? 3.583   -3.264  -3.955  1.00 19.77 ? 57   TYR A CE1 1 
ATOM   430  C CE2 . TYR A 1 57  ? 4.212   -3.364  -1.633  1.00 21.30 ? 57   TYR A CE2 1 
ATOM   431  C CZ  . TYR A 1 57  ? 3.433   -2.825  -2.642  1.00 22.11 ? 57   TYR A CZ  1 
ATOM   432  O OH  . TYR A 1 57  ? 2.523   -1.841  -2.327  1.00 21.71 ? 57   TYR A OH  1 
ATOM   433  N N   . ARG A 1 58  ? 9.390   -6.969  -4.150  1.00 25.82 ? 58   ARG A N   1 
ATOM   434  C CA  . ARG A 1 58  ? 10.384  -8.001  -3.870  1.00 29.07 ? 58   ARG A CA  1 
ATOM   435  C C   . ARG A 1 58  ? 11.625  -7.365  -3.253  1.00 30.33 ? 58   ARG A C   1 
ATOM   436  O O   . ARG A 1 58  ? 12.243  -7.926  -2.349  1.00 30.08 ? 58   ARG A O   1 
ATOM   437  C CB  . ARG A 1 58  ? 10.755  -8.765  -5.144  1.00 31.02 ? 58   ARG A CB  1 
ATOM   438  C CG  . ARG A 1 58  ? 9.708   -9.792  -5.531  1.00 36.11 ? 58   ARG A CG  1 
ATOM   439  C CD  . ARG A 1 58  ? 10.298  -10.964 -6.297  1.00 40.10 ? 58   ARG A CD  1 
ATOM   440  N NE  . ARG A 1 58  ? 9.445   -12.147 -6.170  1.00 43.95 ? 58   ARG A NE  1 
ATOM   441  C CZ  . ARG A 1 58  ? 9.338   -12.879 -5.062  1.00 44.44 ? 58   ARG A CZ  1 
ATOM   442  N NH1 . ARG A 1 58  ? 10.035  -12.559 -3.980  1.00 44.13 ? 58   ARG A NH1 1 
ATOM   443  N NH2 . ARG A 1 58  ? 8.521   -13.925 -5.030  1.00 43.96 ? 58   ARG A NH2 1 
ATOM   444  N N   . GLN A 1 59  ? 11.971  -6.180  -3.740  1.00 30.78 ? 59   GLN A N   1 
ATOM   445  C CA  . GLN A 1 59  ? 13.126  -5.449  -3.243  1.00 34.00 ? 59   GLN A CA  1 
ATOM   446  C C   . GLN A 1 59  ? 12.834  -4.891  -1.847  1.00 33.74 ? 59   GLN A C   1 
ATOM   447  O O   . GLN A 1 59  ? 13.696  -4.907  -0.970  1.00 33.32 ? 59   GLN A O   1 
ATOM   448  C CB  . GLN A 1 59  ? 13.460  -4.299  -4.198  1.00 36.14 ? 59   GLN A CB  1 
ATOM   449  C CG  . GLN A 1 59  ? 14.745  -3.553  -3.874  1.00 43.15 ? 59   GLN A CG  1 
ATOM   450  C CD  . GLN A 1 59  ? 15.992  -4.323  -4.268  1.00 45.33 ? 59   GLN A CD  1 
ATOM   451  O OE1 . GLN A 1 59  ? 16.160  -5.488  -3.906  1.00 47.51 ? 59   GLN A OE1 1 
ATOM   452  N NE2 . GLN A 1 59  ? 16.880  -3.669  -5.011  1.00 46.61 ? 59   GLN A NE2 1 
ATOM   453  N N   . GLY A 1 60  ? 11.607  -4.414  -1.648  1.00 32.10 ? 60   GLY A N   1 
ATOM   454  C CA  . GLY A 1 60  ? 11.227  -3.836  -0.370  1.00 32.45 ? 60   GLY A CA  1 
ATOM   455  C C   . GLY A 1 60  ? 10.917  -4.789  0.773   1.00 33.24 ? 60   GLY A C   1 
ATOM   456  O O   . GLY A 1 60  ? 11.274  -4.512  1.919   1.00 33.93 ? 60   GLY A O   1 
ATOM   457  N N   . LEU A 1 61  ? 10.254  -5.902  0.480   1.00 32.41 ? 61   LEU A N   1 
ATOM   458  C CA  . LEU A 1 61  ? 9.896   -6.866  1.517   1.00 33.97 ? 61   LEU A CA  1 
ATOM   459  C C   . LEU A 1 61  ? 10.907  -8.006  1.635   1.00 35.16 ? 61   LEU A C   1 
ATOM   460  O O   . LEU A 1 61  ? 11.056  -8.818  0.720   1.00 37.58 ? 61   LEU A O   1 
ATOM   461  C CB  . LEU A 1 61  ? 8.501   -7.438  1.242   1.00 31.55 ? 61   LEU A CB  1 
ATOM   462  C CG  . LEU A 1 61  ? 7.358   -6.428  1.085   1.00 31.58 ? 61   LEU A CG  1 
ATOM   463  C CD1 . LEU A 1 61  ? 6.037   -7.174  0.939   1.00 29.24 ? 61   LEU A CD1 1 
ATOM   464  C CD2 . LEU A 1 61  ? 7.310   -5.498  2.291   1.00 30.71 ? 61   LEU A CD2 1 
ATOM   465  N N   . LYS A 1 65  ? 12.374  -9.273  6.551   1.00 44.01 ? 65   LYS A N   1 
ATOM   466  C CA  . LYS A 1 65  ? 11.691  -9.242  7.838   1.00 43.27 ? 65   LYS A CA  1 
ATOM   467  C C   . LYS A 1 65  ? 11.024  -7.885  8.064   1.00 41.44 ? 65   LYS A C   1 
ATOM   468  O O   . LYS A 1 65  ? 11.572  -7.010  8.736   1.00 41.48 ? 65   LYS A O   1 
ATOM   469  C CB  . LYS A 1 65  ? 12.688  -9.533  8.964   1.00 46.41 ? 65   LYS A CB  1 
ATOM   470  C CG  . LYS A 1 65  ? 13.380  -10.890 8.839   1.00 49.78 ? 65   LYS A CG  1 
ATOM   471  C CD  . LYS A 1 65  ? 12.376  -12.036 8.935   1.00 51.89 ? 65   LYS A CD  1 
ATOM   472  C CE  . LYS A 1 65  ? 13.033  -13.393 8.714   1.00 52.97 ? 65   LYS A CE  1 
ATOM   473  N NZ  . LYS A 1 65  ? 13.508  -13.574 7.312   1.00 53.91 ? 65   LYS A NZ  1 
ATOM   474  N N   . VAL A 1 66  ? 9.838   -7.718  7.488   1.00 37.83 ? 66   VAL A N   1 
ATOM   475  C CA  . VAL A 1 66  ? 9.087   -6.475  7.610   1.00 35.00 ? 66   VAL A CA  1 
ATOM   476  C C   . VAL A 1 66  ? 7.728   -6.727  8.251   1.00 32.74 ? 66   VAL A C   1 
ATOM   477  O O   . VAL A 1 66  ? 7.096   -7.753  8.005   1.00 31.33 ? 66   VAL A O   1 
ATOM   478  C CB  . VAL A 1 66  ? 8.862   -5.822  6.222   1.00 34.53 ? 66   VAL A CB  1 
ATOM   479  C CG1 . VAL A 1 66  ? 7.950   -4.613  6.350   1.00 34.84 ? 66   VAL A CG1 1 
ATOM   480  C CG2 . VAL A 1 66  ? 10.198  -5.410  5.617   1.00 34.85 ? 66   VAL A CG2 1 
ATOM   481  N N   . ARG A 1 67  ? 7.291   -5.789  9.083   1.00 29.89 ? 67   ARG A N   1 
ATOM   482  C CA  . ARG A 1 67  ? 5.998   -5.892  9.745   1.00 27.67 ? 67   ARG A CA  1 
ATOM   483  C C   . ARG A 1 67  ? 5.171   -4.665  9.389   1.00 25.10 ? 67   ARG A C   1 
ATOM   484  O O   . ARG A 1 67  ? 5.701   -3.555  9.307   1.00 24.07 ? 67   ARG A O   1 
ATOM   485  C CB  . ARG A 1 67  ? 6.165   -5.953  11.264  1.00 30.22 ? 67   ARG A CB  1 
ATOM   486  C CG  . ARG A 1 67  ? 6.800   -7.227  11.792  1.00 35.93 ? 67   ARG A CG  1 
ATOM   487  C CD  . ARG A 1 67  ? 6.860   -7.171  13.311  1.00 40.13 ? 67   ARG A CD  1 
ATOM   488  N NE  . ARG A 1 67  ? 5.546   -6.882  13.883  1.00 45.05 ? 67   ARG A NE  1 
ATOM   489  C CZ  . ARG A 1 67  ? 5.330   -6.605  15.165  1.00 46.92 ? 67   ARG A CZ  1 
ATOM   490  N NH1 . ARG A 1 67  ? 6.343   -6.575  16.021  1.00 47.74 ? 67   ARG A NH1 1 
ATOM   491  N NH2 . ARG A 1 67  ? 4.099   -6.360  15.595  1.00 48.25 ? 67   ARG A NH2 1 
ATOM   492  N N   . ALA A 1 68  ? 3.874   -4.863  9.186   1.00 22.86 ? 68   ALA A N   1 
ATOM   493  C CA  . ALA A 1 68  ? 2.993   -3.752  8.848   1.00 22.57 ? 68   ALA A CA  1 
ATOM   494  C C   . ALA A 1 68  ? 1.692   -3.886  9.612   1.00 22.51 ? 68   ALA A C   1 
ATOM   495  O O   . ALA A 1 68  ? 1.171   -4.989  9.786   1.00 22.10 ? 68   ALA A O   1 
ATOM   496  C CB  . ALA A 1 68  ? 2.723   -3.729  7.347   1.00 22.24 ? 68   ALA A CB  1 
ATOM   497  N N   . CYS A 1 69  ? 1.164   -2.761  10.076  1.00 19.96 ? 69   CYS A N   1 
ATOM   498  C CA  . CYS A 1 69  ? -0.080  -2.795  10.821  1.00 22.71 ? 69   CYS A CA  1 
ATOM   499  C C   . CYS A 1 69  ? -0.850  -1.499  10.696  1.00 20.56 ? 69   CYS A C   1 
ATOM   500  O O   . CYS A 1 69  ? -0.258  -0.420  10.620  1.00 17.46 ? 69   CYS A O   1 
ATOM   501  C CB  . CYS A 1 69  ? 0.197   -3.062  12.299  1.00 23.90 ? 69   CYS A CB  1 
ATOM   502  S SG  . CYS A 1 69  ? 1.217   -1.798  13.078  1.00 34.38 ? 69   CYS A SG  1 
ATOM   503  N N   . LEU A 1 70  ? -2.172  -1.617  10.663  1.00 21.03 ? 70   LEU A N   1 
ATOM   504  C CA  . LEU A 1 70  ? -3.037  -0.451  10.595  1.00 21.10 ? 70   LEU A CA  1 
ATOM   505  C C   . LEU A 1 70  ? -2.931  0.219   11.950  1.00 21.30 ? 70   LEU A C   1 
ATOM   506  O O   . LEU A 1 70  ? -2.884  -0.460  12.972  1.00 20.25 ? 70   LEU A O   1 
ATOM   507  C CB  . LEU A 1 70  ? -4.489  -0.868  10.363  1.00 23.27 ? 70   LEU A CB  1 
ATOM   508  C CG  . LEU A 1 70  ? -4.959  -1.118  8.932   1.00 24.48 ? 70   LEU A CG  1 
ATOM   509  C CD1 . LEU A 1 70  ? -6.410  -1.584  8.955   1.00 23.60 ? 70   LEU A CD1 1 
ATOM   510  C CD2 . LEU A 1 70  ? -4.822  0.162   8.120   1.00 21.19 ? 70   LEU A CD2 1 
ATOM   511  N N   . THR A 1 71  ? -2.889  1.546   11.966  1.00 18.97 ? 71   THR A N   1 
ATOM   512  C CA  . THR A 1 71  ? -2.793  2.268   13.226  1.00 19.40 ? 71   THR A CA  1 
ATOM   513  C C   . THR A 1 71  ? -4.039  3.116   13.430  1.00 19.32 ? 71   THR A C   1 
ATOM   514  O O   . THR A 1 71  ? -4.100  3.969   14.315  1.00 20.23 ? 71   THR A O   1 
ATOM   515  C CB  . THR A 1 71  ? -1.549  3.160   13.243  1.00 20.91 ? 71   THR A CB  1 
ATOM   516  O OG1 . THR A 1 71  ? -1.550  4.003   12.085  1.00 23.40 ? 71   THR A OG1 1 
ATOM   517  C CG2 . THR A 1 71  ? -0.295  2.299   13.237  1.00 18.67 ? 71   THR A CG2 1 
ATOM   518  N N   . GLY A 1 72  ? -5.039  2.863   12.597  1.00 18.56 ? 72   GLY A N   1 
ATOM   519  C CA  . GLY A 1 72  ? -6.286  3.592   12.683  1.00 17.75 ? 72   GLY A CA  1 
ATOM   520  C C   . GLY A 1 72  ? -7.243  3.012   11.668  1.00 18.41 ? 72   GLY A C   1 
ATOM   521  O O   . GLY A 1 72  ? -6.831  2.207   10.827  1.00 18.11 ? 72   GLY A O   1 
ATOM   522  N N   . PRO A 1 73  ? -8.524  3.394   11.708  1.00 17.34 ? 73   PRO A N   1 
ATOM   523  C CA  . PRO A 1 73  ? -9.460  2.837   10.733  1.00 17.68 ? 73   PRO A CA  1 
ATOM   524  C C   . PRO A 1 73  ? -9.257  3.336   9.311   1.00 17.21 ? 73   PRO A C   1 
ATOM   525  O O   . PRO A 1 73  ? -8.665  4.393   9.073   1.00 15.70 ? 73   PRO A O   1 
ATOM   526  C CB  . PRO A 1 73  ? -10.825 3.230   11.298  1.00 18.86 ? 73   PRO A CB  1 
ATOM   527  C CG  . PRO A 1 73  ? -10.538 4.527   11.999  1.00 19.77 ? 73   PRO A CG  1 
ATOM   528  C CD  . PRO A 1 73  ? -9.221  4.245   12.690  1.00 18.51 ? 73   PRO A CD  1 
ATOM   529  N N   . VAL A 1 74  ? -9.739  2.542   8.369   1.00 16.58 ? 74   VAL A N   1 
ATOM   530  C CA  . VAL A 1 74  ? -9.661  2.896   6.965   1.00 15.87 ? 74   VAL A CA  1 
ATOM   531  C C   . VAL A 1 74  ? -10.779 3.897   6.705   1.00 16.66 ? 74   VAL A C   1 
ATOM   532  O O   . VAL A 1 74  ? -11.927 3.664   7.091   1.00 16.40 ? 74   VAL A O   1 
ATOM   533  C CB  . VAL A 1 74  ? -9.904  1.665   6.057   1.00 14.94 ? 74   VAL A CB  1 
ATOM   534  C CG1 . VAL A 1 74  ? -9.954  2.103   4.591   1.00 14.68 ? 74   VAL A CG1 1 
ATOM   535  C CG2 . VAL A 1 74  ? -8.814  0.630   6.277   1.00 15.05 ? 74   VAL A CG2 1 
ATOM   536  N N   . ARG A 1 75  ? -10.447 5.014   6.068   1.00 14.94 ? 75   ARG A N   1 
ATOM   537  C CA  . ARG A 1 75  ? -11.446 6.015   5.720   1.00 16.54 ? 75   ARG A CA  1 
ATOM   538  C C   . ARG A 1 75  ? -11.800 5.723   4.269   1.00 19.13 ? 75   ARG A C   1 
ATOM   539  O O   . ARG A 1 75  ? -10.919 5.696   3.412   1.00 18.55 ? 75   ARG A O   1 
ATOM   540  C CB  . ARG A 1 75  ? -10.874 7.426   5.837   1.00 16.45 ? 75   ARG A CB  1 
ATOM   541  C CG  . ARG A 1 75  ? -10.917 8.014   7.240   1.00 16.29 ? 75   ARG A CG  1 
ATOM   542  C CD  . ARG A 1 75  ? -9.997  7.307   8.220   1.00 16.47 ? 75   ARG A CD  1 
ATOM   543  N NE  . ARG A 1 75  ? -9.705  8.200   9.340   1.00 15.44 ? 75   ARG A NE  1 
ATOM   544  C CZ  . ARG A 1 75  ? -8.858  7.937   10.328  1.00 14.65 ? 75   ARG A CZ  1 
ATOM   545  N NH1 . ARG A 1 75  ? -8.200  6.788   10.366  1.00 11.82 ? 75   ARG A NH1 1 
ATOM   546  N NH2 . ARG A 1 75  ? -8.642  8.854   11.262  1.00 13.70 ? 75   ARG A NH2 1 
ATOM   547  N N   . ALA A 1 76  ? -13.079 5.486   3.994   1.00 19.58 ? 76   ALA A N   1 
ATOM   548  C CA  . ALA A 1 76  ? -13.502 5.169   2.636   1.00 21.62 ? 76   ALA A CA  1 
ATOM   549  C C   . ALA A 1 76  ? -14.579 6.108   2.121   1.00 23.31 ? 76   ALA A C   1 
ATOM   550  O O   . ALA A 1 76  ? -15.429 6.571   2.883   1.00 24.41 ? 76   ALA A O   1 
ATOM   551  C CB  . ALA A 1 76  ? -14.007 3.722   2.575   1.00 24.55 ? 76   ALA A CB  1 
ATOM   552  N N   . SER A 1 77  ? -14.539 6.372   0.818   1.00 23.74 ? 77   SER A N   1 
ATOM   553  C CA  . SER A 1 77  ? -15.512 7.236   0.167   1.00 24.01 ? 77   SER A CA  1 
ATOM   554  C C   . SER A 1 77  ? -16.481 6.359   -0.617  1.00 24.75 ? 77   SER A C   1 
ATOM   555  O O   . SER A 1 77  ? -16.357 5.133   -0.624  1.00 22.82 ? 77   SER A O   1 
ATOM   556  C CB  . SER A 1 77  ? -14.815 8.198   -0.793  1.00 24.37 ? 77   SER A CB  1 
ATOM   557  O OG  . SER A 1 77  ? -14.329 7.496   -1.920  1.00 27.37 ? 77   SER A OG  1 
ATOM   558  N N   . HIS A 1 78  ? -17.435 6.994   -1.293  1.00 25.58 ? 78   HIS A N   1 
ATOM   559  C CA  . HIS A 1 78  ? -18.430 6.268   -2.074  1.00 26.78 ? 78   HIS A CA  1 
ATOM   560  C C   . HIS A 1 78  ? -18.091 6.180   -3.557  1.00 26.69 ? 78   HIS A C   1 
ATOM   561  O O   . HIS A 1 78  ? -18.911 5.723   -4.356  1.00 28.59 ? 78   HIS A O   1 
ATOM   562  C CB  . HIS A 1 78  ? -19.808 6.917   -1.903  1.00 27.11 ? 78   HIS A CB  1 
ATOM   563  C CG  . HIS A 1 78  ? -20.382 6.749   -0.534  1.00 27.27 ? 78   HIS A CG  1 
ATOM   564  N ND1 . HIS A 1 78  ? -20.676 5.514   0.001   1.00 28.59 ? 78   HIS A ND1 1 
ATOM   565  C CD2 . HIS A 1 78  ? -20.692 7.657   0.420   1.00 27.99 ? 78   HIS A CD2 1 
ATOM   566  C CE1 . HIS A 1 78  ? -21.138 5.668   1.229   1.00 28.29 ? 78   HIS A CE1 1 
ATOM   567  N NE2 . HIS A 1 78  ? -21.157 6.959   1.508   1.00 27.73 ? 78   HIS A NE2 1 
ATOM   568  N N   . ASN A 1 79  ? -16.894 6.616   -3.934  1.00 26.17 ? 79   ASN A N   1 
ATOM   569  C CA  . ASN A 1 79  ? -16.498 6.549   -5.334  1.00 25.64 ? 79   ASN A CA  1 
ATOM   570  C C   . ASN A 1 79  ? -15.266 5.672   -5.570  1.00 25.00 ? 79   ASN A C   1 
ATOM   571  O O   . ASN A 1 79  ? -14.423 5.970   -6.417  1.00 24.18 ? 79   ASN A O   1 
ATOM   572  C CB  . ASN A 1 79  ? -16.275 7.957   -5.902  1.00 28.27 ? 79   ASN A CB  1 
ATOM   573  C CG  . ASN A 1 79  ? -15.139 8.696   -5.229  1.00 29.93 ? 79   ASN A CG  1 
ATOM   574  O OD1 . ASN A 1 79  ? -14.819 9.825   -5.600  1.00 33.00 ? 79   ASN A OD1 1 
ATOM   575  N ND2 . ASN A 1 79  ? -14.523 8.069   -4.238  1.00 31.91 ? 79   ASN A ND2 1 
ATOM   576  N N   . GLY A 1 80  ? -15.178 4.585   -4.808  1.00 23.04 ? 80   GLY A N   1 
ATOM   577  C CA  . GLY A 1 80  ? -14.079 3.643   -4.953  1.00 22.40 ? 80   GLY A CA  1 
ATOM   578  C C   . GLY A 1 80  ? -12.708 4.043   -4.436  1.00 21.45 ? 80   GLY A C   1 
ATOM   579  O O   . GLY A 1 80  ? -11.704 3.459   -4.850  1.00 20.74 ? 80   GLY A O   1 
ATOM   580  N N   . CYS A 1 81  ? -12.652 5.020   -3.536  1.00 19.82 ? 81   CYS A N   1 
ATOM   581  C CA  . CYS A 1 81  ? -11.374 5.465   -2.982  1.00 18.19 ? 81   CYS A CA  1 
ATOM   582  C C   . CYS A 1 81  ? -11.336 5.346   -1.463  1.00 17.29 ? 81   CYS A C   1 
ATOM   583  O O   . CYS A 1 81  ? -12.375 5.334   -0.794  1.00 17.04 ? 81   CYS A O   1 
ATOM   584  C CB  . CYS A 1 81  ? -11.096 6.918   -3.363  1.00 20.88 ? 81   CYS A CB  1 
ATOM   585  S SG  . CYS A 1 81  ? -10.971 7.215   -5.139  1.00 26.36 ? 81   CYS A SG  1 
ATOM   586  N N   . GLY A 1 82  ? -10.124 5.267   -0.926  1.00 15.06 ? 82   GLY A N   1 
ATOM   587  C CA  . GLY A 1 82  ? -9.957  5.168   0.510   1.00 15.50 ? 82   GLY A CA  1 
ATOM   588  C C   . GLY A 1 82  ? -8.584  5.654   0.917   1.00 14.63 ? 82   GLY A C   1 
ATOM   589  O O   . GLY A 1 82  ? -7.700  5.816   0.075   1.00 14.33 ? 82   GLY A O   1 
ATOM   590  N N   . ALA A 1 83  ? -8.410  5.903   2.208   1.00 12.88 ? 83   ALA A N   1 
ATOM   591  C CA  . ALA A 1 83  ? -7.131  6.352   2.743   1.00 12.00 ? 83   ALA A CA  1 
ATOM   592  C C   . ALA A 1 83  ? -6.953  5.638   4.070   1.00 12.76 ? 83   ALA A C   1 
ATOM   593  O O   . ALA A 1 83  ? -7.928  5.403   4.786   1.00 13.37 ? 83   ALA A O   1 
ATOM   594  C CB  . ALA A 1 83  ? -7.136  7.872   2.955   1.00 11.94 ? 83   ALA A CB  1 
ATOM   595  N N   . MET A 1 84  ? -5.718  5.279   4.401   1.00 12.98 ? 84   MET A N   1 
ATOM   596  C CA  . MET A 1 84  ? -5.486  4.584   5.656   1.00 13.76 ? 84   MET A CA  1 
ATOM   597  C C   . MET A 1 84  ? -4.139  4.892   6.270   1.00 14.78 ? 84   MET A C   1 
ATOM   598  O O   . MET A 1 84  ? -3.160  5.116   5.563   1.00 14.49 ? 84   MET A O   1 
ATOM   599  C CB  . MET A 1 84  ? -5.599  3.071   5.449   1.00 13.55 ? 84   MET A CB  1 
ATOM   600  C CG  . MET A 1 84  ? -4.517  2.486   4.554   1.00 16.71 ? 84   MET A CG  1 
ATOM   601  S SD  . MET A 1 84  ? -4.678  0.690   4.375   1.00 19.92 ? 84   MET A SD  1 
ATOM   602  C CE  . MET A 1 84  ? -3.546  0.406   3.031   1.00 18.30 ? 84   MET A CE  1 
ATOM   603  N N   . PRO A 1 85  ? -4.083  4.935   7.612   1.00 14.66 ? 85   PRO A N   1 
ATOM   604  C CA  . PRO A 1 85  ? -2.842  5.207   8.333   1.00 14.66 ? 85   PRO A CA  1 
ATOM   605  C C   . PRO A 1 85  ? -2.264  3.867   8.779   1.00 14.12 ? 85   PRO A C   1 
ATOM   606  O O   . PRO A 1 85  ? -3.000  2.980   9.211   1.00 14.30 ? 85   PRO A O   1 
ATOM   607  C CB  . PRO A 1 85  ? -3.312  6.056   9.508   1.00 14.98 ? 85   PRO A CB  1 
ATOM   608  C CG  . PRO A 1 85  ? -4.616  5.402   9.861   1.00 15.75 ? 85   PRO A CG  1 
ATOM   609  C CD  . PRO A 1 85  ? -5.250  5.074   8.507   1.00 15.00 ? 85   PRO A CD  1 
ATOM   610  N N   . PHE A 1 86  ? -0.956  3.703   8.648   1.00 13.19 ? 86   PHE A N   1 
ATOM   611  C CA  . PHE A 1 86  ? -0.333  2.457   9.077   1.00 14.94 ? 86   PHE A CA  1 
ATOM   612  C C   . PHE A 1 86  ? 1.139   2.680   9.334   1.00 15.27 ? 86   PHE A C   1 
ATOM   613  O O   . PHE A 1 86  ? 1.687   3.731   8.997   1.00 15.57 ? 86   PHE A O   1 
ATOM   614  C CB  . PHE A 1 86  ? -0.540  1.342   8.035   1.00 15.16 ? 86   PHE A CB  1 
ATOM   615  C CG  . PHE A 1 86  ? 0.165   1.572   6.725   1.00 15.39 ? 86   PHE A CG  1 
ATOM   616  C CD1 . PHE A 1 86  ? 1.407   0.990   6.474   1.00 14.83 ? 86   PHE A CD1 1 
ATOM   617  C CD2 . PHE A 1 86  ? -0.433  2.335   5.723   1.00 15.99 ? 86   PHE A CD2 1 
ATOM   618  C CE1 . PHE A 1 86  ? 2.043   1.158   5.246   1.00 15.37 ? 86   PHE A CE1 1 
ATOM   619  C CE2 . PHE A 1 86  ? 0.191   2.513   4.488   1.00 13.35 ? 86   PHE A CE2 1 
ATOM   620  C CZ  . PHE A 1 86  ? 1.430   1.925   4.247   1.00 17.89 ? 86   PHE A CZ  1 
ATOM   621  N N   . ARG A 1 87  ? 1.768   1.694   9.958   1.00 14.84 ? 87   ARG A N   1 
ATOM   622  C CA  . ARG A 1 87  ? 3.181   1.779   10.261  1.00 17.36 ? 87   ARG A CA  1 
ATOM   623  C C   . ARG A 1 87  ? 3.896   0.556   9.712   1.00 17.98 ? 87   ARG A C   1 
ATOM   624  O O   . ARG A 1 87  ? 3.342   -0.547  9.681   1.00 16.84 ? 87   ARG A O   1 
ATOM   625  C CB  . ARG A 1 87  ? 3.409   1.875   11.774  1.00 22.02 ? 87   ARG A CB  1 
ATOM   626  C CG  . ARG A 1 87  ? 4.857   1.604   12.175  1.00 26.54 ? 87   ARG A CG  1 
ATOM   627  C CD  . ARG A 1 87  ? 5.127   1.925   13.630  1.00 30.71 ? 87   ARG A CD  1 
ATOM   628  N NE  . ARG A 1 87  ? 5.129   3.366   13.853  1.00 36.90 ? 87   ARG A NE  1 
ATOM   629  C CZ  . ARG A 1 87  ? 5.663   3.957   14.915  1.00 38.37 ? 87   ARG A CZ  1 
ATOM   630  N NH1 . ARG A 1 87  ? 6.243   3.228   15.863  1.00 39.98 ? 87   ARG A NH1 1 
ATOM   631  N NH2 . ARG A 1 87  ? 5.623   5.278   15.025  1.00 39.45 ? 87   ARG A NH2 1 
ATOM   632  N N   . VAL A 1 88  ? 5.124   0.773   9.265   1.00 18.87 ? 88   VAL A N   1 
ATOM   633  C CA  . VAL A 1 88  ? 5.955   -0.289  8.725   1.00 23.42 ? 88   VAL A CA  1 
ATOM   634  C C   . VAL A 1 88  ? 7.224   -0.338  9.563   1.00 25.99 ? 88   VAL A C   1 
ATOM   635  O O   . VAL A 1 88  ? 7.865   0.690   9.789   1.00 24.97 ? 88   VAL A O   1 
ATOM   636  C CB  . VAL A 1 88  ? 6.352   -0.013  7.263   1.00 23.13 ? 88   VAL A CB  1 
ATOM   637  C CG1 . VAL A 1 88  ? 7.337   -1.079  6.784   1.00 24.99 ? 88   VAL A CG1 1 
ATOM   638  C CG2 . VAL A 1 88  ? 5.112   0.001   6.378   1.00 26.99 ? 88   VAL A CG2 1 
ATOM   639  N N   . GLU A 1 89  ? 7.573   -1.527  10.036  1.00 28.23 ? 89   GLU A N   1 
ATOM   640  C CA  . GLU A 1 89  ? 8.773   -1.694  10.836  1.00 32.18 ? 89   GLU A CA  1 
ATOM   641  C C   . GLU A 1 89  ? 9.702   -2.652  10.113  1.00 34.96 ? 89   GLU A C   1 
ATOM   642  O O   . GLU A 1 89  ? 9.291   -3.738  9.707   1.00 32.67 ? 89   GLU A O   1 
ATOM   643  C CB  . GLU A 1 89  ? 8.417   -2.238  12.222  1.00 32.27 ? 89   GLU A CB  1 
ATOM   644  C CG  . GLU A 1 89  ? 7.427   -1.365  12.972  1.00 36.81 ? 89   GLU A CG  1 
ATOM   645  C CD  . GLU A 1 89  ? 7.375   -1.666  14.454  1.00 39.24 ? 89   GLU A CD  1 
ATOM   646  O OE1 . GLU A 1 89  ? 7.127   -2.832  14.824  1.00 40.52 ? 89   GLU A OE1 1 
ATOM   647  O OE2 . GLU A 1 89  ? 7.582   -0.729  15.254  1.00 43.49 ? 89   GLU A OE2 1 
ATOM   648  N N   . MET A 1 90  ? 10.949  -2.236  9.924   1.00 39.61 ? 90   MET A N   1 
ATOM   649  C CA  . MET A 1 90  ? 11.927  -3.074  9.248   1.00 45.18 ? 90   MET A CA  1 
ATOM   650  C C   . MET A 1 90  ? 13.312  -2.861  9.841   1.00 48.00 ? 90   MET A C   1 
ATOM   651  O O   . MET A 1 90  ? 13.463  -2.204  10.871  1.00 47.69 ? 90   MET A O   1 
ATOM   652  C CB  . MET A 1 90  ? 11.954  -2.771  7.742   1.00 47.57 ? 90   MET A CB  1 
ATOM   653  C CG  . MET A 1 90  ? 12.673  -1.483  7.343   1.00 50.71 ? 90   MET A CG  1 
ATOM   654  S SD  . MET A 1 90  ? 11.802  0.031   7.782   1.00 56.90 ? 90   MET A SD  1 
ATOM   655  C CE  . MET A 1 90  ? 10.949  0.380   6.266   1.00 53.00 ? 90   MET A CE  1 
ATOM   656  N N   . VAL A 1 91  ? 14.319  -3.430  9.191   1.00 52.07 ? 91   VAL A N   1 
ATOM   657  C CA  . VAL A 1 91  ? 15.694  -3.299  9.646   1.00 55.54 ? 91   VAL A CA  1 
ATOM   658  C C   . VAL A 1 91  ? 16.543  -2.704  8.531   1.00 58.41 ? 91   VAL A C   1 
ATOM   659  O O   . VAL A 1 91  ? 16.522  -3.186  7.397   1.00 58.61 ? 91   VAL A O   1 
ATOM   660  C CB  . VAL A 1 91  ? 16.279  -4.665  10.062  1.00 55.14 ? 91   VAL A CB  1 
ATOM   661  C CG1 . VAL A 1 91  ? 17.756  -4.520  10.395  1.00 55.09 ? 91   VAL A CG1 1 
ATOM   662  C CG2 . VAL A 1 91  ? 15.520  -5.206  11.263  1.00 53.70 ? 91   VAL A CG2 1 
ATOM   663  N N   . TRP A 1 92  ? 17.281  -1.650  8.858   1.00 61.50 ? 92   TRP A N   1 
ATOM   664  C CA  . TRP A 1 92  ? 18.132  -0.986  7.883   1.00 64.90 ? 92   TRP A CA  1 
ATOM   665  C C   . TRP A 1 92  ? 19.602  -1.098  8.277   1.00 65.92 ? 92   TRP A C   1 
ATOM   666  O O   . TRP A 1 92  ? 20.073  -0.394  9.173   1.00 66.73 ? 92   TRP A O   1 
ATOM   667  C CB  . TRP A 1 92  ? 17.727  0.483   7.757   1.00 66.99 ? 92   TRP A CB  1 
ATOM   668  C CG  . TRP A 1 92  ? 18.521  1.249   6.746   1.00 69.76 ? 92   TRP A CG  1 
ATOM   669  C CD1 . TRP A 1 92  ? 18.892  0.823   5.502   1.00 70.80 ? 92   TRP A CD1 1 
ATOM   670  C CD2 . TRP A 1 92  ? 18.995  2.594   6.869   1.00 71.07 ? 92   TRP A CD2 1 
ATOM   671  N NE1 . TRP A 1 92  ? 19.568  1.821   4.840   1.00 71.97 ? 92   TRP A NE1 1 
ATOM   672  C CE2 . TRP A 1 92  ? 19.645  2.919   5.657   1.00 71.89 ? 92   TRP A CE2 1 
ATOM   673  C CE3 . TRP A 1 92  ? 18.933  3.558   7.885   1.00 71.44 ? 92   TRP A CE3 1 
ATOM   674  C CZ2 . TRP A 1 92  ? 20.231  4.171   5.432   1.00 72.40 ? 92   TRP A CZ2 1 
ATOM   675  C CZ3 . TRP A 1 92  ? 19.517  4.803   7.662   1.00 71.95 ? 92   TRP A CZ3 1 
ATOM   676  C CH2 . TRP A 1 92  ? 20.157  5.096   6.444   1.00 72.40 ? 92   TRP A CH2 1 
ATOM   677  N N   . ASN A 1 93  ? 20.314  -1.997  7.604   1.00 66.37 ? 93   ASN A N   1 
ATOM   678  C CA  . ASN A 1 93  ? 21.730  -2.223  7.868   1.00 66.36 ? 93   ASN A CA  1 
ATOM   679  C C   . ASN A 1 93  ? 21.981  -2.641  9.313   1.00 66.40 ? 93   ASN A C   1 
ATOM   680  O O   . ASN A 1 93  ? 23.025  -2.328  9.886   1.00 67.28 ? 93   ASN A O   1 
ATOM   681  C CB  . ASN A 1 93  ? 22.538  -0.962  7.539   1.00 66.72 ? 93   ASN A CB  1 
ATOM   682  C CG  . ASN A 1 93  ? 22.543  -0.647  6.053   1.00 67.51 ? 93   ASN A CG  1 
ATOM   683  O OD1 . ASN A 1 93  ? 23.092  0.368   5.622   1.00 67.86 ? 93   ASN A OD1 1 
ATOM   684  N ND2 . ASN A 1 93  ? 21.935  -1.522  5.259   1.00 67.74 ? 93   ASN A ND2 1 
ATOM   685  N N   . GLY A 1 94  ? 21.020  -3.348  9.901   1.00 65.56 ? 94   GLY A N   1 
ATOM   686  C CA  . GLY A 1 94  ? 21.178  -3.809  11.269  1.00 64.45 ? 94   GLY A CA  1 
ATOM   687  C C   . GLY A 1 94  ? 20.280  -3.141  12.292  1.00 63.51 ? 94   GLY A C   1 
ATOM   688  O O   . GLY A 1 94  ? 19.708  -3.814  13.150  1.00 63.84 ? 94   GLY A O   1 
ATOM   689  N N   . GLN A 1 95  ? 20.158  -1.821  12.210  1.00 62.64 ? 95   GLN A N   1 
ATOM   690  C CA  . GLN A 1 95  ? 19.328  -1.072  13.149  1.00 61.13 ? 95   GLN A CA  1 
ATOM   691  C C   . GLN A 1 95  ? 17.844  -1.127  12.794  1.00 59.09 ? 95   GLN A C   1 
ATOM   692  O O   . GLN A 1 95  ? 17.464  -0.975  11.632  1.00 58.58 ? 95   GLN A O   1 
ATOM   693  C CB  . GLN A 1 95  ? 19.779  0.391   13.206  1.00 62.36 ? 95   GLN A CB  1 
ATOM   694  C CG  . GLN A 1 95  ? 21.196  0.595   13.728  1.00 63.47 ? 95   GLN A CG  1 
ATOM   695  C CD  . GLN A 1 95  ? 21.629  2.051   13.699  1.00 63.83 ? 95   GLN A CD  1 
ATOM   696  O OE1 . GLN A 1 95  ? 22.737  2.391   14.120  1.00 64.24 ? 95   GLN A OE1 1 
ATOM   697  N NE2 . GLN A 1 95  ? 20.757  2.920   13.198  1.00 63.36 ? 95   GLN A NE2 1 
ATOM   698  N N   . PRO A 1 96  ? 16.986  -1.350  13.802  1.00 56.62 ? 96   PRO A N   1 
ATOM   699  C CA  . PRO A 1 96  ? 15.538  -1.418  13.590  1.00 54.51 ? 96   PRO A CA  1 
ATOM   700  C C   . PRO A 1 96  ? 14.985  -0.034  13.251  1.00 51.93 ? 96   PRO A C   1 
ATOM   701  O O   . PRO A 1 96  ? 15.442  0.972   13.795  1.00 51.82 ? 96   PRO A O   1 
ATOM   702  C CB  . PRO A 1 96  ? 15.023  -1.940  14.927  1.00 54.68 ? 96   PRO A CB  1 
ATOM   703  C CG  . PRO A 1 96  ? 15.988  -1.342  15.901  1.00 55.90 ? 96   PRO A CG  1 
ATOM   704  C CD  . PRO A 1 96  ? 17.317  -1.581  15.219  1.00 56.49 ? 96   PRO A CD  1 
ATOM   705  N N   . CYS A 1 97  ? 14.006  0.010   12.353  1.00 48.35 ? 97   CYS A N   1 
ATOM   706  C CA  . CYS A 1 97  ? 13.408  1.275   11.941  1.00 44.40 ? 97   CYS A CA  1 
ATOM   707  C C   . CYS A 1 97  ? 11.892  1.176   11.846  1.00 40.38 ? 97   CYS A C   1 
ATOM   708  O O   . CYS A 1 97  ? 11.338  0.086   11.692  1.00 38.01 ? 97   CYS A O   1 
ATOM   709  C CB  . CYS A 1 97  ? 13.956  1.693   10.576  1.00 46.55 ? 97   CYS A CB  1 
ATOM   710  S SG  . CYS A 1 97  ? 15.753  1.710   10.464  1.00 55.60 ? 97   CYS A SG  1 
ATOM   711  N N   . ALA A 1 98  ? 11.232  2.325   11.936  1.00 34.92 ? 98   ALA A N   1 
ATOM   712  C CA  . ALA A 1 98  ? 9.781   2.403   11.830  1.00 30.10 ? 98   ALA A CA  1 
ATOM   713  C C   . ALA A 1 98  ? 9.460   3.569   10.902  1.00 27.71 ? 98   ALA A C   1 
ATOM   714  O O   . ALA A 1 98  ? 10.151  4.591   10.912  1.00 27.10 ? 98   ALA A O   1 
ATOM   715  C CB  . ALA A 1 98  ? 9.155   2.633   13.197  1.00 29.91 ? 98   ALA A CB  1 
ATOM   716  N N   . LEU A 1 99  ? 8.417   3.408   10.096  1.00 24.08 ? 99   LEU A N   1 
ATOM   717  C CA  . LEU A 1 99  ? 8.006   4.441   9.151   1.00 20.44 ? 99   LEU A CA  1 
ATOM   718  C C   . LEU A 1 99  ? 6.487   4.580   9.182   1.00 19.03 ? 99   LEU A C   1 
ATOM   719  O O   . LEU A 1 99  ? 5.774   3.604   8.961   1.00 17.64 ? 99   LEU A O   1 
ATOM   720  C CB  . LEU A 1 99  ? 8.453   4.051   7.744   1.00 21.79 ? 99   LEU A CB  1 
ATOM   721  C CG  . LEU A 1 99  ? 8.132   5.005   6.595   1.00 24.31 ? 99   LEU A CG  1 
ATOM   722  C CD1 . LEU A 1 99  ? 8.908   6.313   6.768   1.00 26.14 ? 99   LEU A CD1 1 
ATOM   723  C CD2 . LEU A 1 99  ? 8.498   4.331   5.284   1.00 25.67 ? 99   LEU A CD2 1 
ATOM   724  N N   . ASP A 1 100 ? 5.997   5.783   9.471   1.00 17.07 ? 100  ASP A N   1 
ATOM   725  C CA  . ASP A 1 100 ? 4.558   6.030   9.511   1.00 16.50 ? 100  ASP A CA  1 
ATOM   726  C C   . ASP A 1 100 ? 4.138   6.509   8.129   1.00 13.00 ? 100  ASP A C   1 
ATOM   727  O O   . ASP A 1 100 ? 4.710   7.456   7.593   1.00 13.00 ? 100  ASP A O   1 
ATOM   728  C CB  . ASP A 1 100 ? 4.230   7.069   10.578  1.00 18.86 ? 100  ASP A CB  1 
ATOM   729  C CG  . ASP A 1 100 ? 4.609   6.597   11.971  1.00 22.76 ? 100  ASP A CG  1 
ATOM   730  O OD1 . ASP A 1 100 ? 4.178   5.487   12.351  1.00 24.44 ? 100  ASP A OD1 1 
ATOM   731  O OD2 . ASP A 1 100 ? 5.339   7.324   12.679  1.00 23.14 ? 100  ASP A OD2 1 
ATOM   732  N N   . VAL A 1 101 ? 3.134   5.850   7.564   1.00 13.81 ? 101  VAL A N   1 
ATOM   733  C CA  . VAL A 1 101 ? 2.670   6.149   6.211   1.00 12.38 ? 101  VAL A CA  1 
ATOM   734  C C   . VAL A 1 101 ? 1.152   6.270   6.107   1.00 12.26 ? 101  VAL A C   1 
ATOM   735  O O   . VAL A 1 101 ? 0.417   5.773   6.955   1.00 11.16 ? 101  VAL A O   1 
ATOM   736  C CB  . VAL A 1 101 ? 3.109   5.000   5.246   1.00 14.48 ? 101  VAL A CB  1 
ATOM   737  C CG1 . VAL A 1 101 ? 2.753   5.338   3.799   1.00 12.84 ? 101  VAL A CG1 1 
ATOM   738  C CG2 . VAL A 1 101 ? 4.604   4.738   5.393   1.00 15.29 ? 101  VAL A CG2 1 
ATOM   739  N N   . ILE A 1 102 ? 0.694   6.977   5.083   1.00 11.09 ? 102  ILE A N   1 
ATOM   740  C CA  . ILE A 1 102 ? -0.732  7.061   4.809   1.00 12.07 ? 102  ILE A CA  1 
ATOM   741  C C   . ILE A 1 102 ? -0.833  6.756   3.322   1.00 12.29 ? 102  ILE A C   1 
ATOM   742  O O   . ILE A 1 102 ? -0.151  7.383   2.504   1.00 13.32 ? 102  ILE A O   1 
ATOM   743  C CB  . ILE A 1 102 ? -1.348  8.457   5.103   1.00 12.88 ? 102  ILE A CB  1 
ATOM   744  C CG1 . ILE A 1 102 ? -1.650  8.584   6.603   1.00 12.34 ? 102  ILE A CG1 1 
ATOM   745  C CG2 . ILE A 1 102 ? -2.647  8.632   4.302   1.00 14.30 ? 102  ILE A CG2 1 
ATOM   746  C CD1 . ILE A 1 102 ? -2.270  9.923   7.025   1.00 13.62 ? 102  ILE A CD1 1 
ATOM   747  N N   . ASP A 1 103 ? -1.635  5.751   2.985   1.00 12.23 ? 103  ASP A N   1 
ATOM   748  C CA  . ASP A 1 103 ? -1.847  5.366   1.594   1.00 12.99 ? 103  ASP A CA  1 
ATOM   749  C C   . ASP A 1 103 ? -3.223  5.837   1.147   1.00 13.09 ? 103  ASP A C   1 
ATOM   750  O O   . ASP A 1 103 ? -4.193  5.738   1.901   1.00 12.82 ? 103  ASP A O   1 
ATOM   751  C CB  . ASP A 1 103 ? -1.835  3.842   1.418   1.00 12.76 ? 103  ASP A CB  1 
ATOM   752  C CG  . ASP A 1 103 ? -0.441  3.260   1.264   1.00 15.10 ? 103  ASP A CG  1 
ATOM   753  O OD1 . ASP A 1 103 ? 0.549   4.014   1.258   1.00 16.63 ? 103  ASP A OD1 1 
ATOM   754  O OD2 . ASP A 1 103 ? -0.348  2.021   1.145   1.00 16.59 ? 103  ASP A OD2 1 
ATOM   755  N N   . VAL A 1 104 ? -3.301  6.354   -0.075  1.00 12.57 ? 104  VAL A N   1 
ATOM   756  C CA  . VAL A 1 104 ? -4.581  6.739   -0.656  1.00 14.14 ? 104  VAL A CA  1 
ATOM   757  C C   . VAL A 1 104 ? -4.679  5.826   -1.874  1.00 15.23 ? 104  VAL A C   1 
ATOM   758  O O   . VAL A 1 104 ? -3.751  5.767   -2.681  1.00 12.94 ? 104  VAL A O   1 
ATOM   759  C CB  . VAL A 1 104 ? -4.615  8.205   -1.119  1.00 14.68 ? 104  VAL A CB  1 
ATOM   760  C CG1 . VAL A 1 104 ? -5.880  8.453   -1.936  1.00 16.22 ? 104  VAL A CG1 1 
ATOM   761  C CG2 . VAL A 1 104 ? -4.592  9.133   0.093   1.00 15.47 ? 104  VAL A CG2 1 
ATOM   762  N N   . MET A 1 105 ? -5.785  5.103   -1.998  1.00 13.78 ? 105  MET A N   1 
ATOM   763  C CA  . MET A 1 105 ? -5.953  4.187   -3.115  1.00 15.01 ? 105  MET A CA  1 
ATOM   764  C C   . MET A 1 105 ? -7.255  4.409   -3.850  1.00 16.30 ? 105  MET A C   1 
ATOM   765  O O   . MET A 1 105 ? -8.279  4.754   -3.246  1.00 15.64 ? 105  MET A O   1 
ATOM   766  C CB  . MET A 1 105 ? -5.939  2.730   -2.643  1.00 16.52 ? 105  MET A CB  1 
ATOM   767  C CG  . MET A 1 105 ? -4.690  2.285   -1.900  1.00 20.37 ? 105  MET A CG  1 
ATOM   768  S SD  . MET A 1 105 ? -4.841  0.551   -1.428  1.00 21.75 ? 105  MET A SD  1 
ATOM   769  C CE  . MET A 1 105 ? -3.109  0.089   -1.293  1.00 23.16 ? 105  MET A CE  1 
ATOM   770  N N   . ARG A 1 106 ? -7.205  4.196   -5.157  1.00 14.54 ? 106  ARG A N   1 
ATOM   771  C CA  . ARG A 1 106 ? -8.383  4.305   -6.001  1.00 17.96 ? 106  ARG A CA  1 
ATOM   772  C C   . ARG A 1 106 ? -8.547  2.929   -6.635  1.00 17.06 ? 106  ARG A C   1 
ATOM   773  O O   . ARG A 1 106 ? -7.606  2.410   -7.242  1.00 15.51 ? 106  ARG A O   1 
ATOM   774  C CB  . ARG A 1 106 ? -8.177  5.356   -7.089  1.00 20.08 ? 106  ARG A CB  1 
ATOM   775  C CG  . ARG A 1 106 ? -9.364  5.508   -8.016  1.00 28.47 ? 106  ARG A CG  1 
ATOM   776  C CD  . ARG A 1 106 ? -9.061  6.501   -9.126  1.00 34.84 ? 106  ARG A CD  1 
ATOM   777  N NE  . ARG A 1 106 ? -10.230 6.750   -9.963  1.00 43.39 ? 106  ARG A NE  1 
ATOM   778  C CZ  . ARG A 1 106 ? -11.323 7.384   -9.551  1.00 45.76 ? 106  ARG A CZ  1 
ATOM   779  N NH1 . ARG A 1 106 ? -11.401 7.839   -8.309  1.00 48.29 ? 106  ARG A NH1 1 
ATOM   780  N NH2 . ARG A 1 106 ? -12.341 7.561   -10.384 1.00 49.25 ? 106  ARG A NH2 1 
ATOM   781  N N   . PHE A 1 107 ? -9.730  2.340   -6.479  1.00 16.51 ? 107  PHE A N   1 
ATOM   782  C CA  . PHE A 1 107 ? -10.012 1.016   -7.026  1.00 18.74 ? 107  PHE A CA  1 
ATOM   783  C C   . PHE A 1 107 ? -10.799 1.111   -8.329  1.00 20.63 ? 107  PHE A C   1 
ATOM   784  O O   . PHE A 1 107 ? -11.491 2.101   -8.572  1.00 22.26 ? 107  PHE A O   1 
ATOM   785  C CB  . PHE A 1 107 ? -10.813 0.174   -6.023  1.00 18.02 ? 107  PHE A CB  1 
ATOM   786  C CG  . PHE A 1 107 ? -10.053 -0.182  -4.774  1.00 18.40 ? 107  PHE A CG  1 
ATOM   787  C CD1 . PHE A 1 107 ? -9.886  0.749   -3.750  1.00 19.67 ? 107  PHE A CD1 1 
ATOM   788  C CD2 . PHE A 1 107 ? -9.485  -1.442  -4.630  1.00 17.25 ? 107  PHE A CD2 1 
ATOM   789  C CE1 . PHE A 1 107 ? -9.160  0.425   -2.600  1.00 17.70 ? 107  PHE A CE1 1 
ATOM   790  C CE2 . PHE A 1 107 ? -8.754  -1.777  -3.486  1.00 19.17 ? 107  PHE A CE2 1 
ATOM   791  C CZ  . PHE A 1 107 ? -8.592  -0.840  -2.470  1.00 18.55 ? 107  PHE A CZ  1 
ATOM   792  N N   . ASP A 1 108 ? -10.689 0.086   -9.171  1.00 23.47 ? 108  ASP A N   1 
ATOM   793  C CA  . ASP A 1 108 ? -11.417 0.076   -10.438 1.00 26.06 ? 108  ASP A CA  1 
ATOM   794  C C   . ASP A 1 108 ? -12.686 -0.763  -10.317 1.00 28.43 ? 108  ASP A C   1 
ATOM   795  O O   . ASP A 1 108 ? -13.004 -1.260  -9.236  1.00 27.35 ? 108  ASP A O   1 
ATOM   796  C CB  . ASP A 1 108 ? -10.526 -0.440  -11.578 1.00 24.88 ? 108  ASP A CB  1 
ATOM   797  C CG  . ASP A 1 108 ? -10.140 -1.900  -11.426 1.00 24.14 ? 108  ASP A CG  1 
ATOM   798  O OD1 . ASP A 1 108 ? -9.234  -2.340  -12.161 1.00 24.94 ? 108  ASP A OD1 1 
ATOM   799  O OD2 . ASP A 1 108 ? -10.733 -2.617  -10.595 1.00 24.99 ? 108  ASP A OD2 1 
ATOM   800  N N   . GLU A 1 109 ? -13.407 -0.913  -11.426 1.00 33.01 ? 109  GLU A N   1 
ATOM   801  C CA  . GLU A 1 109 ? -14.656 -1.671  -11.439 1.00 36.25 ? 109  GLU A CA  1 
ATOM   802  C C   . GLU A 1 109 ? -14.496 -3.156  -11.128 1.00 37.07 ? 109  GLU A C   1 
ATOM   803  O O   . GLU A 1 109 ? -15.487 -3.857  -10.914 1.00 39.42 ? 109  GLU A O   1 
ATOM   804  C CB  . GLU A 1 109 ? -15.368 -1.506  -12.791 1.00 38.49 ? 109  GLU A CB  1 
ATOM   805  C CG  . GLU A 1 109 ? -14.560 -1.956  -14.000 1.00 43.68 ? 109  GLU A CG  1 
ATOM   806  C CD  . GLU A 1 109 ? -13.686 -0.855  -14.578 1.00 47.73 ? 109  GLU A CD  1 
ATOM   807  O OE1 . GLU A 1 109 ? -12.907 -0.238  -13.819 1.00 49.45 ? 109  GLU A OE1 1 
ATOM   808  O OE2 . GLU A 1 109 ? -13.778 -0.611  -15.801 1.00 49.37 ? 109  GLU A OE2 1 
ATOM   809  N N   . HIS A 1 110 ? -13.257 -3.640  -11.102 1.00 35.99 ? 110  HIS A N   1 
ATOM   810  C CA  . HIS A 1 110 ? -13.006 -5.046  -10.811 1.00 34.56 ? 110  HIS A CA  1 
ATOM   811  C C   . HIS A 1 110 ? -12.546 -5.245  -9.375  1.00 32.14 ? 110  HIS A C   1 
ATOM   812  O O   . HIS A 1 110 ? -12.216 -6.359  -8.970  1.00 32.37 ? 110  HIS A O   1 
ATOM   813  C CB  . HIS A 1 110 ? -11.949 -5.611  -11.763 1.00 38.75 ? 110  HIS A CB  1 
ATOM   814  C CG  . HIS A 1 110 ? -12.374 -5.621  -13.197 1.00 42.31 ? 110  HIS A CG  1 
ATOM   815  N ND1 . HIS A 1 110 ? -12.611 -4.466  -13.911 1.00 45.60 ? 110  HIS A ND1 1 
ATOM   816  C CD2 . HIS A 1 110 ? -12.623 -6.646  -14.046 1.00 44.90 ? 110  HIS A CD2 1 
ATOM   817  C CE1 . HIS A 1 110 ? -12.990 -4.778  -15.137 1.00 45.70 ? 110  HIS A CE1 1 
ATOM   818  N NE2 . HIS A 1 110 ? -13.006 -6.095  -15.246 1.00 46.41 ? 110  HIS A NE2 1 
ATOM   819  N N   . GLY A 1 111 ? -12.526 -4.163  -8.606  1.00 28.69 ? 111  GLY A N   1 
ATOM   820  C CA  . GLY A 1 111 ? -12.097 -4.262  -7.226  1.00 24.62 ? 111  GLY A CA  1 
ATOM   821  C C   . GLY A 1 111 ? -10.586 -4.334  -7.088  1.00 22.05 ? 111  GLY A C   1 
ATOM   822  O O   . GLY A 1 111 ? -10.072 -4.806  -6.073  1.00 20.90 ? 111  GLY A O   1 
ATOM   823  N N   . ARG A 1 112 ? -9.870  -3.874  -8.107  1.00 19.82 ? 112  ARG A N   1 
ATOM   824  C CA  . ARG A 1 112 ? -8.413  -3.886  -8.059  1.00 19.23 ? 112  ARG A CA  1 
ATOM   825  C C   . ARG A 1 112 ? -7.843  -2.476  -7.899  1.00 17.65 ? 112  ARG A C   1 
ATOM   826  O O   . ARG A 1 112 ? -8.460  -1.492  -8.303  1.00 16.67 ? 112  ARG A O   1 
ATOM   827  C CB  . ARG A 1 112 ? -7.841  -4.558  -9.311  1.00 23.51 ? 112  ARG A CB  1 
ATOM   828  C CG  . ARG A 1 112 ? -7.881  -6.084  -9.237  1.00 29.21 ? 112  ARG A CG  1 
ATOM   829  C CD  . ARG A 1 112 ? -7.051  -6.722  -10.337 1.00 36.54 ? 112  ARG A CD  1 
ATOM   830  N NE  . ARG A 1 112 ? -7.772  -6.809  -11.602 1.00 42.02 ? 112  ARG A NE  1 
ATOM   831  C CZ  . ARG A 1 112 ? -8.792  -7.633  -11.820 1.00 44.52 ? 112  ARG A CZ  1 
ATOM   832  N NH1 . ARG A 1 112 ? -9.211  -8.440  -10.855 1.00 46.59 ? 112  ARG A NH1 1 
ATOM   833  N NH2 . ARG A 1 112 ? -9.387  -7.658  -13.007 1.00 46.24 ? 112  ARG A NH2 1 
ATOM   834  N N   . ILE A 1 113 ? -6.659  -2.385  -7.302  1.00 15.28 ? 113  ILE A N   1 
ATOM   835  C CA  . ILE A 1 113 ? -6.029  -1.088  -7.079  1.00 14.69 ? 113  ILE A CA  1 
ATOM   836  C C   . ILE A 1 113 ? -5.559  -0.500  -8.402  1.00 14.97 ? 113  ILE A C   1 
ATOM   837  O O   . ILE A 1 113 ? -4.689  -1.062  -9.073  1.00 14.32 ? 113  ILE A O   1 
ATOM   838  C CB  . ILE A 1 113 ? -4.821  -1.212  -6.137  1.00 13.14 ? 113  ILE A CB  1 
ATOM   839  C CG1 . ILE A 1 113 ? -5.272  -1.786  -4.788  1.00 15.63 ? 113  ILE A CG1 1 
ATOM   840  C CG2 . ILE A 1 113 ? -4.170  0.149   -5.951  1.00 16.70 ? 113  ILE A CG2 1 
ATOM   841  C CD1 . ILE A 1 113 ? -4.120  -2.176  -3.872  1.00 14.88 ? 113  ILE A CD1 1 
ATOM   842  N N   . GLN A 1 114 ? -6.128  0.643   -8.762  1.00 14.27 ? 114  GLN A N   1 
ATOM   843  C CA  . GLN A 1 114 ? -5.783  1.320   -10.008 1.00 16.90 ? 114  GLN A CA  1 
ATOM   844  C C   . GLN A 1 114 ? -4.632  2.294   -9.781  1.00 17.56 ? 114  GLN A C   1 
ATOM   845  O O   . GLN A 1 114 ? -3.689  2.364   -10.575 1.00 17.89 ? 114  GLN A O   1 
ATOM   846  C CB  . GLN A 1 114 ? -7.007  2.069   -10.530 1.00 19.70 ? 114  GLN A CB  1 
ATOM   847  C CG  . GLN A 1 114 ? -6.840  2.696   -11.894 1.00 27.10 ? 114  GLN A CG  1 
ATOM   848  C CD  . GLN A 1 114 ? -8.129  3.319   -12.402 1.00 33.36 ? 114  GLN A CD  1 
ATOM   849  O OE1 . GLN A 1 114 ? -8.613  4.313   -11.854 1.00 36.43 ? 114  GLN A OE1 1 
ATOM   850  N NE2 . GLN A 1 114 ? -8.699  2.728   -13.451 1.00 35.14 ? 114  GLN A NE2 1 
ATOM   851  N N   . THR A 1 115 ? -4.722  3.046   -8.692  1.00 17.28 ? 115  THR A N   1 
ATOM   852  C CA  . THR A 1 115 ? -3.701  4.025   -8.341  1.00 18.93 ? 115  THR A CA  1 
ATOM   853  C C   . THR A 1 115 ? -3.435  3.999   -6.845  1.00 17.59 ? 115  THR A C   1 
ATOM   854  O O   . THR A 1 115 ? -4.365  3.894   -6.042  1.00 15.77 ? 115  THR A O   1 
ATOM   855  C CB  . THR A 1 115 ? -4.154  5.454   -8.706  1.00 19.90 ? 115  THR A CB  1 
ATOM   856  O OG1 . THR A 1 115 ? -4.383  5.539   -10.118 1.00 25.38 ? 115  THR A OG1 1 
ATOM   857  C CG2 . THR A 1 115 ? -3.093  6.472   -8.299  1.00 25.14 ? 115  THR A CG2 1 
ATOM   858  N N   . MET A 1 116 ? -2.166  4.088   -6.471  1.00 16.91 ? 116  MET A N   1 
ATOM   859  C CA  . MET A 1 116 ? -1.804  4.119   -5.062  1.00 17.56 ? 116  MET A CA  1 
ATOM   860  C C   . MET A 1 116 ? -0.787  5.232   -4.844  1.00 18.99 ? 116  MET A C   1 
ATOM   861  O O   . MET A 1 116 ? 0.194   5.342   -5.586  1.00 17.78 ? 116  MET A O   1 
ATOM   862  C CB  . MET A 1 116 ? -1.198  2.790   -4.601  1.00 19.88 ? 116  MET A CB  1 
ATOM   863  C CG  . MET A 1 116 ? -0.797  2.805   -3.120  1.00 25.43 ? 116  MET A CG  1 
ATOM   864  S SD  . MET A 1 116 ? 0.066   1.336   -2.528  1.00 32.40 ? 116  MET A SD  1 
ATOM   865  C CE  . MET A 1 116 ? 1.761   1.907   -2.501  1.00 26.54 ? 116  MET A CE  1 
ATOM   866  N N   . GLN A 1 117 ? -1.034  6.063   -3.837  1.00 16.04 ? 117  GLN A N   1 
ATOM   867  C CA  . GLN A 1 117 ? -0.125  7.149   -3.498  1.00 16.74 ? 117  GLN A CA  1 
ATOM   868  C C   . GLN A 1 117 ? 0.230   6.983   -2.033  1.00 15.23 ? 117  GLN A C   1 
ATOM   869  O O   . GLN A 1 117 ? -0.657  6.909   -1.181  1.00 15.53 ? 117  GLN A O   1 
ATOM   870  C CB  . GLN A 1 117 ? -0.799  8.498   -3.722  1.00 18.45 ? 117  GLN A CB  1 
ATOM   871  C CG  . GLN A 1 117 ? -1.213  8.726   -5.160  1.00 26.82 ? 117  GLN A CG  1 
ATOM   872  C CD  . GLN A 1 117 ? -2.126  9.914   -5.313  1.00 30.89 ? 117  GLN A CD  1 
ATOM   873  O OE1 . GLN A 1 117 ? -3.240  9.925   -4.787  1.00 33.92 ? 117  GLN A OE1 1 
ATOM   874  N NE2 . GLN A 1 117 ? -1.665  10.927  -6.035  1.00 34.39 ? 117  GLN A NE2 1 
ATOM   875  N N   . ALA A 1 118 ? 1.524   6.915   -1.745  1.00 13.28 ? 118  ALA A N   1 
ATOM   876  C CA  . ALA A 1 118 ? 1.994   6.740   -0.380  1.00 13.17 ? 118  ALA A CA  1 
ATOM   877  C C   . ALA A 1 118 ? 2.596   8.034   0.152   1.00 14.53 ? 118  ALA A C   1 
ATOM   878  O O   . ALA A 1 118 ? 3.577   8.542   -0.392  1.00 16.42 ? 118  ALA A O   1 
ATOM   879  C CB  . ALA A 1 118 ? 3.031   5.625   -0.333  1.00 15.85 ? 118  ALA A CB  1 
ATOM   880  N N   . TYR A 1 119 ? 1.998   8.570   1.209   1.00 13.92 ? 119  TYR A N   1 
ATOM   881  C CA  . TYR A 1 119 ? 2.485   9.800   1.800   1.00 13.47 ? 119  TYR A CA  1 
ATOM   882  C C   . TYR A 1 119 ? 3.426   9.542   2.958   1.00 14.24 ? 119  TYR A C   1 
ATOM   883  O O   . TYR A 1 119 ? 3.045   8.948   3.968   1.00 12.92 ? 119  TYR A O   1 
ATOM   884  C CB  . TYR A 1 119 ? 1.315   10.668  2.286   1.00 16.45 ? 119  TYR A CB  1 
ATOM   885  C CG  . TYR A 1 119 ? 0.493   11.257  1.162   1.00 17.40 ? 119  TYR A CG  1 
ATOM   886  C CD1 . TYR A 1 119 ? -0.473  10.497  0.497   1.00 17.81 ? 119  TYR A CD1 1 
ATOM   887  C CD2 . TYR A 1 119 ? 0.716   12.563  0.730   1.00 20.53 ? 119  TYR A CD2 1 
ATOM   888  C CE1 . TYR A 1 119 ? -1.195  11.029  -0.578  1.00 18.31 ? 119  TYR A CE1 1 
ATOM   889  C CE2 . TYR A 1 119 ? 0.004   13.103  -0.342  1.00 22.00 ? 119  TYR A CE2 1 
ATOM   890  C CZ  . TYR A 1 119 ? -0.945  12.331  -0.991  1.00 20.58 ? 119  TYR A CZ  1 
ATOM   891  O OH  . TYR A 1 119 ? -1.623  12.861  -2.066  1.00 25.11 ? 119  TYR A OH  1 
ATOM   892  N N   . TRP A 1 120 ? 4.667   9.982   2.792   1.00 15.09 ? 120  TRP A N   1 
ATOM   893  C CA  . TRP A 1 120 ? 5.693   9.862   3.824   1.00 15.20 ? 120  TRP A CA  1 
ATOM   894  C C   . TRP A 1 120 ? 6.976   10.513  3.340   1.00 16.28 ? 120  TRP A C   1 
ATOM   895  O O   . TRP A 1 120 ? 7.146   10.762  2.141   1.00 15.74 ? 120  TRP A O   1 
ATOM   896  C CB  . TRP A 1 120 ? 5.987   8.396   4.183   1.00 16.93 ? 120  TRP A CB  1 
ATOM   897  C CG  . TRP A 1 120 ? 6.606   7.563   3.090   1.00 17.76 ? 120  TRP A CG  1 
ATOM   898  C CD1 . TRP A 1 120 ? 5.946   6.830   2.144   1.00 18.56 ? 120  TRP A CD1 1 
ATOM   899  C CD2 . TRP A 1 120 ? 8.009   7.364   2.844   1.00 20.11 ? 120  TRP A CD2 1 
ATOM   900  N NE1 . TRP A 1 120 ? 6.849   6.187   1.330   1.00 20.00 ? 120  TRP A NE1 1 
ATOM   901  C CE2 . TRP A 1 120 ? 8.120   6.497   1.736   1.00 21.77 ? 120  TRP A CE2 1 
ATOM   902  C CE3 . TRP A 1 120 ? 9.180   7.836   3.455   1.00 22.27 ? 120  TRP A CE3 1 
ATOM   903  C CZ2 . TRP A 1 120 ? 9.358   6.086   1.221   1.00 23.73 ? 120  TRP A CZ2 1 
ATOM   904  C CZ3 . TRP A 1 120 ? 10.418  7.427   2.943   1.00 24.06 ? 120  TRP A CZ3 1 
ATOM   905  C CH2 . TRP A 1 120 ? 10.492  6.559   1.836   1.00 23.33 ? 120  TRP A CH2 1 
ATOM   906  N N   . SER A 1 121 ? 7.862   10.798  4.289   1.00 16.70 ? 121  SER A N   1 
ATOM   907  C CA  . SER A 1 121 ? 9.163   11.387  4.008   1.00 17.42 ? 121  SER A CA  1 
ATOM   908  C C   . SER A 1 121 ? 10.050  11.088  5.217   1.00 18.22 ? 121  SER A C   1 
ATOM   909  O O   . SER A 1 121 ? 9.630   10.399  6.143   1.00 15.13 ? 121  SER A O   1 
ATOM   910  C CB  . SER A 1 121 ? 9.055   12.899  3.789   1.00 16.13 ? 121  SER A CB  1 
ATOM   911  O OG  . SER A 1 121 ? 8.754   13.572  4.993   1.00 16.33 ? 121  SER A OG  1 
ATOM   912  N N   . GLU A 1 122 ? 11.267  11.616  5.217   1.00 20.11 ? 122  GLU A N   1 
ATOM   913  C CA  . GLU A 1 122 ? 12.196  11.368  6.311   1.00 22.49 ? 122  GLU A CA  1 
ATOM   914  C C   . GLU A 1 122 ? 11.669  11.777  7.688   1.00 21.36 ? 122  GLU A C   1 
ATOM   915  O O   . GLU A 1 122 ? 12.072  11.209  8.699   1.00 22.33 ? 122  GLU A O   1 
ATOM   916  C CB  . GLU A 1 122 ? 13.532  12.066  6.026   1.00 24.71 ? 122  GLU A CB  1 
ATOM   917  C CG  . GLU A 1 122 ? 14.136  11.705  4.669   1.00 30.51 ? 122  GLU A CG  1 
ATOM   918  C CD  . GLU A 1 122 ? 13.525  12.492  3.516   1.00 32.41 ? 122  GLU A CD  1 
ATOM   919  O OE1 . GLU A 1 122 ? 12.545  13.228  3.747   1.00 31.83 ? 122  GLU A OE1 1 
ATOM   920  O OE2 . GLU A 1 122 ? 14.029  12.377  2.377   1.00 34.81 ? 122  GLU A OE2 1 
ATOM   921  N N   . VAL A 1 123 ? 10.763  12.751  7.733   1.00 23.23 ? 123  VAL A N   1 
ATOM   922  C CA  . VAL A 1 123 ? 10.209  13.202  9.008   1.00 24.13 ? 123  VAL A CA  1 
ATOM   923  C C   . VAL A 1 123 ? 9.341   12.135  9.676   1.00 23.67 ? 123  VAL A C   1 
ATOM   924  O O   . VAL A 1 123 ? 9.050   12.224  10.868  1.00 23.90 ? 123  VAL A O   1 
ATOM   925  C CB  . VAL A 1 123 ? 9.358   14.491  8.841   1.00 25.03 ? 123  VAL A CB  1 
ATOM   926  C CG1 . VAL A 1 123 ? 10.207  15.599  8.237   1.00 26.46 ? 123  VAL A CG1 1 
ATOM   927  C CG2 . VAL A 1 123 ? 8.142   14.212  7.968   1.00 28.10 ? 123  VAL A CG2 1 
ATOM   928  N N   . ASN A 1 124 ? 8.937   11.127  8.906   1.00 22.53 ? 124  ASN A N   1 
ATOM   929  C CA  . ASN A 1 124 ? 8.099   10.050  9.426   1.00 20.49 ? 124  ASN A CA  1 
ATOM   930  C C   . ASN A 1 124 ? 8.903   8.792   9.720   1.00 21.85 ? 124  ASN A C   1 
ATOM   931  O O   . ASN A 1 124 ? 8.335   7.741   10.022  1.00 19.53 ? 124  ASN A O   1 
ATOM   932  C CB  . ASN A 1 124 ? 6.998   9.717   8.424   1.00 20.41 ? 124  ASN A CB  1 
ATOM   933  C CG  . ASN A 1 124 ? 6.109   10.899  8.139   1.00 19.48 ? 124  ASN A CG  1 
ATOM   934  O OD1 . ASN A 1 124 ? 6.086   11.421  7.024   1.00 17.24 ? 124  ASN A OD1 1 
ATOM   935  N ND2 . ASN A 1 124 ? 5.378   11.341  9.153   1.00 16.54 ? 124  ASN A ND2 1 
ATOM   936  N N   . LEU A 1 125 ? 10.223  8.909   9.624   1.00 23.34 ? 125  LEU A N   1 
ATOM   937  C CA  . LEU A 1 125 ? 11.121  7.788   9.870   1.00 27.28 ? 125  LEU A CA  1 
ATOM   938  C C   . LEU A 1 125 ? 11.711  7.843   11.274  1.00 28.84 ? 125  LEU A C   1 
ATOM   939  O O   . LEU A 1 125 ? 12.045  8.916   11.779  1.00 29.16 ? 125  LEU A O   1 
ATOM   940  C CB  . LEU A 1 125 ? 12.247  7.792   8.834   1.00 28.67 ? 125  LEU A CB  1 
ATOM   941  C CG  . LEU A 1 125 ? 13.346  6.736   8.989   1.00 32.65 ? 125  LEU A CG  1 
ATOM   942  C CD1 . LEU A 1 125 ? 12.743  5.341   8.938   1.00 32.91 ? 125  LEU A CD1 1 
ATOM   943  C CD2 . LEU A 1 125 ? 14.367  6.916   7.881   1.00 34.01 ? 125  LEU A CD2 1 
ATOM   944  N N   . SER A 1 126 ? 11.824  6.678   11.901  1.00 30.66 ? 126  SER A N   1 
ATOM   945  C CA  . SER A 1 126 ? 12.379  6.570   13.246  1.00 34.57 ? 126  SER A CA  1 
ATOM   946  C C   . SER A 1 126 ? 13.372  5.421   13.280  1.00 37.11 ? 126  SER A C   1 
ATOM   947  O O   . SER A 1 126 ? 13.029  4.290   12.945  1.00 38.37 ? 126  SER A O   1 
ATOM   948  C CB  . SER A 1 126 ? 11.273  6.304   14.271  1.00 34.11 ? 126  SER A CB  1 
ATOM   949  O OG  . SER A 1 126 ? 10.382  7.397   14.366  1.00 37.14 ? 126  SER A OG  1 
ATOM   950  N N   . VAL A 1 127 ? 14.603  5.715   13.683  1.00 40.33 ? 127  VAL A N   1 
ATOM   951  C CA  . VAL A 1 127 ? 15.639  4.695   13.762  1.00 42.58 ? 127  VAL A CA  1 
ATOM   952  C C   . VAL A 1 127 ? 16.115  4.526   15.201  1.00 43.91 ? 127  VAL A C   1 
ATOM   953  O O   . VAL A 1 127 ? 15.312  4.563   16.138  1.00 45.34 ? 127  VAL A O   1 
ATOM   954  C CB  . VAL A 1 127 ? 16.848  5.055   12.868  1.00 44.25 ? 127  VAL A CB  1 
ATOM   955  C CG1 . VAL A 1 127 ? 17.401  6.418   13.259  1.00 45.59 ? 127  VAL A CG1 1 
ATOM   956  C CG2 . VAL A 1 127 ? 17.923  3.986   12.995  1.00 45.02 ? 127  VAL A CG2 1 
HETATM 957  C C1  . EQU B 2 .   ? 11.514  1.083   2.671   1.00 46.70 ? 1128 EQU A C1  1 
HETATM 958  C C2  . EQU B 2 .   ? 10.830  -0.140  2.841   1.00 45.33 ? 1128 EQU A C2  1 
HETATM 959  C C3  . EQU B 2 .   ? 9.403   -0.165  2.656   1.00 42.55 ? 1128 EQU A C3  1 
HETATM 960  C C4  . EQU B 2 .   ? 8.653   1.094   2.286   1.00 42.11 ? 1128 EQU A C4  1 
HETATM 961  C C5  . EQU B 2 .   ? 9.406   2.301   2.130   1.00 43.58 ? 1128 EQU A C5  1 
HETATM 962  C C6  . EQU B 2 .   ? 10.803  2.298   2.317   1.00 45.40 ? 1128 EQU A C6  1 
HETATM 963  C C10 . EQU B 2 .   ? 8.719   -1.437  2.833   1.00 41.03 ? 1128 EQU A C10 1 
HETATM 964  C C11 . EQU B 2 .   ? 7.290   -1.487  2.648   1.00 39.18 ? 1128 EQU A C11 1 
HETATM 965  C C12 . EQU B 2 .   ? 6.539   -0.287  2.288   1.00 38.43 ? 1128 EQU A C12 1 
HETATM 966  C C13 . EQU B 2 .   ? 7.208   1.015   2.105   1.00 40.02 ? 1128 EQU A C13 1 
HETATM 967  C C16 . EQU B 2 .   ? 5.038   -0.400  2.097   1.00 37.48 ? 1128 EQU A C16 1 
HETATM 968  C C17 . EQU B 2 .   ? 4.457   0.668   1.084   1.00 37.92 ? 1128 EQU A C17 1 
HETATM 969  C C18 . EQU B 2 .   ? 4.875   2.111   1.532   1.00 36.62 ? 1128 EQU A C18 1 
HETATM 970  C C19 . EQU B 2 .   ? 6.426   2.278   1.722   1.00 38.40 ? 1128 EQU A C19 1 
HETATM 971  C C24 . EQU B 2 .   ? 4.443   -1.719  1.532   1.00 38.32 ? 1128 EQU A C24 1 
HETATM 972  C C25 . EQU B 2 .   ? 2.921   -1.329  1.494   1.00 36.55 ? 1128 EQU A C25 1 
HETATM 973  C C26 . EQU B 2 .   ? 2.997   0.219   1.194   1.00 36.73 ? 1128 EQU A C26 1 
HETATM 974  C C27 . EQU B 2 .   ? 4.863   0.444   -0.410  1.00 36.83 ? 1128 EQU A C27 1 
HETATM 975  O O1  . EQU B 2 .   ? 12.821  1.058   2.849   1.00 49.32 ? 1128 EQU A O1  1 
HETATM 976  O O26 . EQU B 2 .   ? 2.050   0.950   1.065   1.00 33.89 ? 1128 EQU A O26 1 
HETATM 977  O O   . HOH C 3 .   ? -16.633 3.389   -2.811  1.00 32.84 ? 2001 HOH A O   1 
HETATM 978  O O   . HOH C 3 .   ? -21.601 -2.774  0.726   1.00 51.89 ? 2002 HOH A O   1 
HETATM 979  O O   . HOH C 3 .   ? -16.016 -3.338  6.135   1.00 36.90 ? 2003 HOH A O   1 
HETATM 980  O O   . HOH C 3 .   ? -20.823 0.698   2.102   1.00 36.04 ? 2004 HOH A O   1 
HETATM 981  O O   . HOH C 3 .   ? -13.977 -6.306  0.728   1.00 35.62 ? 2005 HOH A O   1 
HETATM 982  O O   . HOH C 3 .   ? -10.367 -7.622  4.992   1.00 40.67 ? 2006 HOH A O   1 
HETATM 983  O O   . HOH C 3 .   ? -5.317  -5.323  8.367   1.00 41.09 ? 2007 HOH A O   1 
HETATM 984  O O   . HOH C 3 .   ? 6.593   -8.615  5.033   1.00 30.43 ? 2008 HOH A O   1 
HETATM 985  O O   . HOH C 3 .   ? 6.637   -10.388 8.213   1.00 42.34 ? 2009 HOH A O   1 
HETATM 986  O O   . HOH C 3 .   ? 10.617  -9.429  -9.095  1.00 62.56 ? 2010 HOH A O   1 
HETATM 987  O O   . HOH C 3 .   ? 6.050   -13.398 7.192   1.00 35.65 ? 2011 HOH A O   1 
HETATM 988  O O   . HOH C 3 .   ? 8.240   -11.182 1.073   1.00 41.39 ? 2012 HOH A O   1 
HETATM 989  O O   . HOH C 3 .   ? 1.309   -16.597 -3.308  1.00 35.69 ? 2013 HOH A O   1 
HETATM 990  O O   . HOH C 3 .   ? 1.536   -12.183 -8.688  1.00 42.37 ? 2014 HOH A O   1 
HETATM 991  O O   . HOH C 3 .   ? 0.684   -16.701 -7.530  1.00 45.91 ? 2015 HOH A O   1 
HETATM 992  O O   . HOH C 3 .   ? -4.611  -11.236 -3.876  1.00 23.25 ? 2016 HOH A O   1 
HETATM 993  O O   . HOH C 3 .   ? -6.118  -5.784  -14.262 1.00 32.24 ? 2017 HOH A O   1 
HETATM 994  O O   . HOH C 3 .   ? -0.448  -4.007  -18.321 1.00 22.10 ? 2018 HOH A O   1 
HETATM 995  O O   . HOH C 3 .   ? -5.203  1.160   -13.787 1.00 35.55 ? 2019 HOH A O   1 
HETATM 996  O O   . HOH C 3 .   ? -3.046  3.589   -13.836 1.00 45.88 ? 2020 HOH A O   1 
HETATM 997  O O   . HOH C 3 .   ? 6.898   5.585   -7.050  1.00 42.00 ? 2021 HOH A O   1 
HETATM 998  O O   . HOH C 3 .   ? 8.098   13.534  -1.504  1.00 25.83 ? 2022 HOH A O   1 
HETATM 999  O O   . HOH C 3 .   ? 4.362   11.314  -7.140  1.00 39.49 ? 2023 HOH A O   1 
HETATM 1000 O O   . HOH C 3 .   ? 5.478   -3.007  -15.307 1.00 21.08 ? 2024 HOH A O   1 
HETATM 1001 O O   . HOH C 3 .   ? 9.268   -8.268  -11.735 1.00 33.75 ? 2025 HOH A O   1 
HETATM 1002 O O   . HOH C 3 .   ? 7.757   -3.407  -17.316 1.00 29.64 ? 2026 HOH A O   1 
HETATM 1003 O O   . HOH C 3 .   ? 10.147  -1.191  -9.783  1.00 31.33 ? 2027 HOH A O   1 
HETATM 1004 O O   . HOH C 3 .   ? 13.430  -6.717  -7.681  1.00 41.70 ? 2028 HOH A O   1 
HETATM 1005 O O   . HOH C 3 .   ? 6.056   -5.618  19.163  1.00 51.25 ? 2029 HOH A O   1 
HETATM 1006 O O   . HOH C 3 .   ? -3.057  -4.433  10.623  1.00 28.11 ? 2030 HOH A O   1 
HETATM 1007 O O   . HOH C 3 .   ? -10.942 0.053   9.125   1.00 24.02 ? 2031 HOH A O   1 
HETATM 1008 O O   . HOH C 3 .   ? -6.499  6.980   12.844  1.00 19.03 ? 2032 HOH A O   1 
HETATM 1009 O O   . HOH C 3 .   ? -19.499 2.872   -4.204  1.00 46.00 ? 2033 HOH A O   1 
HETATM 1010 O O   . HOH C 3 .   ? -20.579 3.007   -1.185  1.00 31.83 ? 2034 HOH A O   1 
HETATM 1011 O O   . HOH C 3 .   ? -12.709 4.851   -8.697  1.00 44.91 ? 2035 HOH A O   1 
HETATM 1012 O O   . HOH C 3 .   ? -8.488  -1.320  -14.409 1.00 34.86 ? 2036 HOH A O   1 
HETATM 1013 O O   . HOH C 3 .   ? -8.791  -4.678  -13.218 1.00 36.99 ? 2037 HOH A O   1 
HETATM 1014 O O   . HOH C 3 .   ? -8.610  -7.642  -5.144  1.00 45.02 ? 2038 HOH A O   1 
HETATM 1015 O O   . HOH C 3 .   ? -3.820  11.568  -2.898  1.00 38.13 ? 2039 HOH A O   1 
HETATM 1016 O O   . HOH C 3 .   ? -1.748  15.756  -3.037  1.00 56.43 ? 2040 HOH A O   1 
HETATM 1017 O O   . HOH C 3 .   ? 5.910   10.158  11.845  1.00 22.63 ? 2041 HOH A O   1 
HETATM 1018 O O   . HOH C 3 .   ? 8.294   6.682   12.683  1.00 30.51 ? 2042 HOH A O   1 
# 
